data_5Y2M
#
_entry.id   5Y2M
#
_cell.length_a   114.175
_cell.length_b   140.940
_cell.length_c   138.100
_cell.angle_alpha   90.00
_cell.angle_beta   95.31
_cell.angle_gamma   90.00
#
_symmetry.space_group_name_H-M   'P 1 21 1'
#
loop_
_entity.id
_entity.type
_entity.pdbx_description
1 polymer Hemagglutinin
2 polymer Hemagglutinin
3 polymer 'a group 2 HA binding antibody AF4H1K1 Fab heavy chain'
4 polymer 'a group 2 HA binding antibody AF4H1K1 Fab light chain'
5 non-polymer 2-acetamido-2-deoxy-beta-D-glucopyranose
#
loop_
_entity_poly.entity_id
_entity_poly.type
_entity_poly.pdbx_seq_one_letter_code
_entity_poly.pdbx_strand_id
1 'polypeptide(L)'
;QNYTGNPVICMGHHAVANGTMVKTLADDQVEVVTAQELVESQNLPELCPSPLRLVDGQTCDIINGALGSPGCDHLNGAEW
DVFIERPNAVDTCYPFDVPEYQSLRSILANNGKFEFIAEEFQWNTVKQNGKSGACKRANVNDFFNRLNWLVKSDGNAYPL
QNLTKINNGDYARLYIWGVHHPSTDTEQTNLYKNNPGGVTVSTKTSQTSVVPNIGSRPLVRGQSGRVSFYWTIVEPGDLI
VFNTIGNLIAPRGHYKLNNQKKSTILNTAIPIGSCVSKCHTDKGSLSTTKPFQNISRIAVGDCPRYVKQGSLKLATGMRN
IPEKASR
;
A,B,C
2 'polypeptide(L)'
;GLFGAIAGFIENGWQGLIDGWYGFRHQNAEGTGTAADLKSTQAAIDQINGKLNRLIEKTNDKYHQIEKEFEQVEGRIQDL
EKYVEDTKIDLWSYNAELLVALENQHTIDVTDSEMNKLFERVRRQLRENAEDKGNGCFEIFHKCDNNCIESIRNGTYDHD
IYRDEAINNRFQIQGV
;
D,E,F
3 'polypeptide(L)'
;QVQLVESGGGVVQPGTSLRLSCEASGFTSSAYAMHWVRQAPGKGLEWVAVITFDGGYQYYADSVKGRFTISRDISRNTLH
LHMNSLRAEDTAVYYCARDPLTKLLPFDWVSGGYFDYWGQGTLVTVSSASTKGPSVFPLAPSSKSTSGGTAALGCLVKDY
FPEPVTVSWNSGALTSGVHTFPAVLQSSGLYSLSSVVTVPSSSLGTQTYICNVNHKPSNTKVDKRVEPKSCDK
;
I,K
4 'polypeptide(L)'
;DIVMTQSPGTLSLSPGERATLSCRASQSVSSSYLAWYQQKPGQAPRLLIYRASSRATGIPDRFSGSGSGTDFTLTISRLE
PEDFAVYYCQQYGSSFTFGQGTKVEIKRTVAAPSVFIFPPSDEQLKSGTASVVCLLNNFYPREAKVQWKVDNALQSGNSQ
ESVTEQDSKDSTYSLSSTLTLSKADYEKHKVYACEVTHQGLSSPVTKSFNRGECHHHHHH
;
J,L
#
loop_
_chem_comp.id
_chem_comp.type
_chem_comp.name
_chem_comp.formula
NAG D-saccharide, beta linking 2-acetamido-2-deoxy-beta-D-glucopyranose 'C8 H15 N O6'
#
# COMPACT_ATOMS: atom_id res chain seq x y z
N GLY A 5 7.84 49.55 28.45
CA GLY A 5 7.25 48.27 28.09
C GLY A 5 6.80 48.23 26.64
N ASN A 6 7.76 48.10 25.74
CA ASN A 6 7.50 48.35 24.33
C ASN A 6 8.03 47.34 23.30
N PRO A 7 9.25 46.79 23.54
CA PRO A 7 9.73 45.77 22.57
C PRO A 7 8.91 44.49 22.53
N VAL A 8 8.93 43.82 21.38
CA VAL A 8 8.16 42.59 21.18
C VAL A 8 9.00 41.52 20.46
N ILE A 9 8.91 40.28 20.93
CA ILE A 9 9.53 39.16 20.23
C ILE A 9 8.50 38.09 19.88
N CYS A 10 8.52 37.66 18.62
CA CYS A 10 7.54 36.69 18.14
C CYS A 10 8.14 35.34 17.76
N MET A 11 7.40 34.30 18.12
CA MET A 11 7.77 32.95 17.77
C MET A 11 6.91 32.45 16.63
N GLY A 12 7.56 31.86 15.62
CA GLY A 12 6.84 31.44 14.44
C GLY A 12 7.52 30.30 13.69
N HIS A 13 6.96 30.00 12.53
CA HIS A 13 7.46 28.92 11.70
C HIS A 13 7.47 29.32 10.23
N HIS A 14 8.13 28.52 9.40
CA HIS A 14 8.28 28.87 8.00
C HIS A 14 7.06 28.48 7.17
N ALA A 15 7.03 28.96 5.94
CA ALA A 15 5.97 28.60 4.99
C ALA A 15 6.44 28.82 3.56
N VAL A 16 5.79 28.15 2.62
CA VAL A 16 6.10 28.39 1.22
C VAL A 16 4.87 28.86 0.47
N ALA A 17 5.08 29.34 -0.76
CA ALA A 17 4.00 29.87 -1.57
C ALA A 17 2.96 28.79 -1.84
N ASN A 18 3.44 27.64 -2.29
CA ASN A 18 2.56 26.53 -2.66
C ASN A 18 3.08 25.21 -2.13
N GLY A 19 2.29 24.57 -1.28
CA GLY A 19 2.70 23.33 -0.64
C GLY A 19 2.11 22.11 -1.33
N THR A 20 2.10 21.00 -0.60
CA THR A 20 1.62 19.73 -1.15
C THR A 20 0.53 19.13 -0.27
N MET A 21 -0.51 18.60 -0.90
CA MET A 21 -1.63 17.99 -0.19
C MET A 21 -1.33 16.55 0.24
N VAL A 22 -1.60 16.24 1.50
CA VAL A 22 -1.45 14.88 2.00
C VAL A 22 -2.69 14.42 2.77
N LYS A 23 -2.80 13.10 2.96
CA LYS A 23 -3.91 12.53 3.72
C LYS A 23 -3.50 12.25 5.15
N THR A 24 -4.46 12.38 6.05
CA THR A 24 -4.30 11.95 7.44
C THR A 24 -5.48 11.06 7.79
N LEU A 25 -5.70 10.82 9.08
CA LEU A 25 -6.88 10.08 9.53
C LEU A 25 -8.16 10.89 9.38
N ALA A 26 -8.03 12.21 9.53
CA ALA A 26 -9.18 13.10 9.64
C ALA A 26 -9.39 13.99 8.40
N ASP A 27 -8.48 13.96 7.46
CA ASP A 27 -8.57 14.87 6.32
C ASP A 27 -7.93 14.28 5.07
N ASP A 28 -8.67 14.31 3.97
CA ASP A 28 -8.19 13.75 2.71
C ASP A 28 -7.25 14.72 1.97
N GLN A 29 -7.24 15.98 2.38
CA GLN A 29 -6.41 16.99 1.72
C GLN A 29 -5.88 18.04 2.69
N VAL A 30 -4.65 17.84 3.17
CA VAL A 30 -3.98 18.79 4.05
C VAL A 30 -2.71 19.34 3.39
N GLU A 31 -2.55 20.66 3.37
CA GLU A 31 -1.37 21.24 2.76
C GLU A 31 -0.19 21.29 3.73
N VAL A 32 0.89 20.61 3.35
CA VAL A 32 2.13 20.63 4.11
C VAL A 32 3.24 21.22 3.25
N VAL A 33 4.32 21.68 3.89
CA VAL A 33 5.38 22.37 3.18
C VAL A 33 6.07 21.47 2.16
N THR A 34 6.48 20.30 2.60
CA THR A 34 7.11 19.31 1.72
C THR A 34 6.48 17.94 1.92
N ALA A 35 6.56 17.11 0.88
CA ALA A 35 6.07 15.73 0.97
C ALA A 35 6.90 14.81 0.09
N GLN A 36 6.82 13.51 0.34
CA GLN A 36 7.58 12.53 -0.43
C GLN A 36 6.68 11.42 -0.96
N GLU A 37 6.80 11.16 -2.27
CA GLU A 37 5.98 10.12 -2.89
C GLU A 37 6.48 8.71 -2.57
N LEU A 38 5.56 7.86 -2.11
CA LEU A 38 5.91 6.51 -1.67
C LEU A 38 5.54 5.44 -2.70
N VAL A 39 4.72 5.82 -3.68
CA VAL A 39 4.36 4.91 -4.75
C VAL A 39 5.14 5.16 -6.03
N GLU A 40 5.84 4.13 -6.50
CA GLU A 40 6.58 4.24 -7.75
C GLU A 40 5.69 3.94 -8.94
N SER A 41 5.54 4.92 -9.81
CA SER A 41 4.64 4.80 -10.96
C SER A 41 5.39 4.93 -12.28
N GLN A 42 6.72 4.90 -12.21
CA GLN A 42 7.52 4.92 -13.43
C GLN A 42 8.39 3.68 -13.51
N ASN A 43 8.49 3.10 -14.71
CA ASN A 43 9.38 1.98 -14.95
C ASN A 43 10.38 2.25 -16.06
N LEU A 44 11.43 1.44 -16.12
CA LEU A 44 12.37 1.52 -17.22
C LEU A 44 11.82 0.74 -18.42
N PRO A 45 12.10 1.22 -19.64
CA PRO A 45 11.61 0.54 -20.84
C PRO A 45 12.45 -0.68 -21.22
N GLU A 46 13.27 -1.15 -20.29
CA GLU A 46 14.14 -2.29 -20.55
C GLU A 46 14.40 -3.08 -19.28
N LEU A 47 14.88 -4.31 -19.46
CA LEU A 47 15.26 -5.16 -18.33
C LEU A 47 16.74 -5.03 -18.05
N CYS A 48 17.09 -4.81 -16.78
CA CYS A 48 18.49 -4.67 -16.38
C CYS A 48 19.18 -6.01 -16.17
N PRO A 49 20.28 -6.25 -16.89
CA PRO A 49 21.00 -7.52 -16.85
C PRO A 49 21.94 -7.63 -15.67
N SER A 50 21.93 -6.63 -14.81
CA SER A 50 22.75 -6.62 -13.61
C SER A 50 21.94 -6.02 -12.47
N PRO A 51 22.15 -6.52 -11.24
CA PRO A 51 23.11 -7.55 -10.83
C PRO A 51 22.53 -8.97 -10.85
N LEU A 52 21.28 -9.11 -11.29
CA LEU A 52 20.70 -10.45 -11.42
C LEU A 52 21.12 -11.05 -12.75
N ARG A 53 21.20 -12.38 -12.80
CA ARG A 53 21.60 -13.07 -14.02
C ARG A 53 20.37 -13.45 -14.84
N LEU A 54 20.19 -12.77 -15.96
CA LEU A 54 19.06 -13.00 -16.85
C LEU A 54 19.47 -13.86 -18.03
N VAL A 55 18.58 -14.76 -18.44
CA VAL A 55 18.80 -15.54 -19.64
C VAL A 55 17.64 -15.37 -20.62
N ASP A 56 17.92 -14.78 -21.78
CA ASP A 56 16.89 -14.55 -22.78
C ASP A 56 16.64 -15.82 -23.59
N GLY A 57 15.42 -16.35 -23.48
CA GLY A 57 15.05 -17.55 -24.21
C GLY A 57 14.82 -17.26 -25.68
N GLN A 58 14.61 -16.00 -26.00
CA GLN A 58 14.37 -15.57 -27.38
C GLN A 58 13.19 -16.30 -27.99
N THR A 59 13.44 -17.06 -29.04
CA THR A 59 12.36 -17.75 -29.75
C THR A 59 11.96 -19.06 -29.07
N CYS A 60 12.68 -19.42 -28.01
CA CYS A 60 12.37 -20.64 -27.27
C CYS A 60 11.80 -20.37 -25.89
N ASP A 61 10.63 -20.93 -25.61
CA ASP A 61 10.13 -20.94 -24.24
C ASP A 61 10.89 -21.99 -23.44
N ILE A 62 10.72 -21.98 -22.13
CA ILE A 62 11.54 -22.80 -21.26
C ILE A 62 11.25 -24.30 -21.40
N ILE A 63 10.07 -24.65 -21.87
CA ILE A 63 9.75 -26.05 -22.08
C ILE A 63 10.50 -26.62 -23.28
N ASN A 64 10.50 -25.89 -24.39
CA ASN A 64 11.22 -26.35 -25.58
C ASN A 64 12.72 -26.27 -25.38
N GLY A 65 13.14 -25.32 -24.53
CA GLY A 65 14.52 -25.20 -24.12
C GLY A 65 14.99 -26.48 -23.46
N ALA A 66 14.16 -27.02 -22.58
CA ALA A 66 14.51 -28.23 -21.87
C ALA A 66 14.48 -29.44 -22.81
N LEU A 67 13.54 -29.44 -23.76
CA LEU A 67 13.42 -30.55 -24.69
C LEU A 67 14.52 -30.55 -25.75
N GLY A 68 15.09 -29.37 -26.00
CA GLY A 68 16.12 -29.22 -27.01
C GLY A 68 15.57 -29.13 -28.42
N SER A 69 14.51 -28.33 -28.57
CA SER A 69 13.91 -28.10 -29.88
C SER A 69 14.87 -27.30 -30.77
N PRO A 70 14.70 -27.39 -32.09
CA PRO A 70 15.45 -26.56 -33.05
C PRO A 70 15.39 -25.07 -32.70
N GLY A 71 16.54 -24.43 -32.60
CA GLY A 71 16.59 -23.01 -32.30
C GLY A 71 16.89 -22.72 -30.85
N CYS A 72 16.95 -23.76 -30.03
CA CYS A 72 17.16 -23.61 -28.59
C CYS A 72 18.58 -23.98 -28.14
N ASP A 73 19.46 -24.27 -29.09
CA ASP A 73 20.84 -24.67 -28.77
C ASP A 73 21.59 -23.63 -27.95
N HIS A 74 21.22 -22.37 -28.11
CA HIS A 74 21.86 -21.28 -27.37
C HIS A 74 21.58 -21.33 -25.86
N LEU A 75 20.60 -22.13 -25.46
CA LEU A 75 20.23 -22.25 -24.06
C LEU A 75 21.00 -23.36 -23.34
N ASN A 76 21.78 -24.11 -24.11
CA ASN A 76 22.58 -25.19 -23.54
C ASN A 76 23.54 -24.69 -22.48
N GLY A 77 23.47 -25.29 -21.30
CA GLY A 77 24.40 -24.95 -20.24
C GLY A 77 24.06 -23.68 -19.49
N ALA A 78 22.98 -23.02 -19.88
CA ALA A 78 22.60 -21.75 -19.29
C ALA A 78 22.31 -21.84 -17.80
N GLU A 79 22.65 -20.78 -17.07
CA GLU A 79 22.30 -20.66 -15.66
C GLU A 79 21.65 -19.30 -15.46
N TRP A 80 20.59 -19.24 -14.66
CA TRP A 80 19.85 -17.99 -14.53
C TRP A 80 19.27 -17.78 -13.13
N ASP A 81 19.20 -16.51 -12.74
CA ASP A 81 18.37 -16.11 -11.62
C ASP A 81 16.94 -15.94 -12.12
N VAL A 82 16.80 -15.31 -13.28
CA VAL A 82 15.49 -15.11 -13.90
C VAL A 82 15.51 -15.45 -15.38
N PHE A 83 14.76 -16.49 -15.74
CA PHE A 83 14.60 -16.86 -17.14
C PHE A 83 13.62 -15.91 -17.80
N ILE A 84 14.06 -15.25 -18.86
CA ILE A 84 13.21 -14.32 -19.59
C ILE A 84 12.52 -15.05 -20.74
N GLU A 85 11.23 -15.26 -20.62
CA GLU A 85 10.47 -16.00 -21.62
C GLU A 85 9.70 -15.03 -22.51
N ARG A 86 9.80 -15.23 -23.82
CA ARG A 86 9.22 -14.29 -24.77
C ARG A 86 7.84 -14.71 -25.27
N PRO A 87 6.90 -13.75 -25.30
CA PRO A 87 5.53 -13.95 -25.80
C PRO A 87 5.48 -14.44 -27.24
N ASN A 88 6.45 -14.06 -28.05
CA ASN A 88 6.44 -14.45 -29.46
C ASN A 88 7.21 -15.74 -29.72
N ALA A 89 7.54 -16.48 -28.66
CA ALA A 89 8.17 -17.77 -28.81
C ALA A 89 7.27 -18.71 -29.60
N VAL A 90 7.87 -19.55 -30.44
CA VAL A 90 7.10 -20.43 -31.30
C VAL A 90 7.62 -21.86 -31.28
N ASP A 91 6.72 -22.81 -31.50
CA ASP A 91 7.08 -24.22 -31.58
C ASP A 91 7.76 -24.50 -32.91
N THR A 92 8.85 -25.26 -32.85
CA THR A 92 9.63 -25.54 -34.05
C THR A 92 9.86 -27.03 -34.20
N CYS A 93 9.01 -27.83 -33.58
CA CYS A 93 9.21 -29.27 -33.59
C CYS A 93 7.88 -30.04 -33.61
N TYR A 94 7.97 -31.34 -33.37
CA TYR A 94 6.81 -32.22 -33.39
C TYR A 94 5.80 -31.74 -32.36
N PRO A 95 4.52 -31.69 -32.75
CA PRO A 95 3.43 -31.20 -31.89
C PRO A 95 3.34 -32.00 -30.59
N PHE A 96 3.33 -31.30 -29.47
CA PHE A 96 3.33 -31.96 -28.17
C PHE A 96 2.45 -31.24 -27.15
N ASP A 97 2.16 -31.93 -26.06
CA ASP A 97 1.58 -31.28 -24.89
C ASP A 97 2.22 -31.79 -23.62
N VAL A 98 1.96 -31.11 -22.51
CA VAL A 98 2.47 -31.54 -21.22
C VAL A 98 1.34 -31.55 -20.20
N PRO A 99 0.85 -32.75 -19.88
CA PRO A 99 -0.26 -33.00 -18.95
C PRO A 99 -0.26 -32.07 -17.73
N GLU A 100 0.89 -31.90 -17.10
CA GLU A 100 1.02 -30.96 -16.01
C GLU A 100 1.98 -29.84 -16.40
N TYR A 101 1.64 -29.15 -17.49
CA TYR A 101 2.53 -28.19 -18.14
C TYR A 101 3.11 -27.16 -17.16
N GLN A 102 2.24 -26.44 -16.46
CA GLN A 102 2.69 -25.37 -15.58
C GLN A 102 3.60 -25.89 -14.48
N SER A 103 3.38 -27.14 -14.07
CA SER A 103 4.19 -27.74 -13.02
C SER A 103 5.60 -28.04 -13.51
N LEU A 104 5.72 -28.54 -14.74
CA LEU A 104 7.03 -28.81 -15.34
C LEU A 104 7.78 -27.52 -15.61
N ARG A 105 7.06 -26.52 -16.11
CA ARG A 105 7.62 -25.20 -16.36
C ARG A 105 8.11 -24.59 -15.04
N SER A 106 7.34 -24.78 -13.99
CA SER A 106 7.72 -24.28 -12.67
C SER A 106 9.03 -24.90 -12.19
N ILE A 107 9.13 -26.22 -12.30
CA ILE A 107 10.30 -26.94 -11.83
C ILE A 107 11.56 -26.49 -12.55
N LEU A 108 11.48 -26.45 -13.88
CA LEU A 108 12.60 -26.03 -14.71
C LEU A 108 13.01 -24.60 -14.41
N ALA A 109 12.02 -23.72 -14.25
CA ALA A 109 12.29 -22.32 -14.00
C ALA A 109 12.90 -22.12 -12.62
N ASN A 110 12.35 -22.82 -11.63
CA ASN A 110 12.77 -22.68 -10.25
C ASN A 110 14.18 -23.24 -10.06
N ASN A 111 14.47 -24.35 -10.73
CA ASN A 111 15.78 -25.00 -10.64
C ASN A 111 16.91 -24.05 -11.03
N GLY A 112 16.72 -23.32 -12.13
CA GLY A 112 17.63 -22.25 -12.48
C GLY A 112 18.84 -22.60 -13.33
N LYS A 113 18.84 -23.77 -13.96
CA LYS A 113 19.92 -24.13 -14.87
C LYS A 113 19.55 -25.26 -15.81
N PHE A 114 20.20 -25.27 -16.96
CA PHE A 114 20.09 -26.36 -17.92
C PHE A 114 21.39 -27.14 -17.99
N GLU A 115 21.65 -27.96 -16.97
CA GLU A 115 22.84 -28.79 -16.98
C GLU A 115 22.45 -30.23 -17.32
N PHE A 116 22.64 -30.59 -18.58
CA PHE A 116 22.21 -31.91 -19.04
C PHE A 116 23.35 -32.91 -18.95
N ILE A 117 23.08 -34.05 -18.33
CA ILE A 117 24.08 -35.12 -18.22
C ILE A 117 23.69 -36.29 -19.10
N ALA A 118 24.38 -36.43 -20.23
CA ALA A 118 24.14 -37.52 -21.16
C ALA A 118 24.38 -38.89 -20.55
N GLU A 119 23.54 -39.86 -20.93
CA GLU A 119 23.69 -41.24 -20.50
C GLU A 119 23.44 -42.24 -21.64
N GLU A 120 24.12 -43.38 -21.57
CA GLU A 120 23.94 -44.45 -22.56
C GLU A 120 22.82 -45.39 -22.15
N PHE A 121 21.76 -45.44 -22.94
CA PHE A 121 20.68 -46.40 -22.71
C PHE A 121 20.83 -47.59 -23.66
N GLN A 122 21.09 -48.77 -23.11
CA GLN A 122 21.24 -49.96 -23.93
C GLN A 122 19.90 -50.55 -24.34
N TRP A 123 19.20 -49.84 -25.23
CA TRP A 123 17.93 -50.33 -25.76
C TRP A 123 18.17 -51.56 -26.61
N ASN A 124 17.19 -52.46 -26.62
CA ASN A 124 17.35 -53.74 -27.30
C ASN A 124 16.59 -53.83 -28.62
N THR A 125 17.29 -54.26 -29.67
CA THR A 125 16.70 -54.57 -30.97
C THR A 125 16.11 -53.36 -31.71
N VAL A 126 15.38 -52.51 -30.99
CA VAL A 126 14.71 -51.36 -31.58
C VAL A 126 15.65 -50.34 -32.23
N LYS A 127 15.17 -49.67 -33.26
CA LYS A 127 15.90 -48.58 -33.88
C LYS A 127 15.82 -47.34 -32.99
N GLN A 128 16.89 -46.55 -32.97
CA GLN A 128 16.89 -45.31 -32.21
C GLN A 128 16.92 -44.10 -33.13
N ASN A 129 16.84 -42.93 -32.53
CA ASN A 129 17.02 -41.65 -33.22
C ASN A 129 16.01 -41.41 -34.34
N GLY A 130 14.76 -41.81 -34.13
CA GLY A 130 13.69 -41.49 -35.05
C GLY A 130 13.54 -39.99 -35.24
N LYS A 131 13.25 -39.56 -36.46
CA LYS A 131 13.08 -38.14 -36.75
C LYS A 131 11.78 -37.85 -37.48
N SER A 132 11.50 -36.57 -37.71
CA SER A 132 10.22 -36.17 -38.30
C SER A 132 10.33 -34.86 -39.08
N GLY A 133 9.48 -34.72 -40.09
CA GLY A 133 9.46 -33.52 -40.91
C GLY A 133 8.88 -32.32 -40.18
N ALA A 134 8.15 -32.58 -39.10
CA ALA A 134 7.57 -31.51 -38.31
C ALA A 134 8.64 -30.83 -37.48
N CYS A 135 9.80 -31.46 -37.39
CA CYS A 135 10.89 -30.96 -36.57
C CYS A 135 12.18 -30.88 -37.38
N LYS A 136 12.17 -30.06 -38.41
CA LYS A 136 13.30 -29.96 -39.32
C LYS A 136 14.43 -29.13 -38.74
N ARG A 137 15.66 -29.57 -38.96
CA ARG A 137 16.84 -28.78 -38.61
C ARG A 137 17.70 -28.58 -39.86
N ALA A 138 17.72 -27.35 -40.35
CA ALA A 138 18.39 -27.04 -41.61
C ALA A 138 17.92 -27.95 -42.75
N ASN A 139 16.62 -27.95 -42.99
CA ASN A 139 15.98 -28.72 -44.07
C ASN A 139 16.08 -30.24 -43.96
N VAL A 140 16.71 -30.73 -42.89
CA VAL A 140 16.77 -32.16 -42.63
C VAL A 140 15.83 -32.55 -41.49
N ASN A 141 15.05 -33.61 -41.70
CA ASN A 141 14.21 -34.17 -40.64
C ASN A 141 15.00 -34.43 -39.36
N ASP A 142 14.49 -33.94 -38.23
CA ASP A 142 15.15 -34.14 -36.94
C ASP A 142 14.14 -34.32 -35.81
N PHE A 143 14.58 -34.06 -34.59
CA PHE A 143 13.77 -34.27 -33.39
C PHE A 143 14.36 -33.49 -32.22
N PHE A 144 13.68 -33.54 -31.08
CA PHE A 144 14.20 -32.99 -29.84
C PHE A 144 15.55 -33.66 -29.54
N ASN A 145 16.61 -32.87 -29.35
CA ASN A 145 17.95 -33.46 -29.18
C ASN A 145 18.21 -33.96 -27.76
N ARG A 146 17.22 -33.82 -26.87
CA ARG A 146 17.29 -34.39 -25.53
C ARG A 146 16.48 -35.67 -25.47
N LEU A 147 15.72 -35.94 -26.53
CA LEU A 147 14.84 -37.11 -26.57
C LEU A 147 15.31 -38.11 -27.62
N ASN A 148 14.90 -39.36 -27.46
CA ASN A 148 15.31 -40.42 -28.36
C ASN A 148 14.13 -41.27 -28.81
N TRP A 149 13.71 -41.08 -30.06
CA TRP A 149 12.53 -41.75 -30.59
C TRP A 149 12.81 -43.20 -30.95
N LEU A 150 12.29 -44.12 -30.16
CA LEU A 150 12.48 -45.55 -30.42
C LEU A 150 11.38 -46.09 -31.34
N VAL A 151 11.78 -46.86 -32.34
CA VAL A 151 10.84 -47.50 -33.25
C VAL A 151 11.26 -48.95 -33.48
N LYS A 152 10.42 -49.71 -34.17
CA LYS A 152 10.69 -51.13 -34.37
C LYS A 152 11.90 -51.33 -35.27
N SER A 153 12.55 -52.49 -35.12
CA SER A 153 13.70 -52.84 -35.96
C SER A 153 13.27 -53.06 -37.41
N ASP A 154 14.25 -53.21 -38.29
CA ASP A 154 13.98 -53.54 -39.69
C ASP A 154 13.37 -54.93 -39.78
N GLY A 155 13.64 -55.75 -38.77
CA GLY A 155 13.03 -57.07 -38.69
C GLY A 155 11.62 -57.05 -38.12
N ASN A 156 11.01 -55.87 -38.10
CA ASN A 156 9.63 -55.71 -37.63
C ASN A 156 9.44 -56.19 -36.20
N ALA A 157 10.40 -55.90 -35.33
CA ALA A 157 10.34 -56.33 -33.95
C ALA A 157 10.43 -55.17 -32.96
N TYR A 158 9.54 -55.17 -31.97
CA TYR A 158 9.64 -54.24 -30.85
C TYR A 158 9.46 -55.03 -29.56
N PRO A 159 10.54 -55.62 -29.05
CA PRO A 159 10.50 -56.41 -27.82
C PRO A 159 10.37 -55.53 -26.59
N LEU A 160 9.77 -56.08 -25.53
CA LEU A 160 9.64 -55.41 -24.25
C LEU A 160 10.95 -54.81 -23.77
N GLN A 161 10.94 -53.51 -23.48
CA GLN A 161 12.13 -52.85 -22.96
C GLN A 161 12.09 -52.80 -21.44
N ASN A 162 13.27 -52.94 -20.84
CA ASN A 162 13.37 -53.23 -19.42
C ASN A 162 14.73 -52.75 -18.91
N LEU A 163 14.85 -51.45 -18.70
CA LEU A 163 16.15 -50.84 -18.44
C LEU A 163 16.14 -50.07 -17.12
N THR A 164 17.29 -50.03 -16.46
CA THR A 164 17.41 -49.42 -15.14
C THR A 164 18.58 -48.44 -15.05
N LYS A 165 18.32 -47.27 -14.47
CA LYS A 165 19.37 -46.31 -14.16
C LYS A 165 19.40 -46.06 -12.67
N ILE A 166 20.54 -46.33 -12.05
CA ILE A 166 20.68 -46.16 -10.61
C ILE A 166 21.35 -44.83 -10.29
N ASN A 167 20.87 -44.16 -9.24
CA ASN A 167 21.44 -42.87 -8.87
C ASN A 167 22.24 -42.96 -7.57
N ASN A 168 23.56 -43.02 -7.69
CA ASN A 168 24.43 -42.89 -6.54
C ASN A 168 25.31 -41.66 -6.66
N GLY A 169 24.77 -40.62 -7.28
CA GLY A 169 25.37 -39.31 -7.24
C GLY A 169 24.92 -38.56 -6.00
N ASP A 170 25.37 -37.31 -5.88
CA ASP A 170 25.03 -36.49 -4.73
C ASP A 170 24.01 -35.41 -5.10
N TYR A 171 23.25 -35.67 -6.16
CA TYR A 171 22.24 -34.72 -6.63
C TYR A 171 21.03 -35.46 -7.19
N ALA A 172 19.87 -34.85 -7.09
CA ALA A 172 18.65 -35.42 -7.64
C ALA A 172 18.64 -35.29 -9.15
N ARG A 173 18.08 -36.29 -9.84
CA ARG A 173 18.09 -36.29 -11.30
C ARG A 173 16.71 -36.05 -11.87
N LEU A 174 16.63 -35.21 -12.90
CA LEU A 174 15.38 -34.97 -13.61
C LEU A 174 15.39 -35.64 -14.98
N TYR A 175 14.60 -36.69 -15.11
CA TYR A 175 14.44 -37.36 -16.39
C TYR A 175 13.19 -36.88 -17.09
N ILE A 176 13.35 -36.36 -18.31
CA ILE A 176 12.20 -35.97 -19.12
C ILE A 176 12.02 -36.97 -20.25
N TRP A 177 10.80 -37.49 -20.38
CA TRP A 177 10.50 -38.53 -21.34
C TRP A 177 9.10 -38.33 -21.87
N GLY A 178 8.75 -39.02 -22.95
CA GLY A 178 7.45 -38.82 -23.55
C GLY A 178 6.81 -40.09 -24.08
N VAL A 179 5.53 -39.99 -24.41
CA VAL A 179 4.79 -41.09 -25.00
C VAL A 179 4.17 -40.59 -26.30
N HIS A 180 4.35 -41.34 -27.38
CA HIS A 180 3.83 -40.93 -28.68
C HIS A 180 2.43 -41.44 -28.96
N HIS A 181 1.56 -40.54 -29.41
CA HIS A 181 0.21 -40.91 -29.81
C HIS A 181 0.07 -40.84 -31.32
N PRO A 182 0.09 -41.99 -32.00
CA PRO A 182 -0.09 -42.08 -33.45
C PRO A 182 -1.50 -41.68 -33.90
N SER A 183 -1.64 -41.32 -35.16
CA SER A 183 -2.94 -40.92 -35.70
C SER A 183 -3.86 -42.10 -36.01
N THR A 184 -3.29 -43.21 -36.49
CA THR A 184 -4.07 -44.37 -36.90
C THR A 184 -3.46 -45.69 -36.43
N ASP A 185 -4.24 -46.77 -36.52
CA ASP A 185 -3.76 -48.11 -36.21
C ASP A 185 -2.58 -48.48 -37.10
N THR A 186 -2.64 -48.03 -38.35
CA THR A 186 -1.57 -48.25 -39.32
C THR A 186 -0.26 -47.61 -38.87
N GLU A 187 -0.32 -46.34 -38.50
CA GLU A 187 0.84 -45.61 -38.00
C GLU A 187 1.42 -46.28 -36.75
N GLN A 188 0.53 -46.77 -35.89
CA GLN A 188 0.93 -47.49 -34.69
C GLN A 188 1.79 -48.71 -35.01
N THR A 189 1.25 -49.59 -35.87
CA THR A 189 1.97 -50.79 -36.27
C THR A 189 3.20 -50.48 -37.10
N ASN A 190 3.09 -49.52 -38.01
CA ASN A 190 4.22 -49.11 -38.85
C ASN A 190 5.40 -48.60 -38.02
N LEU A 191 5.12 -48.04 -36.85
CA LEU A 191 6.17 -47.48 -36.01
C LEU A 191 6.66 -48.43 -34.92
N TYR A 192 5.72 -49.12 -34.27
CA TYR A 192 6.03 -49.86 -33.05
C TYR A 192 5.59 -51.32 -33.09
N LYS A 193 5.21 -51.82 -34.27
CA LYS A 193 4.75 -53.20 -34.44
C LYS A 193 3.56 -53.51 -33.54
N ASN A 194 3.82 -53.63 -32.23
CA ASN A 194 2.79 -53.95 -31.26
C ASN A 194 1.62 -52.97 -31.24
N ASN A 195 0.46 -53.47 -30.84
CA ASN A 195 -0.74 -52.65 -30.70
C ASN A 195 -1.66 -53.25 -29.64
N PRO A 196 -1.87 -52.54 -28.53
CA PRO A 196 -1.38 -51.18 -28.25
C PRO A 196 0.04 -51.15 -27.70
N GLY A 197 0.61 -49.96 -27.60
CA GLY A 197 1.87 -49.78 -26.93
C GLY A 197 1.65 -49.67 -25.43
N GLY A 198 2.61 -49.08 -24.72
CA GLY A 198 2.48 -48.88 -23.30
C GLY A 198 3.81 -48.54 -22.66
N VAL A 199 3.76 -47.63 -21.70
CA VAL A 199 4.97 -47.18 -21.01
C VAL A 199 4.74 -47.19 -19.51
N THR A 200 5.74 -47.65 -18.76
CA THR A 200 5.71 -47.53 -17.31
C THR A 200 7.08 -47.09 -16.80
N VAL A 201 7.11 -45.92 -16.17
CA VAL A 201 8.34 -45.39 -15.59
C VAL A 201 8.19 -45.26 -14.08
N SER A 202 9.12 -45.84 -13.34
CA SER A 202 8.95 -45.94 -11.90
C SER A 202 10.25 -45.82 -11.10
N THR A 203 10.11 -45.30 -9.89
CA THR A 203 11.19 -45.30 -8.91
C THR A 203 10.83 -46.26 -7.80
N LYS A 204 11.56 -46.20 -6.67
CA LYS A 204 11.24 -47.06 -5.55
C LYS A 204 9.86 -46.76 -4.95
N THR A 205 9.47 -45.48 -4.96
CA THR A 205 8.28 -45.05 -4.24
C THR A 205 7.22 -44.36 -5.10
N SER A 206 7.54 -44.15 -6.37
CA SER A 206 6.62 -43.48 -7.28
C SER A 206 6.61 -44.13 -8.66
N GLN A 207 5.54 -43.89 -9.42
CA GLN A 207 5.44 -44.47 -10.76
C GLN A 207 4.51 -43.66 -11.66
N THR A 208 4.71 -43.79 -12.97
CA THR A 208 3.82 -43.23 -13.96
C THR A 208 3.57 -44.23 -15.07
N SER A 209 2.30 -44.54 -15.35
CA SER A 209 1.97 -45.49 -16.39
C SER A 209 1.07 -44.85 -17.43
N VAL A 210 1.44 -45.00 -18.71
CA VAL A 210 0.70 -44.36 -19.78
C VAL A 210 0.39 -45.32 -20.92
N VAL A 211 -0.88 -45.38 -21.29
CA VAL A 211 -1.31 -46.12 -22.47
C VAL A 211 -1.58 -45.13 -23.59
N PRO A 212 -0.98 -45.38 -24.78
CA PRO A 212 -1.13 -44.48 -25.92
C PRO A 212 -2.59 -44.33 -26.35
N ASN A 213 -2.92 -43.18 -26.95
CA ASN A 213 -4.28 -42.94 -27.41
C ASN A 213 -4.30 -42.62 -28.90
N ILE A 214 -4.76 -43.59 -29.68
CA ILE A 214 -4.74 -43.47 -31.13
C ILE A 214 -5.95 -42.69 -31.65
N GLY A 215 -5.69 -41.69 -32.48
CA GLY A 215 -6.76 -40.89 -33.04
C GLY A 215 -6.24 -39.68 -33.82
N SER A 216 -7.12 -39.09 -34.62
CA SER A 216 -6.76 -37.94 -35.42
C SER A 216 -6.80 -36.65 -34.61
N ARG A 217 -5.67 -35.98 -34.54
CA ARG A 217 -5.60 -34.63 -33.99
C ARG A 217 -5.47 -33.65 -35.15
N PRO A 218 -5.68 -32.34 -34.88
CA PRO A 218 -5.49 -31.36 -35.95
C PRO A 218 -4.09 -31.39 -36.54
N LEU A 219 -3.98 -31.05 -37.82
CA LEU A 219 -2.69 -31.06 -38.49
C LEU A 219 -1.83 -29.90 -38.01
N VAL A 220 -0.69 -30.24 -37.41
CA VAL A 220 0.30 -29.25 -37.00
C VAL A 220 1.66 -29.63 -37.57
N ARG A 221 2.19 -28.78 -38.44
CA ARG A 221 3.43 -29.07 -39.18
C ARG A 221 3.38 -30.42 -39.88
N GLY A 222 2.21 -30.75 -40.43
CA GLY A 222 2.03 -31.96 -41.20
C GLY A 222 1.86 -33.24 -40.41
N GLN A 223 1.44 -33.13 -39.15
CA GLN A 223 1.30 -34.30 -38.30
C GLN A 223 -0.01 -34.31 -37.52
N SER A 224 -0.64 -35.49 -37.49
CA SER A 224 -1.86 -35.67 -36.71
C SER A 224 -1.53 -36.35 -35.40
N GLY A 225 -0.31 -36.85 -35.29
CA GLY A 225 0.13 -37.44 -34.04
C GLY A 225 0.53 -36.41 -33.01
N ARG A 226 0.67 -36.85 -31.76
CA ARG A 226 1.09 -35.99 -30.67
C ARG A 226 2.06 -36.73 -29.75
N VAL A 227 2.95 -35.98 -29.11
CA VAL A 227 3.77 -36.52 -28.03
C VAL A 227 3.41 -35.90 -26.68
N SER A 228 3.10 -36.73 -25.70
CA SER A 228 2.83 -36.23 -24.36
C SER A 228 4.05 -36.45 -23.49
N PHE A 229 4.58 -35.37 -22.92
CA PHE A 229 5.79 -35.46 -22.12
C PHE A 229 5.48 -35.57 -20.64
N TYR A 230 6.31 -36.36 -19.94
CA TYR A 230 6.17 -36.54 -18.50
C TYR A 230 7.56 -36.37 -17.91
N TRP A 231 7.65 -36.36 -16.58
CA TRP A 231 8.97 -36.31 -15.97
C TRP A 231 9.04 -37.18 -14.73
N THR A 232 10.26 -37.56 -14.37
CA THR A 232 10.50 -38.33 -13.17
C THR A 232 11.73 -37.81 -12.45
N ILE A 233 11.57 -37.53 -11.16
CA ILE A 233 12.70 -37.10 -10.36
C ILE A 233 13.26 -38.28 -9.57
N VAL A 234 14.56 -38.48 -9.67
CA VAL A 234 15.21 -39.59 -9.00
C VAL A 234 16.21 -39.10 -7.95
N GLU A 235 15.86 -39.28 -6.69
CA GLU A 235 16.71 -38.83 -5.59
C GLU A 235 17.96 -39.69 -5.45
N PRO A 236 19.01 -39.14 -4.82
CA PRO A 236 20.17 -39.97 -4.49
C PRO A 236 19.76 -41.16 -3.62
N GLY A 237 20.23 -42.35 -3.97
CA GLY A 237 19.91 -43.56 -3.26
C GLY A 237 18.68 -44.22 -3.83
N ASP A 238 18.16 -43.63 -4.90
CA ASP A 238 17.01 -44.19 -5.62
C ASP A 238 17.44 -44.57 -7.02
N LEU A 239 16.52 -45.17 -7.77
CA LEU A 239 16.79 -45.58 -9.14
C LEU A 239 15.51 -45.53 -9.96
N ILE A 240 15.66 -45.49 -11.27
CA ILE A 240 14.53 -45.37 -12.17
C ILE A 240 14.49 -46.54 -13.16
N VAL A 241 13.29 -47.04 -13.43
CA VAL A 241 13.14 -48.17 -14.35
C VAL A 241 12.19 -47.85 -15.50
N PHE A 242 12.70 -47.94 -16.72
CA PHE A 242 11.88 -47.72 -17.91
C PHE A 242 11.37 -49.03 -18.47
N ASN A 243 10.06 -49.06 -18.73
CA ASN A 243 9.39 -50.27 -19.17
C ASN A 243 8.46 -49.97 -20.34
N THR A 244 8.70 -50.61 -21.48
CA THR A 244 7.96 -50.26 -22.69
C THR A 244 7.71 -51.40 -23.67
N ILE A 245 6.50 -51.43 -24.23
CA ILE A 245 6.18 -52.32 -25.33
C ILE A 245 5.79 -51.51 -26.57
N GLY A 246 6.11 -50.23 -26.56
CA GLY A 246 5.86 -49.37 -27.70
C GLY A 246 5.60 -47.92 -27.33
N ASN A 247 5.88 -47.02 -28.27
CA ASN A 247 5.48 -45.61 -28.19
C ASN A 247 6.27 -44.73 -27.21
N LEU A 248 7.34 -45.28 -26.64
CA LEU A 248 8.18 -44.50 -25.73
C LEU A 248 9.05 -43.47 -26.47
N ILE A 249 9.02 -42.23 -26.00
CA ILE A 249 10.00 -41.24 -26.41
C ILE A 249 11.02 -41.14 -25.30
N ALA A 250 12.15 -41.83 -25.48
CA ALA A 250 13.12 -42.04 -24.42
C ALA A 250 14.02 -40.84 -24.20
N PRO A 251 14.50 -40.66 -22.95
CA PRO A 251 15.49 -39.61 -22.65
C PRO A 251 16.88 -40.00 -23.10
N ARG A 252 17.74 -39.00 -23.33
CA ARG A 252 19.13 -39.28 -23.66
C ARG A 252 20.01 -39.04 -22.43
N GLY A 253 19.36 -38.85 -21.29
CA GLY A 253 20.05 -38.54 -20.05
C GLY A 253 19.13 -37.80 -19.11
N HIS A 254 19.72 -37.03 -18.21
CA HIS A 254 18.96 -36.30 -17.20
C HIS A 254 19.51 -34.89 -16.99
N TYR A 255 18.68 -34.01 -16.45
CA TYR A 255 19.15 -32.69 -16.02
C TYR A 255 19.57 -32.73 -14.56
N LYS A 256 20.58 -31.95 -14.20
CA LYS A 256 20.98 -31.84 -12.80
C LYS A 256 20.05 -30.88 -12.07
N LEU A 257 19.58 -31.29 -10.90
CA LEU A 257 18.81 -30.40 -10.06
C LEU A 257 19.67 -29.87 -8.92
N ASN A 258 19.71 -28.55 -8.79
CA ASN A 258 20.32 -27.93 -7.62
C ASN A 258 19.57 -28.37 -6.37
N ASN A 259 20.29 -28.57 -5.26
CA ASN A 259 19.64 -28.89 -4.00
C ASN A 259 18.76 -27.71 -3.58
N GLN A 260 19.35 -26.52 -3.60
CA GLN A 260 18.63 -25.30 -3.31
C GLN A 260 18.18 -24.65 -4.62
N LYS A 261 16.87 -24.44 -4.75
CA LYS A 261 16.31 -23.86 -5.96
C LYS A 261 15.76 -22.46 -5.68
N LYS A 262 16.42 -21.46 -6.26
CA LYS A 262 16.18 -20.07 -5.90
C LYS A 262 15.70 -19.23 -7.08
N SER A 263 15.55 -19.87 -8.23
CA SER A 263 15.32 -19.12 -9.46
C SER A 263 13.85 -19.04 -9.83
N THR A 264 13.57 -18.34 -10.93
CA THR A 264 12.21 -18.17 -11.43
C THR A 264 12.21 -17.77 -12.90
N ILE A 265 11.01 -17.49 -13.42
CA ILE A 265 10.84 -17.17 -14.81
C ILE A 265 9.98 -15.91 -14.93
N LEU A 266 10.26 -15.09 -15.94
CA LEU A 266 9.49 -13.88 -16.17
C LEU A 266 9.10 -13.78 -17.64
N ASN A 267 7.81 -13.83 -17.91
CA ASN A 267 7.34 -13.75 -19.29
C ASN A 267 7.02 -12.31 -19.68
N THR A 268 7.77 -11.79 -20.64
CA THR A 268 7.63 -10.40 -21.08
C THR A 268 8.30 -10.18 -22.43
N ALA A 269 7.83 -9.15 -23.15
CA ALA A 269 8.39 -8.82 -24.45
C ALA A 269 9.42 -7.71 -24.31
N ILE A 270 9.60 -7.20 -23.09
CA ILE A 270 10.53 -6.11 -22.82
C ILE A 270 11.97 -6.55 -23.07
N PRO A 271 12.72 -5.74 -23.83
CA PRO A 271 14.11 -6.05 -24.20
C PRO A 271 15.09 -5.84 -23.05
N ILE A 272 16.17 -6.60 -23.04
CA ILE A 272 17.21 -6.45 -22.05
C ILE A 272 18.14 -5.29 -22.43
N GLY A 273 18.46 -4.43 -21.48
CA GLY A 273 19.26 -3.26 -21.78
C GLY A 273 20.63 -3.26 -21.12
N SER A 274 21.04 -2.09 -20.63
CA SER A 274 22.38 -1.93 -20.06
C SER A 274 22.33 -1.28 -18.68
N CYS A 275 21.12 -1.10 -18.15
CA CYS A 275 20.93 -0.47 -16.85
C CYS A 275 21.21 -1.45 -15.71
N VAL A 276 21.27 -0.93 -14.49
CA VAL A 276 21.44 -1.77 -13.31
C VAL A 276 20.25 -1.69 -12.36
N SER A 277 19.61 -2.83 -12.12
CA SER A 277 18.47 -2.90 -11.21
C SER A 277 18.24 -4.33 -10.73
N LYS A 278 17.76 -4.47 -9.49
CA LYS A 278 17.50 -5.77 -8.91
C LYS A 278 16.01 -6.07 -8.85
N CYS A 279 15.21 -5.19 -9.46
CA CYS A 279 13.76 -5.37 -9.49
C CYS A 279 13.23 -5.41 -10.92
N HIS A 280 12.57 -6.51 -11.28
CA HIS A 280 12.05 -6.66 -12.64
C HIS A 280 10.56 -6.94 -12.64
N THR A 281 9.81 -6.14 -13.40
CA THR A 281 8.41 -6.44 -13.70
C THR A 281 8.26 -6.85 -15.15
N ASP A 282 7.07 -7.30 -15.52
CA ASP A 282 6.79 -7.65 -16.91
C ASP A 282 6.69 -6.40 -17.79
N LYS A 283 6.75 -5.22 -17.18
CA LYS A 283 6.70 -3.97 -17.92
C LYS A 283 8.10 -3.38 -18.06
N GLY A 284 9.07 -4.01 -17.40
CA GLY A 284 10.43 -3.50 -17.39
C GLY A 284 10.94 -3.34 -15.97
N SER A 285 12.24 -3.13 -15.84
CA SER A 285 12.85 -3.02 -14.51
C SER A 285 12.48 -1.71 -13.84
N LEU A 286 12.53 -1.71 -12.51
CA LEU A 286 12.32 -0.49 -11.73
C LEU A 286 13.62 -0.01 -11.10
N SER A 287 13.80 1.30 -11.07
CA SER A 287 14.94 1.88 -10.39
C SER A 287 14.41 2.91 -9.43
N THR A 288 14.12 2.46 -8.21
CA THR A 288 13.39 3.24 -7.24
C THR A 288 13.70 2.75 -5.83
N THR A 289 13.49 3.62 -4.85
CA THR A 289 13.64 3.26 -3.45
C THR A 289 12.33 3.28 -2.70
N LYS A 290 11.30 3.81 -3.35
CA LYS A 290 9.98 3.94 -2.74
C LYS A 290 9.51 2.57 -2.28
N PRO A 291 8.76 2.53 -1.16
CA PRO A 291 8.33 1.27 -0.55
C PRO A 291 7.20 0.60 -1.31
N PHE A 292 6.52 1.35 -2.18
CA PHE A 292 5.41 0.82 -2.96
C PHE A 292 5.51 1.13 -4.44
N GLN A 293 4.77 0.36 -5.22
CA GLN A 293 4.70 0.56 -6.66
C GLN A 293 3.34 0.14 -7.19
N ASN A 294 2.88 0.81 -8.25
CA ASN A 294 1.60 0.47 -8.84
C ASN A 294 1.72 -0.01 -10.29
N ILE A 295 2.93 -0.40 -10.69
CA ILE A 295 3.21 -0.71 -12.08
C ILE A 295 2.71 -2.11 -12.48
N SER A 296 2.99 -3.10 -11.64
CA SER A 296 2.58 -4.48 -11.95
C SER A 296 2.64 -5.40 -10.72
N ARG A 297 1.64 -6.27 -10.60
CA ARG A 297 1.63 -7.25 -9.52
C ARG A 297 2.70 -8.31 -9.79
N ILE A 298 3.11 -8.41 -11.06
CA ILE A 298 4.16 -9.33 -11.45
C ILE A 298 5.50 -8.65 -11.27
N ALA A 299 6.19 -8.98 -10.19
CA ALA A 299 7.47 -8.36 -9.87
C ALA A 299 8.43 -9.36 -9.27
N VAL A 300 9.67 -9.38 -9.76
CA VAL A 300 10.64 -10.35 -9.30
C VAL A 300 11.92 -9.65 -8.85
N GLY A 301 12.42 -10.05 -7.69
CA GLY A 301 13.65 -9.49 -7.15
C GLY A 301 13.44 -8.64 -5.92
N ASP A 302 14.31 -7.67 -5.71
CA ASP A 302 14.24 -6.79 -4.56
C ASP A 302 13.35 -5.60 -4.92
N CYS A 303 12.04 -5.79 -4.76
CA CYS A 303 11.06 -4.86 -5.33
C CYS A 303 10.22 -4.20 -4.26
N PRO A 304 9.68 -3.00 -4.58
CA PRO A 304 8.67 -2.40 -3.71
C PRO A 304 7.42 -3.25 -3.72
N ARG A 305 6.60 -3.13 -2.68
CA ARG A 305 5.38 -3.91 -2.60
C ARG A 305 4.31 -3.33 -3.52
N TYR A 306 3.60 -4.21 -4.23
CA TYR A 306 2.57 -3.77 -5.16
C TYR A 306 1.28 -3.33 -4.45
N VAL A 307 0.81 -2.13 -4.80
CA VAL A 307 -0.42 -1.58 -4.24
C VAL A 307 -1.32 -1.07 -5.38
N LYS A 308 -2.59 -0.83 -5.07
CA LYS A 308 -3.53 -0.33 -6.08
C LYS A 308 -3.43 1.18 -6.29
N GLN A 309 -3.09 1.91 -5.24
CA GLN A 309 -3.06 3.37 -5.29
C GLN A 309 -2.04 3.89 -6.30
N GLY A 310 -2.43 4.90 -7.07
CA GLY A 310 -1.53 5.54 -8.01
C GLY A 310 -0.55 6.49 -7.35
N SER A 311 -0.91 6.91 -6.14
CA SER A 311 -0.10 7.89 -5.40
C SER A 311 -0.41 7.87 -3.90
N LEU A 312 0.65 7.96 -3.09
CA LEU A 312 0.53 8.05 -1.64
C LEU A 312 1.61 8.95 -1.07
N LYS A 313 1.24 10.16 -0.68
CA LYS A 313 2.24 11.14 -0.27
C LYS A 313 2.48 11.18 1.24
N LEU A 314 3.74 10.94 1.61
CA LEU A 314 4.20 11.06 2.99
C LEU A 314 4.64 12.48 3.31
N ALA A 315 4.03 13.06 4.35
CA ALA A 315 4.42 14.40 4.80
C ALA A 315 5.83 14.39 5.35
N THR A 316 6.64 15.34 4.88
CA THR A 316 8.01 15.51 5.37
C THR A 316 8.22 16.92 5.91
N GLY A 317 7.13 17.61 6.24
CA GLY A 317 7.19 18.95 6.76
C GLY A 317 5.92 19.33 7.48
N MET A 318 5.90 20.49 8.11
CA MET A 318 4.73 20.97 8.85
C MET A 318 3.64 21.47 7.91
N ARG A 319 2.46 21.77 8.47
CA ARG A 319 1.38 22.38 7.68
C ARG A 319 1.77 23.74 7.10
N ASN A 320 1.47 23.96 5.82
CA ASN A 320 1.79 25.22 5.15
C ASN A 320 0.67 26.25 5.24
N ILE A 321 0.92 27.31 5.99
CA ILE A 321 -0.03 28.42 6.13
C ILE A 321 0.66 29.73 5.76
N PRO A 322 0.66 30.06 4.46
CA PRO A 322 1.51 31.14 3.95
C PRO A 322 0.98 32.55 4.21
N GLU A 323 1.92 33.51 4.20
CA GLU A 323 1.72 34.97 4.05
C GLU A 323 2.60 35.70 5.06
N GLY B 1 -3.34 20.36 14.33
CA GLY B 1 -2.44 19.97 15.41
C GLY B 1 -3.10 19.88 16.77
N LEU B 2 -2.54 19.03 17.63
CA LEU B 2 -3.03 18.78 18.98
C LEU B 2 -2.80 19.95 19.94
N PHE B 3 -1.75 20.73 19.68
CA PHE B 3 -1.35 21.81 20.58
C PHE B 3 -1.91 23.18 20.14
N GLY B 4 -2.35 23.26 18.89
CA GLY B 4 -3.04 24.44 18.41
C GLY B 4 -2.13 25.63 18.19
N ALA B 5 -0.85 25.37 17.96
CA ALA B 5 0.12 26.43 17.70
C ALA B 5 0.18 26.75 16.20
N ILE B 6 0.68 25.82 15.39
CA ILE B 6 0.63 25.95 13.94
C ILE B 6 -0.84 25.87 13.48
N ALA B 7 -1.25 26.83 12.65
CA ALA B 7 -2.66 27.00 12.27
C ALA B 7 -3.56 27.21 13.49
N GLY B 8 -3.02 27.94 14.47
CA GLY B 8 -3.68 28.21 15.74
C GLY B 8 -3.43 29.63 16.22
N PHE B 9 -2.81 29.80 17.39
CA PHE B 9 -2.53 31.14 17.89
C PHE B 9 -1.38 31.79 17.12
N ILE B 10 -0.59 30.98 16.43
CA ILE B 10 0.28 31.48 15.38
C ILE B 10 -0.59 31.59 14.14
N GLU B 11 -0.87 32.82 13.71
CA GLU B 11 -1.86 33.04 12.65
C GLU B 11 -1.42 32.44 11.33
N ASN B 12 -0.13 32.58 11.01
CA ASN B 12 0.40 32.00 9.79
C ASN B 12 1.91 31.84 9.88
N GLY B 13 2.48 31.20 8.86
CA GLY B 13 3.91 31.01 8.76
C GLY B 13 4.64 32.18 8.11
N TRP B 14 5.96 32.06 8.05
CA TRP B 14 6.79 33.12 7.52
C TRP B 14 7.51 32.62 6.27
N GLN B 15 7.10 33.17 5.13
CA GLN B 15 7.70 32.80 3.86
C GLN B 15 9.13 33.34 3.76
N GLY B 16 9.46 34.30 4.62
CA GLY B 16 10.78 34.88 4.65
C GLY B 16 11.77 34.08 5.48
N LEU B 17 11.27 33.12 6.26
CA LEU B 17 12.13 32.25 7.04
C LEU B 17 12.60 31.12 6.14
N ILE B 18 13.78 31.28 5.56
CA ILE B 18 14.26 30.35 4.53
C ILE B 18 15.47 29.56 4.97
N ASP B 19 15.92 29.80 6.20
CA ASP B 19 17.06 29.07 6.73
C ASP B 19 16.67 28.30 7.99
N GLY B 20 15.37 28.06 8.16
CA GLY B 20 14.89 27.32 9.31
C GLY B 20 13.40 26.96 9.25
N TRP B 21 12.99 26.06 10.12
CA TRP B 21 11.59 25.69 10.22
C TRP B 21 10.89 26.54 11.26
N TYR B 22 11.62 26.94 12.30
CA TYR B 22 11.10 27.79 13.35
C TYR B 22 12.08 28.92 13.61
N GLY B 23 11.60 30.02 14.17
CA GLY B 23 12.48 31.13 14.46
C GLY B 23 11.91 32.29 15.26
N PHE B 24 12.67 33.38 15.29
CA PHE B 24 12.32 34.56 16.08
C PHE B 24 12.08 35.75 15.17
N ARG B 25 11.05 36.52 15.48
CA ARG B 25 10.83 37.79 14.80
C ARG B 25 10.57 38.86 15.85
N HIS B 26 11.40 39.89 15.84
CA HIS B 26 11.34 40.89 16.90
C HIS B 26 11.22 42.32 16.39
N GLN B 27 10.81 43.19 17.29
CA GLN B 27 10.83 44.63 17.07
C GLN B 27 11.25 45.37 18.34
N ASN B 28 12.35 46.13 18.24
CA ASN B 28 12.79 46.97 19.34
C ASN B 28 13.09 48.39 18.89
N ALA B 29 13.82 49.13 19.72
CA ALA B 29 14.14 50.52 19.41
C ALA B 29 15.08 50.61 18.21
N GLU B 30 15.89 49.57 18.03
CA GLU B 30 16.88 49.59 16.94
C GLU B 30 16.28 49.14 15.59
N GLY B 31 15.15 48.44 15.63
CA GLY B 31 14.55 47.95 14.39
C GLY B 31 13.90 46.58 14.50
N THR B 32 13.86 45.87 13.36
CA THR B 32 13.23 44.56 13.30
C THR B 32 14.17 43.50 12.73
N GLY B 33 13.90 42.24 13.02
CA GLY B 33 14.73 41.15 12.52
C GLY B 33 14.07 39.78 12.57
N THR B 34 14.51 38.89 11.70
CA THR B 34 14.08 37.49 11.73
C THR B 34 15.28 36.55 11.75
N ALA B 35 15.27 35.59 12.67
CA ALA B 35 16.37 34.63 12.79
C ALA B 35 15.84 33.24 13.11
N ALA B 36 16.36 32.24 12.42
CA ALA B 36 15.95 30.85 12.60
C ALA B 36 16.43 30.30 13.94
N ASP B 37 15.65 29.40 14.53
CA ASP B 37 16.09 28.67 15.73
C ASP B 37 16.61 27.27 15.38
N LEU B 38 17.84 26.99 15.79
CA LEU B 38 18.50 25.75 15.35
C LEU B 38 18.01 24.49 16.05
N LYS B 39 17.83 24.56 17.37
CA LYS B 39 17.50 23.36 18.13
C LYS B 39 16.11 22.84 17.79
N SER B 40 15.14 23.74 17.69
CA SER B 40 13.77 23.37 17.36
C SER B 40 13.69 22.80 15.96
N THR B 41 14.34 23.46 15.02
CA THR B 41 14.38 23.02 13.62
C THR B 41 14.96 21.61 13.50
N GLN B 42 16.08 21.37 14.20
CA GLN B 42 16.77 20.09 14.13
C GLN B 42 15.94 18.95 14.71
N ALA B 43 15.26 19.24 15.81
CA ALA B 43 14.41 18.27 16.48
C ALA B 43 13.28 17.78 15.58
N ALA B 44 12.68 18.70 14.85
CA ALA B 44 11.63 18.36 13.91
C ALA B 44 12.19 17.52 12.78
N ILE B 45 13.31 17.96 12.23
CA ILE B 45 13.94 17.31 11.08
C ILE B 45 14.38 15.88 11.40
N ASP B 46 15.01 15.70 12.56
CA ASP B 46 15.52 14.39 12.96
C ASP B 46 14.41 13.35 13.08
N GLN B 47 13.28 13.75 13.66
CA GLN B 47 12.16 12.84 13.84
C GLN B 47 11.50 12.49 12.51
N ILE B 48 11.50 13.43 11.58
CA ILE B 48 10.96 13.18 10.25
C ILE B 48 11.87 12.23 9.48
N ASN B 49 13.19 12.38 9.63
CA ASN B 49 14.13 11.42 9.05
C ASN B 49 14.03 10.02 9.63
N GLY B 50 13.74 9.93 10.91
CA GLY B 50 13.54 8.64 11.54
C GLY B 50 12.41 7.89 10.86
N LYS B 51 11.33 8.59 10.55
CA LYS B 51 10.22 7.99 9.81
C LYS B 51 10.71 7.52 8.44
N LEU B 52 11.44 8.39 7.75
CA LEU B 52 11.94 8.11 6.40
C LEU B 52 12.84 6.89 6.36
N ASN B 53 13.72 6.76 7.36
CA ASN B 53 14.62 5.62 7.40
C ASN B 53 13.90 4.31 7.69
N ARG B 54 12.94 4.36 8.60
CA ARG B 54 12.19 3.17 8.97
C ARG B 54 11.26 2.75 7.83
N LEU B 55 10.78 3.73 7.09
CA LEU B 55 9.82 3.47 6.02
C LEU B 55 10.51 2.92 4.79
N ILE B 56 11.45 3.69 4.25
CA ILE B 56 12.26 3.27 3.11
C ILE B 56 13.38 2.36 3.59
N GLU B 57 13.00 1.18 4.08
CA GLU B 57 13.91 0.32 4.85
C GLU B 57 14.15 -1.06 4.27
N LYS B 58 13.09 -1.87 4.22
CA LYS B 58 13.23 -3.33 4.15
C LYS B 58 12.90 -3.86 2.76
N THR B 59 13.53 -4.98 2.42
CA THR B 59 13.68 -5.43 1.04
C THR B 59 12.40 -5.86 0.30
N ASN B 60 11.68 -6.84 0.85
CA ASN B 60 10.70 -7.62 0.08
C ASN B 60 11.37 -8.27 -1.14
N ASP B 61 12.19 -9.28 -0.87
CA ASP B 61 13.01 -9.89 -1.91
C ASP B 61 12.40 -11.24 -2.33
N LYS B 62 11.63 -11.23 -3.42
CA LYS B 62 10.86 -12.40 -3.84
C LYS B 62 11.20 -12.85 -5.25
N TYR B 63 11.26 -14.16 -5.46
CA TYR B 63 11.59 -14.69 -6.78
C TYR B 63 10.51 -15.64 -7.30
N HIS B 64 10.69 -16.94 -7.08
CA HIS B 64 9.68 -17.89 -7.56
C HIS B 64 8.40 -17.76 -6.74
N GLN B 65 7.31 -17.39 -7.40
CA GLN B 65 6.03 -17.14 -6.75
C GLN B 65 4.91 -17.98 -7.38
N ILE B 66 3.91 -17.30 -7.93
CA ILE B 66 2.84 -17.96 -8.68
C ILE B 66 2.51 -17.19 -9.97
N GLU B 67 1.85 -17.86 -10.90
CA GLU B 67 1.33 -17.20 -12.09
C GLU B 67 0.26 -16.19 -11.67
N LYS B 68 0.20 -15.05 -12.34
CA LYS B 68 -0.74 -14.00 -11.94
C LYS B 68 -1.54 -13.47 -13.12
N GLU B 69 -1.17 -13.91 -14.32
CA GLU B 69 -1.91 -13.56 -15.54
C GLU B 69 -2.31 -14.84 -16.27
N PHE B 70 -3.53 -14.85 -16.79
CA PHE B 70 -4.07 -16.06 -17.41
C PHE B 70 -4.80 -15.77 -18.71
N GLU B 71 -4.50 -16.55 -19.73
CA GLU B 71 -5.11 -16.38 -21.05
C GLU B 71 -6.59 -16.70 -20.99
N GLN B 72 -6.90 -17.88 -20.47
CA GLN B 72 -8.28 -18.38 -20.44
C GLN B 72 -8.57 -18.94 -19.06
N VAL B 73 -9.83 -18.95 -18.67
CA VAL B 73 -10.22 -19.54 -17.39
C VAL B 73 -9.99 -21.05 -17.40
N GLU B 74 -9.60 -21.60 -16.25
CA GLU B 74 -9.39 -23.03 -16.16
C GLU B 74 -10.31 -23.64 -15.09
N GLY B 75 -10.73 -22.79 -14.15
CA GLY B 75 -11.55 -23.28 -13.06
C GLY B 75 -10.89 -23.20 -11.68
N ARG B 76 -11.08 -24.25 -10.90
CA ARG B 76 -10.85 -24.22 -9.46
C ARG B 76 -9.49 -23.69 -9.03
N ILE B 77 -8.41 -24.25 -9.56
CA ILE B 77 -7.08 -23.90 -9.10
C ILE B 77 -6.72 -22.48 -9.51
N GLN B 78 -7.10 -22.10 -10.73
CA GLN B 78 -6.87 -20.74 -11.19
C GLN B 78 -7.65 -19.73 -10.35
N ASP B 79 -8.87 -20.11 -9.98
CA ASP B 79 -9.70 -19.26 -9.13
C ASP B 79 -8.99 -18.97 -7.81
N LEU B 80 -8.38 -20.00 -7.23
CA LEU B 80 -7.70 -19.87 -5.95
C LEU B 80 -6.46 -19.00 -6.08
N GLU B 81 -5.68 -19.23 -7.14
CA GLU B 81 -4.51 -18.42 -7.42
C GLU B 81 -4.86 -16.95 -7.58
N LYS B 82 -5.94 -16.68 -8.32
CA LYS B 82 -6.40 -15.31 -8.54
C LYS B 82 -6.90 -14.70 -7.24
N TYR B 83 -7.59 -15.52 -6.44
CA TYR B 83 -8.15 -15.07 -5.17
C TYR B 83 -7.04 -14.77 -4.16
N VAL B 84 -6.02 -15.62 -4.14
CA VAL B 84 -4.88 -15.42 -3.25
C VAL B 84 -4.16 -14.10 -3.52
N GLU B 85 -3.89 -13.83 -4.79
CA GLU B 85 -3.18 -12.61 -5.17
C GLU B 85 -3.99 -11.34 -4.92
N ASP B 86 -5.28 -11.38 -5.27
CA ASP B 86 -6.15 -10.23 -5.06
C ASP B 86 -6.27 -9.93 -3.57
N THR B 87 -6.32 -10.99 -2.77
CA THR B 87 -6.38 -10.86 -1.31
C THR B 87 -5.12 -10.18 -0.77
N LYS B 88 -3.98 -10.66 -1.25
CA LYS B 88 -2.69 -10.08 -0.86
C LYS B 88 -2.65 -8.59 -1.14
N ILE B 89 -3.05 -8.22 -2.36
CA ILE B 89 -2.95 -6.85 -2.82
C ILE B 89 -3.82 -5.88 -2.00
N ASP B 90 -5.05 -6.28 -1.70
CA ASP B 90 -5.97 -5.47 -0.92
C ASP B 90 -5.45 -5.19 0.49
N LEU B 91 -4.88 -6.22 1.11
CA LEU B 91 -4.34 -6.11 2.46
C LEU B 91 -3.17 -5.15 2.52
N TRP B 92 -2.26 -5.29 1.55
CA TRP B 92 -1.09 -4.44 1.50
C TRP B 92 -1.46 -3.02 1.10
N SER B 93 -2.41 -2.87 0.18
CA SER B 93 -2.88 -1.55 -0.24
C SER B 93 -3.49 -0.84 0.96
N TYR B 94 -4.23 -1.59 1.77
CA TYR B 94 -4.77 -1.10 3.01
C TYR B 94 -3.66 -0.65 3.95
N ASN B 95 -2.65 -1.50 4.10
CA ASN B 95 -1.53 -1.18 4.99
C ASN B 95 -0.89 0.13 4.59
N ALA B 96 -0.67 0.30 3.29
CA ALA B 96 -0.06 1.51 2.76
C ALA B 96 -0.93 2.73 3.04
N GLU B 97 -2.22 2.60 2.77
CA GLU B 97 -3.16 3.69 2.97
C GLU B 97 -3.18 4.14 4.43
N LEU B 98 -3.21 3.18 5.33
CA LEU B 98 -3.24 3.46 6.75
C LEU B 98 -1.93 4.03 7.26
N LEU B 99 -0.82 3.42 6.84
CA LEU B 99 0.51 3.82 7.28
C LEU B 99 0.78 5.30 7.01
N VAL B 100 0.55 5.73 5.77
CA VAL B 100 0.80 7.11 5.38
C VAL B 100 -0.07 8.05 6.19
N ALA B 101 -1.31 7.64 6.39
CA ALA B 101 -2.25 8.43 7.16
C ALA B 101 -1.77 8.59 8.60
N LEU B 102 -1.30 7.50 9.18
CA LEU B 102 -0.79 7.51 10.55
C LEU B 102 0.44 8.40 10.66
N GLU B 103 1.39 8.21 9.75
CA GLU B 103 2.62 8.98 9.77
C GLU B 103 2.36 10.48 9.64
N ASN B 104 1.50 10.84 8.69
CA ASN B 104 1.21 12.24 8.42
C ASN B 104 0.52 12.93 9.60
N GLN B 105 -0.45 12.25 10.19
CA GLN B 105 -1.13 12.79 11.38
C GLN B 105 -0.13 13.00 12.50
N HIS B 106 0.81 12.06 12.63
CA HIS B 106 1.85 12.14 13.65
C HIS B 106 2.86 13.23 13.29
N THR B 107 3.18 13.32 12.01
CA THR B 107 4.16 14.30 11.54
C THR B 107 3.67 15.72 11.85
N ILE B 108 2.39 15.96 11.61
CA ILE B 108 1.78 17.26 11.83
C ILE B 108 1.72 17.60 13.32
N ASP B 109 1.38 16.59 14.14
CA ASP B 109 1.34 16.77 15.60
C ASP B 109 2.75 17.00 16.18
N VAL B 110 3.75 16.34 15.61
CA VAL B 110 5.14 16.55 16.03
C VAL B 110 5.61 17.97 15.74
N THR B 111 5.38 18.43 14.51
CA THR B 111 5.81 19.75 14.11
C THR B 111 5.05 20.82 14.89
N ASP B 112 3.76 20.60 15.10
CA ASP B 112 2.95 21.50 15.90
C ASP B 112 3.48 21.53 17.33
N SER B 113 3.87 20.36 17.83
CA SER B 113 4.44 20.24 19.16
C SER B 113 5.75 21.00 19.31
N GLU B 114 6.64 20.88 18.33
CA GLU B 114 7.95 21.55 18.35
C GLU B 114 7.84 23.07 18.32
N MET B 115 6.83 23.57 17.61
CA MET B 115 6.52 25.00 17.61
C MET B 115 6.16 25.45 19.02
N ASN B 116 5.28 24.67 19.66
CA ASN B 116 4.81 24.96 21.01
C ASN B 116 5.94 24.90 22.04
N LYS B 117 6.84 23.94 21.89
CA LYS B 117 7.99 23.80 22.78
C LYS B 117 8.89 25.04 22.75
N LEU B 118 9.09 25.59 21.55
CA LEU B 118 9.93 26.78 21.37
C LEU B 118 9.34 27.99 22.08
N PHE B 119 8.04 28.23 21.85
CA PHE B 119 7.32 29.30 22.50
C PHE B 119 7.41 29.19 24.03
N GLU B 120 7.24 27.97 24.53
CA GLU B 120 7.28 27.69 25.97
C GLU B 120 8.68 27.86 26.56
N ARG B 121 9.69 27.51 25.76
CA ARG B 121 11.07 27.72 26.17
C ARG B 121 11.34 29.20 26.43
N VAL B 122 10.98 30.03 25.47
CA VAL B 122 11.18 31.47 25.55
C VAL B 122 10.33 32.08 26.68
N ARG B 123 9.12 31.57 26.84
CA ARG B 123 8.21 32.02 27.91
C ARG B 123 8.87 31.87 29.28
N ARG B 124 9.55 30.75 29.47
CA ARG B 124 10.21 30.43 30.73
C ARG B 124 11.49 31.26 30.90
N GLN B 125 12.15 31.59 29.79
CA GLN B 125 13.31 32.46 29.83
C GLN B 125 13.00 33.87 30.35
N LEU B 126 11.83 34.37 29.96
CA LEU B 126 11.50 35.78 30.19
C LEU B 126 10.95 36.03 31.58
N ARG B 127 10.42 34.98 32.21
CA ARG B 127 9.87 35.05 33.56
C ARG B 127 8.79 36.13 33.69
N GLU B 128 9.00 37.05 34.63
CA GLU B 128 8.04 38.12 34.90
C GLU B 128 8.33 39.38 34.09
N ASN B 129 9.27 39.28 33.16
CA ASN B 129 9.69 40.46 32.40
C ASN B 129 8.87 40.73 31.15
N ALA B 130 8.00 39.78 30.79
CA ALA B 130 7.20 39.90 29.58
C ALA B 130 5.80 39.34 29.75
N GLU B 131 4.92 39.64 28.80
CA GLU B 131 3.56 39.12 28.81
C GLU B 131 3.14 38.54 27.44
N ASP B 132 2.44 37.41 27.47
CA ASP B 132 1.92 36.78 26.27
C ASP B 132 0.86 37.65 25.62
N LYS B 133 1.09 38.07 24.37
CA LYS B 133 0.14 38.92 23.66
C LYS B 133 -0.98 38.09 23.04
N GLY B 134 -0.74 36.79 22.87
CA GLY B 134 -1.77 35.87 22.41
C GLY B 134 -1.56 35.34 21.01
N ASN B 135 -0.64 35.94 20.26
CA ASN B 135 -0.42 35.56 18.88
C ASN B 135 0.96 34.92 18.69
N GLY B 136 1.48 34.38 19.79
CA GLY B 136 2.81 33.79 19.82
C GLY B 136 3.88 34.84 20.03
N CYS B 137 3.44 36.03 20.41
CA CYS B 137 4.38 37.13 20.61
C CYS B 137 4.40 37.55 22.08
N PHE B 138 5.60 37.88 22.57
CA PHE B 138 5.75 38.40 23.92
C PHE B 138 6.05 39.90 23.92
N GLU B 139 5.23 40.65 24.64
CA GLU B 139 5.51 42.06 24.91
C GLU B 139 6.57 42.14 26.01
N ILE B 140 7.71 42.73 25.68
CA ILE B 140 8.82 42.82 26.61
C ILE B 140 8.79 44.17 27.34
N PHE B 141 8.73 44.11 28.67
CA PHE B 141 8.48 45.32 29.45
C PHE B 141 9.76 45.99 29.96
N HIS B 142 10.83 45.89 29.16
CA HIS B 142 12.06 46.64 29.41
C HIS B 142 12.76 46.92 28.09
N LYS B 143 13.65 47.92 28.08
CA LYS B 143 14.45 48.18 26.89
C LYS B 143 15.27 46.96 26.54
N CYS B 144 15.20 46.56 25.28
CA CYS B 144 15.89 45.35 24.85
C CYS B 144 16.58 45.57 23.52
N ASP B 145 17.85 45.91 23.57
CA ASP B 145 18.62 46.14 22.36
C ASP B 145 18.94 44.82 21.64
N ASN B 146 19.65 44.92 20.53
CA ASN B 146 19.95 43.75 19.69
C ASN B 146 20.75 42.67 20.44
N ASN B 147 21.62 43.11 21.35
CA ASN B 147 22.37 42.20 22.19
C ASN B 147 21.45 41.46 23.17
N CYS B 148 20.48 42.19 23.70
CA CYS B 148 19.47 41.64 24.60
C CYS B 148 18.62 40.59 23.87
N ILE B 149 18.17 40.95 22.66
CA ILE B 149 17.37 40.04 21.84
C ILE B 149 18.11 38.73 21.54
N GLU B 150 19.38 38.86 21.14
CA GLU B 150 20.24 37.71 20.85
C GLU B 150 20.42 36.82 22.09
N SER B 151 20.52 37.44 23.26
CA SER B 151 20.67 36.68 24.51
C SER B 151 19.46 35.82 24.79
N ILE B 152 18.30 36.26 24.31
CA ILE B 152 17.07 35.48 24.40
C ILE B 152 17.10 34.32 23.40
N ARG B 153 17.51 34.63 22.17
CA ARG B 153 17.59 33.64 21.12
C ARG B 153 18.63 32.55 21.38
N ASN B 154 19.75 32.91 22.01
CA ASN B 154 20.79 31.92 22.27
C ASN B 154 20.73 31.37 23.71
N GLY B 155 19.75 31.81 24.47
CA GLY B 155 19.45 31.24 25.78
C GLY B 155 20.30 31.75 26.94
N THR B 156 20.93 32.90 26.76
CA THR B 156 21.80 33.48 27.78
C THR B 156 21.12 34.61 28.53
N TYR B 157 19.89 34.97 28.11
CA TYR B 157 19.10 36.00 28.75
C TYR B 157 18.93 35.78 30.27
N ASP B 158 19.29 36.78 31.06
CA ASP B 158 19.17 36.72 32.51
C ASP B 158 18.06 37.68 32.94
N HIS B 159 16.93 37.12 33.36
CA HIS B 159 15.75 37.91 33.69
C HIS B 159 15.96 38.84 34.89
N ASP B 160 16.85 38.44 35.80
CA ASP B 160 17.11 39.22 37.00
C ASP B 160 17.72 40.59 36.68
N ILE B 161 18.41 40.68 35.55
CA ILE B 161 19.00 41.94 35.12
C ILE B 161 17.96 43.03 34.87
N TYR B 162 16.83 42.64 34.31
CA TYR B 162 15.81 43.60 33.90
C TYR B 162 14.54 43.56 34.76
N ARG B 163 14.52 42.69 35.76
CA ARG B 163 13.29 42.39 36.50
C ARG B 163 12.68 43.63 37.17
N ASP B 164 13.51 44.44 37.82
CA ASP B 164 13.03 45.64 38.49
C ASP B 164 12.40 46.60 37.49
N GLU B 165 13.12 46.84 36.38
CA GLU B 165 12.60 47.68 35.30
C GLU B 165 11.28 47.13 34.78
N ALA B 166 11.26 45.82 34.55
CA ALA B 166 10.10 45.16 33.94
C ALA B 166 8.87 45.16 34.82
N ILE B 167 9.04 44.81 36.09
CA ILE B 167 7.92 44.78 37.04
C ILE B 167 7.30 46.17 37.18
N ASN B 168 8.17 47.18 37.26
CA ASN B 168 7.74 48.57 37.37
C ASN B 168 6.90 49.02 36.17
N ASN B 169 7.32 48.62 34.98
CA ASN B 169 6.59 48.95 33.76
C ASN B 169 5.27 48.20 33.65
N ARG B 170 5.27 46.94 34.08
CA ARG B 170 4.07 46.10 33.99
C ARG B 170 2.94 46.58 34.90
N PHE B 171 3.28 47.00 36.12
CA PHE B 171 2.26 47.21 37.14
C PHE B 171 2.14 48.67 37.62
N GLN B 172 2.81 49.58 36.93
CA GLN B 172 2.63 51.02 37.14
C GLN B 172 2.66 51.76 35.81
N GLY C 5 -12.39 41.72 43.10
CA GLY C 5 -11.94 40.48 42.52
C GLY C 5 -12.89 39.31 42.79
N ASN C 6 -13.99 39.28 42.06
CA ASN C 6 -15.10 38.39 42.45
C ASN C 6 -15.74 37.57 41.31
N PRO C 7 -15.94 38.17 40.12
CA PRO C 7 -16.53 37.34 39.06
C PRO C 7 -15.66 36.15 38.63
N VAL C 8 -16.31 35.11 38.12
CA VAL C 8 -15.63 33.88 37.69
C VAL C 8 -16.18 33.39 36.33
N ILE C 9 -15.29 32.96 35.44
CA ILE C 9 -15.71 32.31 34.20
C ILE C 9 -15.09 30.92 34.08
N CYS C 10 -15.93 29.94 33.78
CA CYS C 10 -15.49 28.55 33.70
C CYS C 10 -15.58 27.98 32.29
N MET C 11 -14.57 27.19 31.94
CA MET C 11 -14.55 26.50 30.67
C MET C 11 -14.86 25.01 30.89
N GLY C 12 -15.74 24.48 30.05
CA GLY C 12 -16.17 23.11 30.22
C GLY C 12 -16.66 22.47 28.94
N HIS C 13 -17.18 21.25 29.07
CA HIS C 13 -17.64 20.48 27.93
C HIS C 13 -18.95 19.79 28.27
N HIS C 14 -19.63 19.26 27.25
CA HIS C 14 -20.94 18.67 27.47
C HIS C 14 -20.84 17.24 27.98
N ALA C 15 -21.96 16.70 28.42
CA ALA C 15 -22.03 15.30 28.85
C ALA C 15 -23.47 14.81 28.77
N VAL C 16 -23.63 13.49 28.71
CA VAL C 16 -24.96 12.91 28.74
C VAL C 16 -25.10 11.98 29.93
N ALA C 17 -26.34 11.59 30.23
CA ALA C 17 -26.63 10.72 31.37
C ALA C 17 -25.95 9.37 31.23
N ASN C 18 -26.11 8.77 30.05
CA ASN C 18 -25.57 7.46 29.78
C ASN C 18 -24.93 7.42 28.39
N GLY C 19 -23.63 7.17 28.36
CA GLY C 19 -22.87 7.16 27.13
C GLY C 19 -22.67 5.77 26.57
N THR C 20 -21.66 5.62 25.71
CA THR C 20 -21.39 4.35 25.04
C THR C 20 -19.95 3.90 25.28
N MET C 21 -19.76 2.61 25.57
CA MET C 21 -18.42 2.06 25.79
C MET C 21 -17.69 1.76 24.49
N VAL C 22 -16.43 2.19 24.42
CA VAL C 22 -15.58 1.88 23.28
C VAL C 22 -14.22 1.36 23.71
N LYS C 23 -13.49 0.75 22.78
CA LYS C 23 -12.15 0.26 23.05
C LYS C 23 -11.10 1.25 22.55
N THR C 24 -9.98 1.32 23.25
CA THR C 24 -8.81 2.06 22.79
C THR C 24 -7.60 1.13 22.84
N LEU C 25 -6.41 1.71 22.78
CA LEU C 25 -5.19 0.92 22.93
C LEU C 25 -4.99 0.45 24.38
N ALA C 26 -5.41 1.28 25.32
CA ALA C 26 -5.10 1.07 26.74
C ALA C 26 -6.29 0.63 27.58
N ASP C 27 -7.48 0.63 26.98
CA ASP C 27 -8.69 0.35 27.74
C ASP C 27 -9.78 -0.28 26.89
N ASP C 28 -10.31 -1.40 27.38
CA ASP C 28 -11.33 -2.15 26.66
C ASP C 28 -12.73 -1.53 26.82
N GLN C 29 -12.87 -0.62 27.79
CA GLN C 29 -14.17 -0.03 28.07
C GLN C 29 -14.05 1.43 28.53
N VAL C 30 -14.18 2.34 27.56
CA VAL C 30 -14.20 3.78 27.84
C VAL C 30 -15.53 4.41 27.42
N GLU C 31 -16.15 5.16 28.32
CA GLU C 31 -17.45 5.77 28.03
C GLU C 31 -17.28 7.10 27.31
N VAL C 32 -17.84 7.15 26.10
CA VAL C 32 -17.84 8.37 25.30
C VAL C 32 -19.29 8.80 25.07
N VAL C 33 -19.46 10.07 24.70
CA VAL C 33 -20.79 10.65 24.54
C VAL C 33 -21.57 9.98 23.42
N THR C 34 -20.96 9.89 22.24
CA THR C 34 -21.60 9.22 21.10
C THR C 34 -20.66 8.22 20.44
N ALA C 35 -21.23 7.22 19.78
CA ALA C 35 -20.44 6.24 19.06
C ALA C 35 -21.19 5.72 17.83
N GLN C 36 -20.45 5.11 16.92
CA GLN C 36 -21.03 4.56 15.70
C GLN C 36 -20.60 3.11 15.47
N GLU C 37 -21.56 2.22 15.25
CA GLU C 37 -21.26 0.80 15.02
C GLU C 37 -20.71 0.57 13.62
N LEU C 38 -19.59 -0.14 13.53
CA LEU C 38 -18.91 -0.35 12.27
C LEU C 38 -19.15 -1.74 11.69
N VAL C 39 -19.67 -2.64 12.52
CA VAL C 39 -19.98 -3.99 12.06
C VAL C 39 -21.48 -4.15 11.80
N GLU C 40 -21.81 -4.56 10.57
CA GLU C 40 -23.18 -4.83 10.22
C GLU C 40 -23.57 -6.25 10.60
N SER C 41 -24.54 -6.38 11.49
CA SER C 41 -24.93 -7.69 12.00
C SER C 41 -26.39 -8.02 11.66
N GLN C 42 -26.98 -7.21 10.79
CA GLN C 42 -28.33 -7.49 10.31
C GLN C 42 -28.35 -7.66 8.80
N ASN C 43 -29.13 -8.63 8.33
CA ASN C 43 -29.34 -8.83 6.89
C ASN C 43 -30.81 -8.77 6.52
N LEU C 44 -31.08 -8.58 5.23
CA LEU C 44 -32.44 -8.68 4.74
C LEU C 44 -32.80 -10.14 4.53
N PRO C 45 -34.07 -10.49 4.74
CA PRO C 45 -34.50 -11.89 4.57
C PRO C 45 -34.72 -12.27 3.11
N GLU C 46 -34.22 -11.45 2.19
CA GLU C 46 -34.40 -11.69 0.76
C GLU C 46 -33.23 -11.20 -0.06
N LEU C 47 -33.16 -11.65 -1.31
CA LEU C 47 -32.13 -11.19 -2.23
C LEU C 47 -32.68 -10.08 -3.11
N CYS C 48 -31.93 -8.98 -3.20
CA CYS C 48 -32.33 -7.83 -4.01
C CYS C 48 -31.99 -8.01 -5.49
N PRO C 49 -32.99 -7.90 -6.38
CA PRO C 49 -32.83 -8.11 -7.83
C PRO C 49 -32.31 -6.87 -8.53
N SER C 50 -31.98 -5.84 -7.76
CA SER C 50 -31.45 -4.61 -8.30
C SER C 50 -30.36 -4.07 -7.35
N PRO C 51 -29.31 -3.43 -7.91
CA PRO C 51 -29.05 -3.15 -9.32
C PRO C 51 -28.26 -4.25 -10.03
N LEU C 52 -27.97 -5.33 -9.33
CA LEU C 52 -27.29 -6.46 -9.96
C LEU C 52 -28.32 -7.33 -10.66
N ARG C 53 -27.90 -8.02 -11.73
CA ARG C 53 -28.80 -8.87 -12.49
C ARG C 53 -28.77 -10.29 -11.96
N LEU C 54 -29.85 -10.71 -11.30
CA LEU C 54 -29.93 -12.04 -10.73
C LEU C 54 -30.73 -12.99 -11.61
N VAL C 55 -30.26 -14.23 -11.70
CA VAL C 55 -30.98 -15.28 -12.41
C VAL C 55 -31.22 -16.46 -11.50
N ASP C 56 -32.49 -16.75 -11.21
CA ASP C 56 -32.84 -17.86 -10.34
C ASP C 56 -32.86 -19.17 -11.12
N GLY C 57 -31.99 -20.11 -10.74
CA GLY C 57 -31.92 -21.40 -11.38
C GLY C 57 -33.08 -22.30 -10.98
N GLN C 58 -33.70 -21.97 -9.86
CA GLN C 58 -34.83 -22.74 -9.33
C GLN C 58 -34.44 -24.21 -9.12
N THR C 59 -35.11 -25.12 -9.82
CA THR C 59 -34.87 -26.55 -9.62
C THR C 59 -33.64 -27.05 -10.38
N CYS C 60 -33.00 -26.18 -11.15
CA CYS C 60 -31.81 -26.52 -11.90
C CYS C 60 -30.55 -25.88 -11.35
N ASP C 61 -29.53 -26.68 -11.05
CA ASP C 61 -28.22 -26.11 -10.75
C ASP C 61 -27.57 -25.69 -12.06
N ILE C 62 -26.46 -24.98 -11.98
CA ILE C 62 -25.89 -24.35 -13.15
C ILE C 62 -25.33 -25.39 -14.13
N ILE C 63 -24.99 -26.57 -13.62
CA ILE C 63 -24.47 -27.64 -14.47
C ILE C 63 -25.55 -28.27 -15.34
N ASN C 64 -26.71 -28.54 -14.75
CA ASN C 64 -27.81 -29.13 -15.52
C ASN C 64 -28.42 -28.09 -16.45
N GLY C 65 -28.33 -26.83 -16.04
CA GLY C 65 -28.72 -25.72 -16.89
C GLY C 65 -27.95 -25.71 -18.20
N ALA C 66 -26.64 -25.91 -18.08
CA ALA C 66 -25.77 -25.89 -19.25
C ALA C 66 -25.98 -27.12 -20.13
N LEU C 67 -26.25 -28.26 -19.52
CA LEU C 67 -26.47 -29.48 -20.27
C LEU C 67 -27.85 -29.49 -20.93
N GLY C 68 -28.77 -28.71 -20.39
CA GLY C 68 -30.13 -28.65 -20.89
C GLY C 68 -31.01 -29.79 -20.42
N SER C 69 -30.92 -30.09 -19.12
CA SER C 69 -31.76 -31.11 -18.51
C SER C 69 -33.22 -30.66 -18.49
N PRO C 70 -34.16 -31.61 -18.41
CA PRO C 70 -35.59 -31.30 -18.23
C PRO C 70 -35.86 -30.36 -17.07
N GLY C 71 -36.57 -29.28 -17.32
CA GLY C 71 -36.91 -28.32 -16.28
C GLY C 71 -36.02 -27.10 -16.29
N CYS C 72 -35.01 -27.11 -17.14
CA CYS C 72 -34.03 -26.02 -17.20
C CYS C 72 -34.23 -25.11 -18.40
N ASP C 73 -35.29 -25.34 -19.17
CA ASP C 73 -35.54 -24.56 -20.38
C ASP C 73 -35.67 -23.06 -20.11
N HIS C 74 -36.09 -22.71 -18.89
CA HIS C 74 -36.24 -21.30 -18.51
C HIS C 74 -34.91 -20.56 -18.42
N LEU C 75 -33.81 -21.31 -18.40
CA LEU C 75 -32.49 -20.69 -18.30
C LEU C 75 -31.91 -20.38 -19.68
N ASN C 76 -32.62 -20.79 -20.73
CA ASN C 76 -32.16 -20.53 -22.09
C ASN C 76 -31.99 -19.03 -22.35
N GLY C 77 -30.80 -18.66 -22.80
CA GLY C 77 -30.50 -17.28 -23.17
C GLY C 77 -30.23 -16.36 -22.00
N ALA C 78 -30.32 -16.90 -20.78
CA ALA C 78 -30.16 -16.10 -19.57
C ALA C 78 -28.81 -15.40 -19.47
N GLU C 79 -28.82 -14.20 -18.91
CA GLU C 79 -27.60 -13.46 -18.63
C GLU C 79 -27.62 -13.00 -17.18
N TRP C 80 -26.49 -13.10 -16.49
CA TRP C 80 -26.45 -12.79 -15.07
C TRP C 80 -25.15 -12.16 -14.60
N ASP C 81 -25.27 -11.31 -13.59
CA ASP C 81 -24.13 -10.91 -12.80
C ASP C 81 -23.90 -11.98 -11.74
N VAL C 82 -25.00 -12.43 -11.13
CA VAL C 82 -24.94 -13.47 -10.10
C VAL C 82 -25.97 -14.56 -10.34
N PHE C 83 -25.49 -15.77 -10.62
CA PHE C 83 -26.36 -16.93 -10.75
C PHE C 83 -26.77 -17.43 -9.38
N ILE C 84 -28.07 -17.51 -9.15
CA ILE C 84 -28.57 -17.99 -7.86
C ILE C 84 -28.89 -19.48 -7.94
N GLU C 85 -28.07 -20.28 -7.26
CA GLU C 85 -28.21 -21.74 -7.31
C GLU C 85 -28.90 -22.24 -6.05
N ARG C 86 -29.90 -23.10 -6.22
CA ARG C 86 -30.73 -23.52 -5.09
C ARG C 86 -30.29 -24.87 -4.54
N PRO C 87 -30.16 -24.96 -3.21
CA PRO C 87 -29.79 -26.18 -2.51
C PRO C 87 -30.72 -27.36 -2.80
N ASN C 88 -32.00 -27.08 -3.08
CA ASN C 88 -32.96 -28.15 -3.32
C ASN C 88 -33.08 -28.52 -4.79
N ALA C 89 -32.12 -28.04 -5.60
CA ALA C 89 -32.08 -28.42 -7.00
C ALA C 89 -31.88 -29.92 -7.11
N VAL C 90 -32.53 -30.54 -8.08
CA VAL C 90 -32.50 -31.99 -8.22
C VAL C 90 -32.21 -32.42 -9.65
N ASP C 91 -31.60 -33.59 -9.79
CA ASP C 91 -31.29 -34.16 -11.09
C ASP C 91 -32.56 -34.74 -11.71
N THR C 92 -32.77 -34.46 -13.00
CA THR C 92 -33.99 -34.89 -13.67
C THR C 92 -33.68 -35.63 -14.96
N CYS C 93 -32.46 -36.17 -15.06
CA CYS C 93 -32.01 -36.81 -16.28
C CYS C 93 -31.10 -38.01 -16.03
N TYR C 94 -30.44 -38.47 -17.10
CA TYR C 94 -29.54 -39.61 -17.02
C TYR C 94 -28.41 -39.32 -16.05
N PRO C 95 -28.11 -40.29 -15.17
CA PRO C 95 -27.09 -40.11 -14.12
C PRO C 95 -25.73 -39.78 -14.70
N PHE C 96 -25.13 -38.70 -14.19
CA PHE C 96 -23.86 -38.26 -14.72
C PHE C 96 -22.91 -37.75 -13.63
N ASP C 97 -21.64 -37.62 -13.99
CA ASP C 97 -20.66 -36.91 -13.17
C ASP C 97 -19.76 -36.03 -14.04
N VAL C 98 -19.02 -35.14 -13.38
CA VAL C 98 -18.07 -34.29 -14.08
C VAL C 98 -16.72 -34.33 -13.37
N PRO C 99 -15.77 -35.08 -13.93
CA PRO C 99 -14.42 -35.28 -13.37
C PRO C 99 -13.83 -34.04 -12.74
N GLU C 100 -13.97 -32.90 -13.41
CA GLU C 100 -13.56 -31.61 -12.86
C GLU C 100 -14.77 -30.71 -12.65
N TYR C 101 -15.72 -31.20 -11.86
CA TYR C 101 -17.02 -30.55 -11.66
C TYR C 101 -16.93 -29.08 -11.28
N GLN C 102 -16.21 -28.80 -10.20
CA GLN C 102 -16.12 -27.44 -9.67
C GLN C 102 -15.48 -26.50 -10.67
N SER C 103 -14.59 -27.04 -11.51
CA SER C 103 -13.92 -26.22 -12.51
C SER C 103 -14.88 -25.82 -13.63
N LEU C 104 -15.70 -26.76 -14.07
CA LEU C 104 -16.70 -26.48 -15.10
C LEU C 104 -17.76 -25.53 -14.57
N ARG C 105 -18.17 -25.77 -13.33
CA ARG C 105 -19.14 -24.91 -12.66
C ARG C 105 -18.61 -23.49 -12.56
N SER C 106 -17.33 -23.37 -12.23
CA SER C 106 -16.68 -22.07 -12.14
C SER C 106 -16.70 -21.34 -13.46
N ILE C 107 -16.32 -22.04 -14.53
CA ILE C 107 -16.25 -21.45 -15.85
C ILE C 107 -17.63 -20.94 -16.30
N LEU C 108 -18.64 -21.78 -16.15
CA LEU C 108 -20.00 -21.42 -16.55
C LEU C 108 -20.51 -20.23 -15.75
N ALA C 109 -20.26 -20.24 -14.46
CA ALA C 109 -20.73 -19.18 -13.58
C ALA C 109 -20.01 -17.86 -13.86
N ASN C 110 -18.70 -17.94 -14.07
CA ASN C 110 -17.87 -16.75 -14.27
C ASN C 110 -18.19 -16.10 -15.62
N ASN C 111 -18.44 -16.92 -16.63
CA ASN C 111 -18.77 -16.42 -17.97
C ASN C 111 -19.99 -15.51 -17.97
N GLY C 112 -21.03 -15.94 -17.26
CA GLY C 112 -22.18 -15.08 -17.01
C GLY C 112 -23.33 -15.06 -18.00
N LYS C 113 -23.40 -16.07 -18.87
CA LYS C 113 -24.52 -16.18 -19.79
C LYS C 113 -24.64 -17.58 -20.39
N PHE C 114 -25.86 -17.93 -20.79
CA PHE C 114 -26.10 -19.16 -21.52
C PHE C 114 -26.48 -18.83 -22.95
N GLU C 115 -25.49 -18.44 -23.74
CA GLU C 115 -25.72 -18.15 -25.14
C GLU C 115 -25.21 -19.31 -25.97
N PHE C 116 -26.11 -20.19 -26.38
CA PHE C 116 -25.72 -21.38 -27.11
C PHE C 116 -25.76 -21.17 -28.60
N ILE C 117 -24.67 -21.51 -29.29
CA ILE C 117 -24.69 -21.40 -30.73
C ILE C 117 -24.75 -22.80 -31.31
N ALA C 118 -25.94 -23.13 -31.79
CA ALA C 118 -26.22 -24.42 -32.42
C ALA C 118 -25.40 -24.67 -33.68
N GLU C 119 -24.97 -25.91 -33.86
CA GLU C 119 -24.22 -26.32 -35.06
C GLU C 119 -24.63 -27.69 -35.63
N GLU C 120 -24.49 -27.86 -36.95
CA GLU C 120 -24.76 -29.14 -37.59
C GLU C 120 -23.53 -30.02 -37.66
N PHE C 121 -23.58 -31.16 -36.98
CA PHE C 121 -22.50 -32.15 -37.06
C PHE C 121 -22.88 -33.28 -38.02
N GLN C 122 -22.11 -33.40 -39.10
CA GLN C 122 -22.37 -34.45 -40.09
C GLN C 122 -21.81 -35.80 -39.64
N TRP C 123 -22.45 -36.40 -38.64
CA TRP C 123 -22.07 -37.73 -38.17
C TRP C 123 -22.38 -38.76 -39.25
N ASN C 124 -21.57 -39.81 -39.31
CA ASN C 124 -21.68 -40.80 -40.38
C ASN C 124 -22.32 -42.11 -39.92
N THR C 125 -23.32 -42.56 -40.68
CA THR C 125 -23.95 -43.88 -40.51
C THR C 125 -24.70 -44.05 -39.19
N VAL C 126 -24.09 -43.61 -38.09
CA VAL C 126 -24.66 -43.78 -36.76
C VAL C 126 -26.02 -43.09 -36.59
N LYS C 127 -26.85 -43.66 -35.73
CA LYS C 127 -28.11 -43.04 -35.36
C LYS C 127 -27.87 -41.90 -34.39
N GLN C 128 -28.68 -40.85 -34.49
CA GLN C 128 -28.57 -39.72 -33.56
C GLN C 128 -29.78 -39.63 -32.64
N ASN C 129 -29.71 -38.70 -31.70
CA ASN C 129 -30.82 -38.36 -30.82
C ASN C 129 -31.31 -39.51 -29.95
N GLY C 130 -30.38 -40.31 -29.46
CA GLY C 130 -30.70 -41.35 -28.50
C GLY C 130 -31.34 -40.78 -27.26
N LYS C 131 -32.33 -41.48 -26.71
CA LYS C 131 -33.01 -41.01 -25.50
C LYS C 131 -33.05 -42.08 -24.43
N SER C 132 -33.58 -41.74 -23.26
CA SER C 132 -33.55 -42.64 -22.11
C SER C 132 -34.71 -42.37 -21.16
N GLY C 133 -35.15 -43.41 -20.46
CA GLY C 133 -36.24 -43.27 -19.50
C GLY C 133 -35.83 -42.54 -18.23
N ALA C 134 -34.53 -42.47 -17.99
CA ALA C 134 -34.00 -41.79 -16.82
C ALA C 134 -34.10 -40.28 -17.00
N CYS C 135 -34.38 -39.86 -18.24
CA CYS C 135 -34.44 -38.47 -18.57
C CYS C 135 -35.74 -38.15 -19.31
N LYS C 136 -36.87 -38.38 -18.65
CA LYS C 136 -38.17 -38.23 -19.28
C LYS C 136 -38.59 -36.77 -19.37
N ARG C 137 -39.20 -36.42 -20.50
CA ARG C 137 -39.81 -35.11 -20.68
C ARG C 137 -41.28 -35.30 -21.03
N ALA C 138 -42.15 -34.94 -20.09
CA ALA C 138 -43.59 -35.17 -20.23
C ALA C 138 -43.91 -36.61 -20.59
N ASN C 139 -43.45 -37.54 -19.74
CA ASN C 139 -43.71 -38.98 -19.90
C ASN C 139 -43.08 -39.62 -21.14
N VAL C 140 -42.36 -38.82 -21.93
CA VAL C 140 -41.63 -39.34 -23.08
C VAL C 140 -40.13 -39.40 -22.82
N ASN C 141 -39.51 -40.55 -23.13
CA ASN C 141 -38.06 -40.69 -23.02
C ASN C 141 -37.33 -39.58 -23.77
N ASP C 142 -36.39 -38.92 -23.09
CA ASP C 142 -35.63 -37.84 -23.73
C ASP C 142 -34.18 -37.82 -23.24
N PHE C 143 -33.54 -36.67 -23.38
CA PHE C 143 -32.12 -36.53 -23.07
C PHE C 143 -31.77 -35.06 -22.89
N PHE C 144 -30.51 -34.79 -22.53
CA PHE C 144 -30.00 -33.43 -22.50
C PHE C 144 -30.16 -32.80 -23.89
N ASN C 145 -30.84 -31.66 -23.96
CA ASN C 145 -31.15 -31.07 -25.27
C ASN C 145 -29.97 -30.29 -25.87
N ARG C 146 -28.86 -30.26 -25.15
CA ARG C 146 -27.63 -29.67 -25.68
C ARG C 146 -26.69 -30.77 -26.16
N LEU C 147 -27.05 -32.02 -25.83
CA LEU C 147 -26.21 -33.16 -26.16
C LEU C 147 -26.88 -34.06 -27.18
N ASN C 148 -26.08 -34.86 -27.88
CA ASN C 148 -26.58 -35.73 -28.94
C ASN C 148 -26.03 -37.15 -28.77
N TRP C 149 -26.89 -38.06 -28.34
CA TRP C 149 -26.49 -39.44 -28.07
C TRP C 149 -26.36 -40.24 -29.37
N LEU C 150 -25.12 -40.53 -29.76
CA LEU C 150 -24.85 -41.32 -30.95
C LEU C 150 -24.84 -42.82 -30.63
N VAL C 151 -25.53 -43.59 -31.46
CA VAL C 151 -25.54 -45.05 -31.32
C VAL C 151 -25.35 -45.70 -32.69
N LYS C 152 -25.20 -47.01 -32.71
CA LYS C 152 -24.96 -47.73 -33.96
C LYS C 152 -26.18 -47.67 -34.88
N SER C 153 -25.94 -47.80 -36.18
CA SER C 153 -27.01 -47.83 -37.17
C SER C 153 -27.86 -49.09 -37.03
N ASP C 154 -28.97 -49.12 -37.77
CA ASP C 154 -29.82 -50.30 -37.81
C ASP C 154 -29.06 -51.46 -38.47
N GLY C 155 -28.08 -51.13 -39.28
CA GLY C 155 -27.22 -52.13 -39.90
C GLY C 155 -26.11 -52.62 -38.98
N ASN C 156 -26.26 -52.36 -37.69
CA ASN C 156 -25.31 -52.82 -36.68
C ASN C 156 -23.90 -52.30 -36.96
N ALA C 157 -23.81 -51.03 -37.37
CA ALA C 157 -22.53 -50.42 -37.70
C ALA C 157 -22.23 -49.17 -36.86
N TYR C 158 -21.02 -49.09 -36.33
CA TYR C 158 -20.53 -47.86 -35.70
C TYR C 158 -19.12 -47.56 -36.22
N PRO C 159 -19.03 -46.91 -37.39
CA PRO C 159 -17.74 -46.59 -38.00
C PRO C 159 -17.03 -45.45 -37.29
N LEU C 160 -15.70 -45.43 -37.38
CA LEU C 160 -14.88 -44.36 -36.83
C LEU C 160 -15.39 -42.97 -37.22
N GLN C 161 -15.64 -42.13 -36.23
CA GLN C 161 -16.10 -40.77 -36.49
C GLN C 161 -14.91 -39.80 -36.49
N ASN C 162 -14.96 -38.82 -37.38
CA ASN C 162 -13.79 -38.03 -37.72
C ASN C 162 -14.23 -36.67 -38.26
N LEU C 163 -14.60 -35.78 -37.36
CA LEU C 163 -15.26 -34.53 -37.75
C LEU C 163 -14.50 -33.32 -37.22
N THR C 164 -14.56 -32.21 -37.94
CA THR C 164 -13.81 -31.02 -37.57
C THR C 164 -14.65 -29.75 -37.57
N LYS C 165 -14.53 -28.96 -36.52
CA LYS C 165 -15.15 -27.64 -36.46
C LYS C 165 -14.09 -26.57 -36.30
N ILE C 166 -14.04 -25.65 -37.26
CA ILE C 166 -13.05 -24.60 -37.26
C ILE C 166 -13.64 -23.33 -36.67
N ASN C 167 -12.86 -22.60 -35.88
CA ASN C 167 -13.35 -21.36 -35.29
C ASN C 167 -12.68 -20.12 -35.88
N ASN C 168 -13.37 -19.46 -36.80
CA ASN C 168 -12.94 -18.16 -37.28
C ASN C 168 -13.94 -17.06 -36.95
N GLY C 169 -14.59 -17.21 -35.80
CA GLY C 169 -15.36 -16.14 -35.21
C GLY C 169 -14.47 -15.26 -34.36
N ASP C 170 -15.05 -14.27 -33.71
CA ASP C 170 -14.26 -13.35 -32.88
C ASP C 170 -14.46 -13.62 -31.39
N TYR C 171 -14.84 -14.85 -31.06
CA TYR C 171 -15.09 -15.25 -29.68
C TYR C 171 -14.68 -16.68 -29.43
N ALA C 172 -14.29 -16.96 -28.19
CA ALA C 172 -13.91 -18.32 -27.80
C ALA C 172 -15.14 -19.20 -27.64
N ARG C 173 -15.02 -20.46 -28.02
CA ARG C 173 -16.16 -21.37 -28.00
C ARG C 173 -16.01 -22.42 -26.91
N LEU C 174 -17.10 -22.66 -26.20
CA LEU C 174 -17.13 -23.71 -25.18
C LEU C 174 -17.94 -24.91 -25.67
N TYR C 175 -17.25 -26.01 -25.95
CA TYR C 175 -17.90 -27.25 -26.32
C TYR C 175 -18.00 -28.18 -25.11
N ILE C 176 -19.23 -28.58 -24.78
CA ILE C 176 -19.43 -29.55 -23.72
C ILE C 176 -19.85 -30.88 -24.34
N TRP C 177 -19.15 -31.95 -23.95
CA TRP C 177 -19.38 -33.26 -24.53
C TRP C 177 -19.16 -34.33 -23.47
N GLY C 178 -19.59 -35.55 -23.76
CA GLY C 178 -19.50 -36.60 -22.77
C GLY C 178 -19.16 -37.98 -23.30
N VAL C 179 -18.83 -38.87 -22.37
CA VAL C 179 -18.53 -40.27 -22.70
C VAL C 179 -19.42 -41.17 -21.86
N HIS C 180 -20.10 -42.11 -22.51
CA HIS C 180 -21.03 -43.00 -21.81
C HIS C 180 -20.35 -44.27 -21.31
N HIS C 181 -20.62 -44.61 -20.06
CA HIS C 181 -20.13 -45.85 -19.46
C HIS C 181 -21.26 -46.86 -19.30
N PRO C 182 -21.31 -47.87 -20.18
CA PRO C 182 -22.33 -48.92 -20.10
C PRO C 182 -22.19 -49.78 -18.86
N SER C 183 -23.28 -50.43 -18.45
CA SER C 183 -23.26 -51.30 -17.28
C SER C 183 -22.64 -52.67 -17.58
N THR C 184 -22.87 -53.17 -18.79
CA THR C 184 -22.38 -54.49 -19.18
C THR C 184 -21.82 -54.50 -20.59
N ASP C 185 -21.08 -55.57 -20.92
CA ASP C 185 -20.57 -55.78 -22.26
C ASP C 185 -21.71 -55.84 -23.26
N THR C 186 -22.83 -56.43 -22.82
CA THR C 186 -24.02 -56.52 -23.65
C THR C 186 -24.53 -55.13 -24.02
N GLU C 187 -24.68 -54.28 -23.02
CA GLU C 187 -25.13 -52.91 -23.24
C GLU C 187 -24.17 -52.15 -24.15
N GLN C 188 -22.88 -52.42 -23.99
CA GLN C 188 -21.84 -51.82 -24.84
C GLN C 188 -22.05 -52.16 -26.32
N THR C 189 -22.14 -53.44 -26.63
CA THR C 189 -22.35 -53.90 -28.00
C THR C 189 -23.72 -53.52 -28.55
N ASN C 190 -24.74 -53.66 -27.71
CA ASN C 190 -26.10 -53.31 -28.11
C ASN C 190 -26.22 -51.84 -28.50
N LEU C 191 -25.37 -50.99 -27.93
CA LEU C 191 -25.44 -49.56 -28.21
C LEU C 191 -24.45 -49.09 -29.26
N TYR C 192 -23.21 -49.58 -29.19
CA TYR C 192 -22.14 -49.02 -30.02
C TYR C 192 -21.39 -50.05 -30.86
N LYS C 193 -21.95 -51.27 -30.95
CA LYS C 193 -21.33 -52.35 -31.71
C LYS C 193 -19.94 -52.67 -31.20
N ASN C 194 -19.00 -51.79 -31.50
CA ASN C 194 -17.59 -51.97 -31.11
C ASN C 194 -17.40 -52.13 -29.61
N ASN C 195 -16.35 -52.84 -29.25
CA ASN C 195 -15.97 -53.01 -27.86
C ASN C 195 -14.47 -53.24 -27.78
N PRO C 196 -13.74 -52.31 -27.13
CA PRO C 196 -14.26 -51.15 -26.41
C PRO C 196 -14.52 -49.94 -27.29
N GLY C 197 -15.18 -48.93 -26.75
CA GLY C 197 -15.34 -47.66 -27.43
C GLY C 197 -14.12 -46.79 -27.24
N GLY C 198 -14.28 -45.48 -27.41
CA GLY C 198 -13.18 -44.56 -27.22
C GLY C 198 -13.47 -43.19 -27.82
N VAL C 199 -13.04 -42.15 -27.12
CA VAL C 199 -13.25 -40.78 -27.58
C VAL C 199 -11.96 -39.98 -27.48
N THR C 200 -11.68 -39.19 -28.51
CA THR C 200 -10.57 -38.25 -28.47
C THR C 200 -11.00 -36.92 -29.06
N VAL C 201 -10.98 -35.88 -28.22
CA VAL C 201 -11.30 -34.54 -28.65
C VAL C 201 -10.10 -33.64 -28.48
N SER C 202 -9.71 -32.95 -29.56
CA SER C 202 -8.44 -32.24 -29.54
C SER C 202 -8.47 -30.92 -30.29
N THR C 203 -7.65 -29.98 -29.82
CA THR C 203 -7.41 -28.75 -30.53
C THR C 203 -5.97 -28.77 -31.05
N LYS C 204 -5.47 -27.63 -31.51
CA LYS C 204 -4.11 -27.55 -32.00
C LYS C 204 -3.09 -27.82 -30.89
N THR C 205 -3.42 -27.40 -29.66
CA THR C 205 -2.44 -27.42 -28.58
C THR C 205 -2.88 -28.21 -27.34
N SER C 206 -4.11 -28.69 -27.35
CA SER C 206 -4.61 -29.45 -26.21
C SER C 206 -5.45 -30.64 -26.67
N GLN C 207 -5.63 -31.61 -25.78
CA GLN C 207 -6.41 -32.80 -26.11
C GLN C 207 -6.96 -33.50 -24.88
N THR C 208 -8.04 -34.25 -25.08
CA THR C 208 -8.60 -35.10 -24.05
C THR C 208 -8.99 -36.46 -24.64
N SER C 209 -8.47 -37.53 -24.05
CA SER C 209 -8.78 -38.87 -24.52
C SER C 209 -9.40 -39.71 -23.40
N VAL C 210 -10.51 -40.36 -23.69
CA VAL C 210 -11.25 -41.14 -22.69
C VAL C 210 -11.61 -42.53 -23.18
N VAL C 211 -11.24 -43.53 -22.39
CA VAL C 211 -11.68 -44.90 -22.64
C VAL C 211 -12.84 -45.22 -21.71
N PRO C 212 -13.95 -45.73 -22.27
CA PRO C 212 -15.13 -46.05 -21.44
C PRO C 212 -14.80 -47.10 -20.38
N ASN C 213 -15.54 -47.07 -19.27
CA ASN C 213 -15.34 -48.03 -18.19
C ASN C 213 -16.62 -48.80 -17.91
N ILE C 214 -16.64 -50.06 -18.33
CA ILE C 214 -17.82 -50.89 -18.22
C ILE C 214 -17.93 -51.53 -16.84
N GLY C 215 -19.09 -51.39 -16.21
CA GLY C 215 -19.31 -51.96 -14.90
C GLY C 215 -20.64 -51.52 -14.29
N SER C 216 -21.06 -52.21 -13.24
CA SER C 216 -22.31 -51.89 -12.57
C SER C 216 -22.17 -50.74 -11.57
N ARG C 217 -22.93 -49.68 -11.79
CA ARG C 217 -23.05 -48.60 -10.81
C ARG C 217 -24.40 -48.74 -10.11
N PRO C 218 -24.59 -48.03 -8.98
CA PRO C 218 -25.89 -48.06 -8.31
C PRO C 218 -27.02 -47.59 -9.23
N LEU C 219 -28.22 -48.11 -9.02
CA LEU C 219 -29.35 -47.75 -9.86
C LEU C 219 -29.81 -46.33 -9.58
N VAL C 220 -29.74 -45.48 -10.60
CA VAL C 220 -30.26 -44.11 -10.51
C VAL C 220 -31.23 -43.87 -11.67
N ARG C 221 -32.49 -43.63 -11.32
CA ARG C 221 -33.57 -43.51 -12.31
C ARG C 221 -33.60 -44.68 -13.28
N GLY C 222 -33.33 -45.88 -12.76
CA GLY C 222 -33.41 -47.10 -13.54
C GLY C 222 -32.21 -47.36 -14.44
N GLN C 223 -31.08 -46.77 -14.11
CA GLN C 223 -29.89 -46.94 -14.94
C GLN C 223 -28.65 -47.26 -14.12
N SER C 224 -27.86 -48.21 -14.61
CA SER C 224 -26.61 -48.57 -13.96
C SER C 224 -25.44 -47.92 -14.69
N GLY C 225 -25.72 -47.39 -15.88
CA GLY C 225 -24.69 -46.68 -16.64
C GLY C 225 -24.48 -45.25 -16.16
N ARG C 226 -23.39 -44.65 -16.61
CA ARG C 226 -23.09 -43.26 -16.26
C ARG C 226 -22.56 -42.51 -17.48
N VAL C 227 -22.80 -41.20 -17.52
CA VAL C 227 -22.15 -40.35 -18.50
C VAL C 227 -21.17 -39.42 -17.82
N SER C 228 -19.93 -39.40 -18.28
CA SER C 228 -18.93 -38.48 -17.76
C SER C 228 -18.78 -37.32 -18.73
N PHE C 229 -19.01 -36.11 -18.25
CA PHE C 229 -18.94 -34.93 -19.11
C PHE C 229 -17.59 -34.23 -19.06
N TYR C 230 -17.17 -33.73 -20.20
CA TYR C 230 -15.91 -32.99 -20.33
C TYR C 230 -16.18 -31.72 -21.09
N TRP C 231 -15.19 -30.83 -21.18
CA TRP C 231 -15.35 -29.65 -22.01
C TRP C 231 -14.08 -29.30 -22.75
N THR C 232 -14.23 -28.56 -23.85
CA THR C 232 -13.11 -28.10 -24.63
C THR C 232 -13.32 -26.65 -25.03
N ILE C 233 -12.32 -25.81 -24.77
CA ILE C 233 -12.41 -24.43 -25.17
C ILE C 233 -11.64 -24.21 -26.46
N VAL C 234 -12.28 -23.58 -27.44
CA VAL C 234 -11.66 -23.37 -28.73
C VAL C 234 -11.52 -21.88 -29.04
N GLU C 235 -10.28 -21.40 -29.01
CA GLU C 235 -10.00 -20.00 -29.26
C GLU C 235 -10.15 -19.64 -30.75
N PRO C 236 -10.36 -18.35 -31.05
CA PRO C 236 -10.35 -17.90 -32.44
C PRO C 236 -9.03 -18.22 -33.11
N GLY C 237 -9.09 -18.78 -34.31
CA GLY C 237 -7.90 -19.16 -35.04
C GLY C 237 -7.50 -20.59 -34.72
N ASP C 238 -8.31 -21.24 -33.90
CA ASP C 238 -8.09 -22.64 -33.55
C ASP C 238 -9.24 -23.48 -34.10
N LEU C 239 -9.14 -24.80 -33.94
CA LEU C 239 -10.18 -25.70 -34.40
C LEU C 239 -10.23 -26.95 -33.52
N ILE C 240 -11.37 -27.63 -33.55
CA ILE C 240 -11.59 -28.79 -32.69
C ILE C 240 -11.90 -30.03 -33.52
N VAL C 241 -11.35 -31.17 -33.11
CA VAL C 241 -11.57 -32.42 -33.82
C VAL C 241 -12.14 -33.52 -32.93
N PHE C 242 -13.32 -34.03 -33.29
CA PHE C 242 -13.93 -35.12 -32.55
C PHE C 242 -13.62 -36.48 -33.20
N ASN C 243 -13.14 -37.42 -32.39
CA ASN C 243 -12.71 -38.72 -32.86
C ASN C 243 -13.27 -39.84 -31.98
N THR C 244 -14.05 -40.74 -32.58
CA THR C 244 -14.79 -41.74 -31.80
C THR C 244 -14.99 -43.06 -32.51
N ILE C 245 -14.85 -44.15 -31.76
CA ILE C 245 -15.22 -45.47 -32.22
C ILE C 245 -16.30 -46.05 -31.31
N GLY C 246 -16.92 -45.19 -30.53
CA GLY C 246 -18.02 -45.57 -29.66
C GLY C 246 -18.15 -44.74 -28.40
N ASN C 247 -19.38 -44.68 -27.87
CA ASN C 247 -19.68 -44.12 -26.55
C ASN C 247 -19.65 -42.59 -26.45
N LEU C 248 -19.50 -41.90 -27.57
CA LEU C 248 -19.50 -40.43 -27.54
C LEU C 248 -20.90 -39.86 -27.30
N ILE C 249 -20.99 -38.95 -26.34
CA ILE C 249 -22.18 -38.12 -26.20
C ILE C 249 -21.84 -36.77 -26.82
N ALA C 250 -22.27 -36.59 -28.06
CA ALA C 250 -21.81 -35.48 -28.88
C ALA C 250 -22.51 -34.16 -28.55
N PRO C 251 -21.82 -33.03 -28.77
CA PRO C 251 -22.44 -31.72 -28.61
C PRO C 251 -23.33 -31.35 -29.80
N ARG C 252 -24.31 -30.48 -29.57
CA ARG C 252 -25.16 -30.00 -30.64
C ARG C 252 -24.72 -28.60 -31.04
N GLY C 253 -23.57 -28.17 -30.51
CA GLY C 253 -23.07 -26.83 -30.74
C GLY C 253 -22.15 -26.39 -29.62
N HIS C 254 -22.03 -25.08 -29.45
CA HIS C 254 -21.13 -24.52 -28.44
C HIS C 254 -21.76 -23.33 -27.72
N TYR C 255 -21.26 -23.03 -26.53
CA TYR C 255 -21.65 -21.79 -25.84
C TYR C 255 -20.68 -20.68 -26.20
N LYS C 256 -21.19 -19.45 -26.27
CA LYS C 256 -20.32 -18.29 -26.46
C LYS C 256 -19.67 -17.90 -25.16
N LEU C 257 -18.37 -17.67 -25.19
CA LEU C 257 -17.66 -17.14 -24.04
C LEU C 257 -17.40 -15.66 -24.23
N ASN C 258 -17.82 -14.86 -23.25
CA ASN C 258 -17.43 -13.46 -23.19
C ASN C 258 -15.92 -13.34 -23.07
N ASN C 259 -15.34 -12.33 -23.71
CA ASN C 259 -13.92 -12.08 -23.57
C ASN C 259 -13.62 -11.74 -22.11
N GLN C 260 -14.40 -10.79 -21.60
CA GLN C 260 -14.28 -10.40 -20.20
C GLN C 260 -15.32 -11.15 -19.38
N LYS C 261 -14.85 -11.88 -18.37
CA LYS C 261 -15.73 -12.68 -17.52
C LYS C 261 -15.82 -12.08 -16.12
N LYS C 262 -16.99 -11.57 -15.79
CA LYS C 262 -17.16 -10.74 -14.60
C LYS C 262 -18.16 -11.30 -13.61
N SER C 263 -18.75 -12.44 -13.93
CA SER C 263 -19.88 -12.94 -13.17
C SER C 263 -19.47 -14.00 -12.15
N THR C 264 -20.45 -14.48 -11.39
CA THR C 264 -20.22 -15.50 -10.38
C THR C 264 -21.51 -16.22 -10.02
N ILE C 265 -21.44 -17.09 -9.00
CA ILE C 265 -22.59 -17.89 -8.60
C ILE C 265 -22.76 -17.83 -7.08
N LEU C 266 -24.01 -17.88 -6.62
CA LEU C 266 -24.32 -17.84 -5.20
C LEU C 266 -25.32 -18.93 -4.85
N ASN C 267 -24.89 -19.90 -4.02
CA ASN C 267 -25.78 -20.97 -3.62
C ASN C 267 -26.49 -20.67 -2.30
N THR C 268 -27.80 -20.52 -2.38
CA THR C 268 -28.60 -20.14 -1.23
C THR C 268 -30.07 -20.43 -1.46
N ALA C 269 -30.81 -20.62 -0.36
CA ALA C 269 -32.24 -20.91 -0.47
C ALA C 269 -33.07 -19.66 -0.25
N ILE C 270 -32.40 -18.54 0.04
CA ILE C 270 -33.09 -17.28 0.30
C ILE C 270 -33.81 -16.78 -0.94
N PRO C 271 -35.09 -16.40 -0.80
CA PRO C 271 -35.89 -15.97 -1.95
C PRO C 271 -35.54 -14.57 -2.45
N ILE C 272 -35.77 -14.33 -3.73
CA ILE C 272 -35.53 -13.03 -4.34
C ILE C 272 -36.74 -12.11 -4.07
N GLY C 273 -36.47 -10.88 -3.63
CA GLY C 273 -37.54 -9.98 -3.24
C GLY C 273 -37.69 -8.74 -4.12
N SER C 274 -37.93 -7.60 -3.48
CA SER C 274 -38.21 -6.37 -4.21
C SER C 274 -37.33 -5.22 -3.72
N CYS C 275 -36.38 -5.52 -2.85
CA CYS C 275 -35.47 -4.51 -2.30
C CYS C 275 -34.37 -4.12 -3.29
N VAL C 276 -33.62 -3.08 -2.94
CA VAL C 276 -32.47 -2.66 -3.76
C VAL C 276 -31.17 -2.76 -2.96
N SER C 277 -30.24 -3.57 -3.46
CA SER C 277 -28.93 -3.72 -2.81
C SER C 277 -27.89 -4.29 -3.76
N LYS C 278 -26.63 -3.89 -3.58
CA LYS C 278 -25.54 -4.36 -4.42
C LYS C 278 -24.64 -5.33 -3.65
N CYS C 279 -25.08 -5.73 -2.46
CA CYS C 279 -24.35 -6.72 -1.65
C CYS C 279 -25.19 -7.93 -1.29
N HIS C 280 -24.76 -9.11 -1.69
CA HIS C 280 -25.52 -10.32 -1.41
C HIS C 280 -24.69 -11.37 -0.67
N THR C 281 -25.24 -11.88 0.43
CA THR C 281 -24.67 -13.05 1.08
C THR C 281 -25.59 -14.24 0.91
N ASP C 282 -25.11 -15.41 1.32
CA ASP C 282 -25.93 -16.62 1.28
C ASP C 282 -27.02 -16.58 2.34
N LYS C 283 -27.00 -15.54 3.17
CA LYS C 283 -28.03 -15.36 4.19
C LYS C 283 -29.05 -14.31 3.78
N GLY C 284 -28.78 -13.66 2.65
CA GLY C 284 -29.63 -12.58 2.17
C GLY C 284 -28.82 -11.33 1.91
N SER C 285 -29.43 -10.36 1.25
CA SER C 285 -28.73 -9.14 0.89
C SER C 285 -28.50 -8.26 2.13
N LEU C 286 -27.50 -7.40 2.03
CA LEU C 286 -27.23 -6.40 3.06
C LEU C 286 -27.56 -5.01 2.54
N SER C 287 -28.13 -4.18 3.39
CA SER C 287 -28.36 -2.79 3.01
C SER C 287 -27.77 -1.93 4.11
N THR C 288 -26.50 -1.57 3.95
CA THR C 288 -25.71 -0.96 5.00
C THR C 288 -24.56 -0.16 4.43
N THR C 289 -24.03 0.75 5.23
CA THR C 289 -22.86 1.51 4.85
C THR C 289 -21.65 1.18 5.70
N LYS C 290 -21.86 0.42 6.77
CA LYS C 290 -20.79 0.08 7.69
C LYS C 290 -19.67 -0.62 6.92
N PRO C 291 -18.42 -0.40 7.34
CA PRO C 291 -17.25 -0.92 6.62
C PRO C 291 -17.06 -2.42 6.84
N PHE C 292 -17.69 -2.96 7.88
CA PHE C 292 -17.53 -4.36 8.21
C PHE C 292 -18.86 -5.07 8.44
N GLN C 293 -18.82 -6.40 8.35
CA GLN C 293 -19.99 -7.22 8.61
C GLN C 293 -19.57 -8.58 9.17
N ASN C 294 -20.43 -9.16 10.00
CA ASN C 294 -20.14 -10.45 10.61
C ASN C 294 -21.16 -11.53 10.22
N ILE C 295 -21.92 -11.27 9.14
CA ILE C 295 -23.03 -12.14 8.79
C ILE C 295 -22.56 -13.41 8.08
N SER C 296 -21.68 -13.26 7.10
CA SER C 296 -21.18 -14.41 6.35
C SER C 296 -19.90 -14.12 5.57
N ARG C 297 -19.00 -15.09 5.54
CA ARG C 297 -17.78 -14.97 4.74
C ARG C 297 -18.11 -15.05 3.25
N ILE C 298 -19.26 -15.63 2.94
CA ILE C 298 -19.74 -15.71 1.56
C ILE C 298 -20.52 -14.45 1.20
N ALA C 299 -19.89 -13.55 0.46
CA ALA C 299 -20.49 -12.28 0.10
C ALA C 299 -20.09 -11.88 -1.32
N VAL C 300 -21.06 -11.46 -2.11
CA VAL C 300 -20.83 -11.10 -3.51
C VAL C 300 -21.37 -9.70 -3.81
N GLY C 301 -20.57 -8.87 -4.47
CA GLY C 301 -20.98 -7.53 -4.84
C GLY C 301 -20.24 -6.46 -4.07
N ASP C 302 -20.87 -5.31 -3.87
CA ASP C 302 -20.24 -4.19 -3.18
C ASP C 302 -20.55 -4.31 -1.68
N CYS C 303 -19.70 -5.05 -0.99
CA CYS C 303 -20.00 -5.50 0.36
C CYS C 303 -19.01 -4.99 1.41
N PRO C 304 -19.46 -4.90 2.67
CA PRO C 304 -18.53 -4.65 3.77
C PRO C 304 -17.59 -5.82 3.94
N ARG C 305 -16.41 -5.59 4.50
CA ARG C 305 -15.45 -6.67 4.68
C ARG C 305 -15.86 -7.55 5.85
N TYR C 306 -15.75 -8.85 5.66
CA TYR C 306 -16.14 -9.80 6.69
C TYR C 306 -15.13 -9.90 7.82
N VAL C 307 -15.62 -9.76 9.05
CA VAL C 307 -14.79 -9.87 10.23
C VAL C 307 -15.45 -10.81 11.23
N LYS C 308 -14.66 -11.27 12.22
CA LYS C 308 -15.17 -12.17 13.25
C LYS C 308 -15.93 -11.43 14.35
N GLN C 309 -15.54 -10.19 14.63
CA GLN C 309 -16.15 -9.44 15.72
C GLN C 309 -17.63 -9.21 15.49
N GLY C 310 -18.41 -9.37 16.56
CA GLY C 310 -19.83 -9.09 16.51
C GLY C 310 -20.13 -7.60 16.59
N SER C 311 -19.18 -6.85 17.12
CA SER C 311 -19.37 -5.41 17.31
C SER C 311 -18.04 -4.68 17.44
N LEU C 312 -17.94 -3.52 16.81
CA LEU C 312 -16.76 -2.67 16.93
C LEU C 312 -17.19 -1.21 16.88
N LYS C 313 -17.19 -0.56 18.04
CA LYS C 313 -17.75 0.78 18.12
C LYS C 313 -16.70 1.87 17.95
N LEU C 314 -16.92 2.70 16.93
CA LEU C 314 -16.09 3.87 16.67
C LEU C 314 -16.57 5.09 17.45
N ALA C 315 -15.69 5.66 18.25
CA ALA C 315 -16.04 6.86 19.02
C ALA C 315 -16.30 8.04 18.10
N THR C 316 -17.43 8.70 18.32
CA THR C 316 -17.81 9.89 17.57
C THR C 316 -18.02 11.08 18.51
N GLY C 317 -17.45 10.97 19.71
CA GLY C 317 -17.57 12.04 20.70
C GLY C 317 -16.51 11.93 21.76
N MET C 318 -16.47 12.92 22.66
CA MET C 318 -15.50 12.94 23.74
C MET C 318 -15.90 11.98 24.85
N ARG C 319 -15.04 11.79 25.83
CA ARG C 319 -15.37 11.00 27.01
C ARG C 319 -16.54 11.60 27.79
N ASN C 320 -17.50 10.75 28.16
CA ASN C 320 -18.68 11.19 28.89
C ASN C 320 -18.46 11.14 30.39
N ILE C 321 -18.42 12.31 31.02
CA ILE C 321 -18.26 12.42 32.47
C ILE C 321 -19.39 13.28 33.05
N PRO C 322 -20.52 12.64 33.37
CA PRO C 322 -21.75 13.37 33.72
C PRO C 322 -21.78 13.93 35.13
N GLU C 323 -22.62 14.96 35.31
CA GLU C 323 -23.17 15.50 36.57
C GLU C 323 -23.09 17.02 36.54
N GLY D 1 -6.96 11.31 28.37
CA GLY D 1 -6.44 12.28 27.43
C GLY D 1 -5.02 12.72 27.73
N LEU D 2 -4.31 13.12 26.68
CA LEU D 2 -2.91 13.56 26.77
C LEU D 2 -2.74 14.92 27.48
N PHE D 3 -3.76 15.76 27.41
CA PHE D 3 -3.67 17.13 27.94
C PHE D 3 -4.23 17.26 29.37
N GLY D 4 -5.00 16.25 29.79
CA GLY D 4 -5.46 16.18 31.17
C GLY D 4 -6.56 17.18 31.50
N ALA D 5 -7.28 17.63 30.48
CA ALA D 5 -8.37 18.57 30.66
C ALA D 5 -9.69 17.85 30.94
N ILE D 6 -10.21 17.17 29.92
CA ILE D 6 -11.39 16.31 30.08
C ILE D 6 -11.03 15.13 30.99
N ALA D 7 -11.86 14.87 32.00
CA ALA D 7 -11.58 13.90 33.06
C ALA D 7 -10.26 14.22 33.77
N GLY D 8 -10.01 15.52 33.94
CA GLY D 8 -8.79 16.03 34.54
C GLY D 8 -9.07 17.22 35.45
N PHE D 9 -8.51 18.39 35.13
CA PHE D 9 -8.76 19.57 35.97
C PHE D 9 -10.17 20.11 35.75
N ILE D 10 -10.78 19.74 34.63
CA ILE D 10 -12.22 19.87 34.48
C ILE D 10 -12.83 18.65 35.15
N GLU D 11 -13.48 18.85 36.28
CA GLU D 11 -13.94 17.73 37.11
C GLU D 11 -14.96 16.85 36.38
N ASN D 12 -15.88 17.49 35.67
CA ASN D 12 -16.88 16.76 34.90
C ASN D 12 -17.47 17.61 33.80
N GLY D 13 -18.31 16.98 32.97
CA GLY D 13 -18.99 17.65 31.89
C GLY D 13 -20.27 18.33 32.33
N TRP D 14 -20.93 18.99 31.38
CA TRP D 14 -22.16 19.72 31.67
C TRP D 14 -23.32 19.14 30.88
N GLN D 15 -24.23 18.47 31.59
CA GLN D 15 -25.39 17.86 30.96
C GLN D 15 -26.35 18.93 30.46
N GLY D 16 -26.19 20.15 30.97
CA GLY D 16 -27.03 21.26 30.57
C GLY D 16 -26.56 21.94 29.30
N LEU D 17 -25.33 21.63 28.88
CA LEU D 17 -24.81 22.18 27.63
C LEU D 17 -25.32 21.30 26.50
N ILE D 18 -26.42 21.70 25.87
CA ILE D 18 -27.10 20.85 24.91
C ILE D 18 -27.04 21.38 23.48
N ASP D 19 -26.41 22.53 23.29
CA ASP D 19 -26.29 23.12 21.96
C ASP D 19 -24.83 23.30 21.58
N GLY D 20 -23.95 22.54 22.22
CA GLY D 20 -22.52 22.60 21.92
C GLY D 20 -21.72 21.52 22.61
N TRP D 21 -20.49 21.33 22.18
CA TRP D 21 -19.58 20.38 22.83
C TRP D 21 -18.75 21.07 23.91
N TYR D 22 -18.42 22.34 23.68
CA TYR D 22 -17.66 23.14 24.63
C TYR D 22 -18.35 24.49 24.83
N GLY D 23 -18.11 25.12 25.97
CA GLY D 23 -18.73 26.40 26.24
C GLY D 23 -18.26 27.13 27.49
N PHE D 24 -19.02 28.15 27.87
CA PHE D 24 -18.68 29.03 28.98
C PHE D 24 -19.74 28.93 30.09
N ARG D 25 -19.28 28.90 31.33
CA ARG D 25 -20.18 29.02 32.47
C ARG D 25 -19.63 30.08 33.41
N HIS D 26 -20.43 31.10 33.69
CA HIS D 26 -19.96 32.26 34.44
C HIS D 26 -20.83 32.60 35.64
N GLN D 27 -20.26 33.36 36.56
CA GLN D 27 -21.01 33.98 37.65
C GLN D 27 -20.53 35.40 37.91
N ASN D 28 -21.43 36.37 37.79
CA ASN D 28 -21.11 37.74 38.12
C ASN D 28 -22.15 38.37 39.04
N ALA D 29 -22.16 39.69 39.10
CA ALA D 29 -23.10 40.42 39.95
C ALA D 29 -24.52 40.29 39.41
N GLU D 30 -24.63 40.12 38.10
CA GLU D 30 -25.94 40.02 37.47
C GLU D 30 -26.53 38.62 37.53
N GLY D 31 -25.68 37.61 37.74
CA GLY D 31 -26.17 36.25 37.81
C GLY D 31 -25.25 35.21 37.19
N THR D 32 -25.84 34.10 36.75
CA THR D 32 -25.09 33.00 36.17
C THR D 32 -25.63 32.62 34.78
N GLY D 33 -24.79 31.99 33.97
CA GLY D 33 -25.19 31.60 32.63
C GLY D 33 -24.30 30.54 31.99
N THR D 34 -24.87 29.81 31.04
CA THR D 34 -24.09 28.85 30.25
C THR D 34 -24.29 29.11 28.76
N ALA D 35 -23.20 29.19 28.02
CA ALA D 35 -23.26 29.43 26.58
C ALA D 35 -22.23 28.60 25.82
N ALA D 36 -22.65 28.01 24.71
CA ALA D 36 -21.78 27.17 23.89
C ALA D 36 -20.74 27.98 23.12
N ASP D 37 -19.57 27.38 22.93
CA ASP D 37 -18.54 27.97 22.06
C ASP D 37 -18.59 27.31 20.68
N LEU D 38 -18.76 28.12 19.65
CA LEU D 38 -18.98 27.62 18.29
C LEU D 38 -17.71 27.08 17.65
N LYS D 39 -16.61 27.82 17.80
CA LYS D 39 -15.39 27.47 17.10
C LYS D 39 -14.77 26.17 17.59
N SER D 40 -14.73 26.00 18.91
CA SER D 40 -14.17 24.78 19.51
C SER D 40 -14.99 23.54 19.18
N THR D 41 -16.32 23.68 19.31
CA THR D 41 -17.24 22.60 18.98
C THR D 41 -17.09 22.16 17.53
N GLN D 42 -17.03 23.14 16.63
CA GLN D 42 -16.95 22.87 15.20
C GLN D 42 -15.63 22.17 14.85
N ALA D 43 -14.56 22.60 15.50
CA ALA D 43 -13.25 22.02 15.27
C ALA D 43 -13.24 20.54 15.63
N ALA D 44 -13.84 20.20 16.77
CA ALA D 44 -13.93 18.82 17.19
C ALA D 44 -14.76 18.02 16.20
N ILE D 45 -15.91 18.58 15.84
CA ILE D 45 -16.85 17.89 14.96
C ILE D 45 -16.25 17.61 13.58
N ASP D 46 -15.59 18.59 12.99
CA ASP D 46 -15.02 18.43 11.65
C ASP D 46 -14.00 17.30 11.57
N GLN D 47 -13.13 17.22 12.58
CA GLN D 47 -12.08 16.22 12.60
C GLN D 47 -12.64 14.81 12.81
N ILE D 48 -13.72 14.70 13.58
CA ILE D 48 -14.38 13.42 13.79
C ILE D 48 -15.08 13.01 12.49
N ASN D 49 -15.66 13.98 11.80
CA ASN D 49 -16.29 13.71 10.50
C ASN D 49 -15.30 13.25 9.45
N GLY D 50 -14.09 13.81 9.49
CA GLY D 50 -13.04 13.39 8.60
C GLY D 50 -12.74 11.90 8.76
N LYS D 51 -12.69 11.45 10.02
CA LYS D 51 -12.49 10.03 10.30
C LYS D 51 -13.61 9.21 9.68
N LEU D 52 -14.84 9.66 9.88
CA LEU D 52 -16.03 8.97 9.38
C LEU D 52 -16.02 8.84 7.87
N ASN D 53 -15.63 9.92 7.19
CA ASN D 53 -15.60 9.90 5.74
C ASN D 53 -14.54 8.96 5.19
N ARG D 54 -13.37 9.00 5.80
CA ARG D 54 -12.26 8.17 5.35
C ARG D 54 -12.54 6.70 5.66
N LEU D 55 -13.27 6.46 6.75
CA LEU D 55 -13.56 5.10 7.20
C LEU D 55 -14.65 4.47 6.36
N ILE D 56 -15.82 5.11 6.36
CA ILE D 56 -16.95 4.67 5.55
C ILE D 56 -16.77 5.16 4.11
N GLU D 57 -15.76 4.61 3.44
CA GLU D 57 -15.29 5.18 2.16
C GLU D 57 -15.34 4.22 0.97
N LYS D 58 -14.54 3.15 1.04
CA LYS D 58 -14.12 2.42 -0.15
C LYS D 58 -14.83 1.08 -0.32
N THR D 59 -14.97 0.66 -1.57
CA THR D 59 -15.95 -0.35 -1.98
C THR D 59 -15.73 -1.78 -1.46
N ASN D 60 -14.57 -2.37 -1.77
CA ASN D 60 -14.40 -3.82 -1.70
C ASN D 60 -15.45 -4.50 -2.58
N ASP D 61 -15.29 -4.38 -3.89
CA ASP D 61 -16.28 -4.86 -4.85
C ASP D 61 -15.82 -6.17 -5.49
N LYS D 62 -16.31 -7.28 -4.97
CA LYS D 62 -15.80 -8.60 -5.36
C LYS D 62 -16.93 -9.50 -5.87
N TYR D 63 -16.64 -10.29 -6.89
CA TYR D 63 -17.64 -11.19 -7.45
C TYR D 63 -17.16 -12.64 -7.47
N HIS D 64 -16.58 -13.09 -8.58
CA HIS D 64 -16.10 -14.47 -8.63
C HIS D 64 -14.89 -14.65 -7.72
N GLN D 65 -15.03 -15.52 -6.73
CA GLN D 65 -13.99 -15.74 -5.74
C GLN D 65 -13.63 -17.22 -5.66
N ILE D 66 -13.82 -17.81 -4.47
CA ILE D 66 -13.61 -19.24 -4.28
C ILE D 66 -14.73 -19.82 -3.43
N GLU D 67 -14.88 -21.14 -3.50
CA GLU D 67 -15.80 -21.83 -2.60
C GLU D 67 -15.31 -21.68 -1.17
N LYS D 68 -16.24 -21.54 -0.22
CA LYS D 68 -15.87 -21.29 1.17
C LYS D 68 -16.63 -22.20 2.13
N GLU D 69 -17.57 -22.95 1.58
CA GLU D 69 -18.31 -23.95 2.35
C GLU D 69 -18.22 -25.32 1.67
N PHE D 70 -18.05 -26.38 2.47
CA PHE D 70 -17.83 -27.71 1.91
C PHE D 70 -18.62 -28.78 2.64
N GLU D 71 -19.28 -29.65 1.88
CA GLU D 71 -20.08 -30.74 2.44
C GLU D 71 -19.19 -31.76 3.14
N GLN D 72 -18.19 -32.24 2.42
CA GLN D 72 -17.29 -33.28 2.91
C GLN D 72 -15.84 -32.89 2.61
N VAL D 73 -14.90 -33.40 3.40
CA VAL D 73 -13.49 -33.14 3.16
C VAL D 73 -13.01 -33.80 1.86
N GLU D 74 -12.09 -33.13 1.15
CA GLU D 74 -11.56 -33.69 -0.08
C GLU D 74 -10.05 -33.90 0.03
N GLY D 75 -9.42 -33.15 0.92
CA GLY D 75 -7.97 -33.21 1.04
C GLY D 75 -7.25 -31.92 0.67
N ARG D 76 -6.14 -32.08 -0.05
CA ARG D 76 -5.14 -31.03 -0.22
C ARG D 76 -5.67 -29.68 -0.69
N ILE D 77 -6.42 -29.70 -1.80
CA ILE D 77 -6.85 -28.44 -2.41
C ILE D 77 -7.90 -27.76 -1.54
N GLN D 78 -8.82 -28.54 -0.98
CA GLN D 78 -9.81 -27.96 -0.09
C GLN D 78 -9.15 -27.39 1.15
N ASP D 79 -8.12 -28.07 1.64
CA ASP D 79 -7.37 -27.58 2.79
C ASP D 79 -6.78 -26.21 2.53
N LEU D 80 -6.26 -26.02 1.33
CA LEU D 80 -5.64 -24.77 0.96
C LEU D 80 -6.68 -23.66 0.85
N GLU D 81 -7.79 -23.96 0.21
CA GLU D 81 -8.89 -22.99 0.09
C GLU D 81 -9.40 -22.55 1.46
N LYS D 82 -9.57 -23.49 2.37
CA LYS D 82 -10.03 -23.18 3.72
C LYS D 82 -8.98 -22.37 4.46
N TYR D 83 -7.72 -22.73 4.26
CA TYR D 83 -6.62 -22.06 4.95
C TYR D 83 -6.49 -20.62 4.44
N VAL D 84 -6.64 -20.44 3.14
CA VAL D 84 -6.57 -19.12 2.53
C VAL D 84 -7.63 -18.18 3.09
N GLU D 85 -8.88 -18.65 3.14
CA GLU D 85 -9.97 -17.82 3.61
C GLU D 85 -9.84 -17.51 5.10
N ASP D 86 -9.48 -18.52 5.89
CA ASP D 86 -9.31 -18.32 7.32
C ASP D 86 -8.19 -17.33 7.62
N THR D 87 -7.11 -17.41 6.83
CA THR D 87 -5.99 -16.49 6.96
C THR D 87 -6.44 -15.07 6.67
N LYS D 88 -7.19 -14.91 5.57
CA LYS D 88 -7.76 -13.62 5.17
C LYS D 88 -8.61 -12.99 6.26
N ILE D 89 -9.52 -13.78 6.83
CA ILE D 89 -10.46 -13.28 7.81
C ILE D 89 -9.75 -12.78 9.06
N ASP D 90 -8.79 -13.55 9.55
CA ASP D 90 -8.05 -13.16 10.74
C ASP D 90 -7.29 -11.85 10.55
N LEU D 91 -6.68 -11.66 9.39
CA LEU D 91 -5.93 -10.44 9.10
C LEU D 91 -6.84 -9.21 9.07
N TRP D 92 -7.99 -9.35 8.42
CA TRP D 92 -8.93 -8.25 8.34
C TRP D 92 -9.59 -7.96 9.68
N SER D 93 -9.87 -9.03 10.44
CA SER D 93 -10.42 -8.86 11.78
C SER D 93 -9.41 -8.13 12.65
N TYR D 94 -8.14 -8.46 12.46
CA TYR D 94 -7.07 -7.75 13.13
C TYR D 94 -7.07 -6.27 12.73
N ASN D 95 -7.14 -6.03 11.43
CA ASN D 95 -7.13 -4.66 10.90
C ASN D 95 -8.26 -3.82 11.49
N ALA D 96 -9.46 -4.39 11.52
CA ALA D 96 -10.61 -3.71 12.07
C ALA D 96 -10.43 -3.42 13.55
N GLU D 97 -9.99 -4.42 14.29
CA GLU D 97 -9.79 -4.30 15.73
C GLU D 97 -8.79 -3.19 16.07
N LEU D 98 -7.69 -3.14 15.33
CA LEU D 98 -6.66 -2.14 15.56
C LEU D 98 -7.14 -0.75 15.13
N LEU D 99 -7.78 -0.70 13.96
CA LEU D 99 -8.26 0.57 13.40
C LEU D 99 -9.16 1.32 14.37
N VAL D 100 -10.16 0.63 14.89
CA VAL D 100 -11.11 1.25 15.80
C VAL D 100 -10.39 1.74 17.05
N ALA D 101 -9.48 0.92 17.57
CA ALA D 101 -8.73 1.26 18.77
C ALA D 101 -7.88 2.51 18.54
N LEU D 102 -7.21 2.57 17.40
CA LEU D 102 -6.38 3.71 17.03
C LEU D 102 -7.21 4.98 16.87
N GLU D 103 -8.31 4.87 16.15
CA GLU D 103 -9.19 6.01 15.93
C GLU D 103 -9.73 6.56 17.26
N ASN D 104 -10.20 5.65 18.11
CA ASN D 104 -10.81 6.04 19.38
C ASN D 104 -9.81 6.72 20.31
N GLN D 105 -8.61 6.15 20.40
CA GLN D 105 -7.54 6.74 21.20
C GLN D 105 -7.22 8.13 20.69
N HIS D 106 -7.23 8.28 19.36
CA HIS D 106 -6.94 9.57 18.75
C HIS D 106 -8.10 10.55 18.93
N THR D 107 -9.32 10.03 18.82
CA THR D 107 -10.52 10.83 18.96
C THR D 107 -10.61 11.47 20.35
N ILE D 108 -10.28 10.67 21.37
CA ILE D 108 -10.31 11.12 22.76
C ILE D 108 -9.25 12.20 23.01
N ASP D 109 -8.07 11.99 22.42
CA ASP D 109 -6.98 12.95 22.53
C ASP D 109 -7.27 14.26 21.78
N VAL D 110 -7.97 14.17 20.65
CA VAL D 110 -8.37 15.36 19.91
C VAL D 110 -9.35 16.21 20.71
N THR D 111 -10.38 15.55 21.23
CA THR D 111 -11.42 16.24 21.99
C THR D 111 -10.89 16.84 23.28
N ASP D 112 -9.99 16.10 23.94
CA ASP D 112 -9.35 16.58 25.13
C ASP D 112 -8.49 17.80 24.77
N SER D 113 -7.83 17.73 23.62
CA SER D 113 -7.02 18.82 23.10
C SER D 113 -7.83 20.09 22.81
N GLU D 114 -8.98 19.92 22.16
CA GLU D 114 -9.84 21.05 21.81
C GLU D 114 -10.38 21.74 23.06
N MET D 115 -10.62 20.95 24.10
CA MET D 115 -10.99 21.49 25.40
C MET D 115 -9.90 22.40 25.95
N ASN D 116 -8.68 21.89 25.93
CA ASN D 116 -7.52 22.61 26.43
C ASN D 116 -7.24 23.88 25.64
N LYS D 117 -7.42 23.81 24.32
CA LYS D 117 -7.21 24.97 23.44
C LYS D 117 -8.13 26.13 23.81
N LEU D 118 -9.38 25.81 24.13
CA LEU D 118 -10.38 26.82 24.50
C LEU D 118 -9.99 27.52 25.80
N PHE D 119 -9.62 26.72 26.80
CA PHE D 119 -9.14 27.24 28.07
C PHE D 119 -7.94 28.16 27.90
N GLU D 120 -7.01 27.74 27.03
CA GLU D 120 -5.80 28.51 26.76
C GLU D 120 -6.12 29.78 25.99
N ARG D 121 -7.10 29.71 25.11
CA ARG D 121 -7.54 30.88 24.37
C ARG D 121 -8.03 31.97 25.31
N VAL D 122 -8.94 31.59 26.20
CA VAL D 122 -9.52 32.53 27.16
C VAL D 122 -8.47 33.04 28.13
N ARG D 123 -7.54 32.17 28.53
CA ARG D 123 -6.44 32.55 29.42
C ARG D 123 -5.64 33.70 28.82
N ARG D 124 -5.37 33.62 27.53
CA ARG D 124 -4.57 34.62 26.83
C ARG D 124 -5.34 35.92 26.62
N GLN D 125 -6.65 35.81 26.46
CA GLN D 125 -7.51 37.00 26.37
C GLN D 125 -7.48 37.83 27.66
N LEU D 126 -7.41 37.13 28.80
CA LEU D 126 -7.60 37.76 30.11
C LEU D 126 -6.32 38.43 30.63
N ARG D 127 -5.17 37.98 30.13
CA ARG D 127 -3.87 38.54 30.52
C ARG D 127 -3.66 38.57 32.02
N GLU D 128 -3.38 39.76 32.55
CA GLU D 128 -3.10 39.94 33.97
C GLU D 128 -4.36 40.27 34.77
N ASN D 129 -5.53 40.18 34.13
CA ASN D 129 -6.79 40.57 34.76
C ASN D 129 -7.46 39.43 35.53
N ALA D 130 -6.95 38.22 35.37
CA ALA D 130 -7.56 37.04 35.98
C ALA D 130 -6.52 36.04 36.46
N GLU D 131 -6.95 35.09 37.30
CA GLU D 131 -6.08 34.02 37.79
C GLU D 131 -6.75 32.64 37.65
N ASP D 132 -5.97 31.65 37.24
CA ASP D 132 -6.46 30.27 37.11
C ASP D 132 -6.80 29.70 38.49
N LYS D 133 -8.05 29.28 38.68
CA LYS D 133 -8.47 28.74 39.97
C LYS D 133 -8.08 27.25 40.09
N GLY D 134 -7.84 26.62 38.95
CA GLY D 134 -7.35 25.24 38.94
C GLY D 134 -8.36 24.23 38.44
N ASN D 135 -9.62 24.65 38.32
CA ASN D 135 -10.68 23.73 37.91
C ASN D 135 -11.26 24.10 36.54
N GLY D 136 -10.47 24.82 35.74
CA GLY D 136 -10.94 25.30 34.46
C GLY D 136 -11.71 26.59 34.60
N CYS D 137 -11.59 27.21 35.77
CA CYS D 137 -12.29 28.46 36.02
C CYS D 137 -11.29 29.58 36.29
N PHE D 138 -11.58 30.77 35.76
CA PHE D 138 -10.76 31.95 36.03
C PHE D 138 -11.48 32.89 37.00
N GLU D 139 -10.78 33.26 38.07
CA GLU D 139 -11.25 34.33 38.93
C GLU D 139 -10.95 35.67 38.29
N ILE D 140 -11.99 36.44 38.02
CA ILE D 140 -11.83 37.72 37.34
C ILE D 140 -11.78 38.82 38.38
N PHE D 141 -10.69 39.58 38.36
CA PHE D 141 -10.42 40.54 39.42
C PHE D 141 -10.89 41.94 39.09
N HIS D 142 -12.00 42.03 38.35
CA HIS D 142 -12.66 43.30 38.11
C HIS D 142 -14.15 43.05 37.89
N LYS D 143 -14.97 44.09 38.05
CA LYS D 143 -16.40 43.98 37.77
C LYS D 143 -16.63 43.59 36.32
N CYS D 144 -17.45 42.56 36.10
CA CYS D 144 -17.68 42.07 34.76
C CYS D 144 -19.16 41.76 34.53
N ASP D 145 -19.86 42.73 33.95
CA ASP D 145 -21.27 42.57 33.66
C ASP D 145 -21.48 41.66 32.45
N ASN D 146 -22.74 41.44 32.08
CA ASN D 146 -23.08 40.52 31.00
C ASN D 146 -22.47 40.90 29.66
N ASN D 147 -22.36 42.22 29.41
CA ASN D 147 -21.70 42.70 28.20
C ASN D 147 -20.21 42.36 28.23
N CYS D 148 -19.62 42.49 29.42
CA CYS D 148 -18.21 42.14 29.63
C CYS D 148 -17.98 40.66 29.38
N ILE D 149 -18.86 39.83 29.94
CA ILE D 149 -18.80 38.39 29.78
C ILE D 149 -18.89 37.97 28.30
N GLU D 150 -19.87 38.54 27.60
CA GLU D 150 -20.06 38.27 26.18
C GLU D 150 -18.83 38.67 25.35
N SER D 151 -18.20 39.77 25.72
CA SER D 151 -17.01 40.24 25.02
C SER D 151 -15.86 39.24 25.16
N ILE D 152 -15.87 38.50 26.25
CA ILE D 152 -14.90 37.43 26.45
C ILE D 152 -15.22 36.25 25.56
N ARG D 153 -16.49 35.85 25.56
CA ARG D 153 -16.95 34.71 24.78
C ARG D 153 -16.83 34.94 23.27
N ASN D 154 -17.04 36.16 22.81
CA ASN D 154 -16.97 36.43 21.39
C ASN D 154 -15.60 37.01 20.96
N GLY D 155 -14.69 37.15 21.92
CA GLY D 155 -13.31 37.49 21.61
C GLY D 155 -12.98 38.96 21.41
N THR D 156 -13.85 39.84 21.88
CA THR D 156 -13.67 41.29 21.74
C THR D 156 -13.20 41.94 23.04
N TYR D 157 -13.09 41.12 24.09
CA TYR D 157 -12.59 41.58 25.39
C TYR D 157 -11.24 42.31 25.28
N ASP D 158 -11.18 43.52 25.82
CA ASP D 158 -9.95 44.31 25.79
C ASP D 158 -9.40 44.43 27.23
N HIS D 159 -8.31 43.73 27.50
CA HIS D 159 -7.75 43.62 28.85
C HIS D 159 -7.25 44.96 29.40
N ASP D 160 -6.81 45.83 28.51
CA ASP D 160 -6.27 47.13 28.90
C ASP D 160 -7.33 48.01 29.57
N ILE D 161 -8.58 47.79 29.21
CA ILE D 161 -9.71 48.52 29.79
C ILE D 161 -9.85 48.31 31.29
N TYR D 162 -9.59 47.08 31.74
CA TYR D 162 -9.82 46.70 33.14
C TYR D 162 -8.53 46.48 33.91
N ARG D 163 -7.39 46.66 33.25
CA ARG D 163 -6.10 46.26 33.79
C ARG D 163 -5.77 46.93 35.13
N ASP D 164 -5.97 48.25 35.21
CA ASP D 164 -5.65 49.00 36.42
C ASP D 164 -6.47 48.51 37.61
N GLU D 165 -7.77 48.38 37.39
CA GLU D 165 -8.70 47.84 38.39
C GLU D 165 -8.29 46.44 38.83
N ALA D 166 -7.95 45.60 37.84
CA ALA D 166 -7.65 44.20 38.08
C ALA D 166 -6.35 44.00 38.85
N ILE D 167 -5.30 44.70 38.43
CA ILE D 167 -3.99 44.60 39.09
C ILE D 167 -4.09 45.03 40.55
N ASN D 168 -4.82 46.12 40.78
CA ASN D 168 -5.00 46.67 42.13
C ASN D 168 -5.72 45.69 43.06
N ASN D 169 -6.72 45.00 42.51
CA ASN D 169 -7.47 44.00 43.27
C ASN D 169 -6.63 42.75 43.55
N ARG D 170 -5.81 42.36 42.58
CA ARG D 170 -4.99 41.16 42.70
C ARG D 170 -3.91 41.27 43.78
N PHE D 171 -3.26 42.43 43.85
CA PHE D 171 -2.04 42.55 44.64
C PHE D 171 -2.15 43.54 45.82
N GLN D 172 -3.38 44.00 46.09
CA GLN D 172 -3.67 44.79 47.28
C GLN D 172 -5.01 44.39 47.88
N GLY E 5 11.92 34.72 49.60
CA GLY E 5 11.68 34.02 48.35
C GLY E 5 12.80 33.06 48.00
N ASN E 6 12.83 31.93 48.69
CA ASN E 6 14.00 31.07 48.68
C ASN E 6 13.73 29.57 48.47
N PRO E 7 12.67 29.02 49.10
CA PRO E 7 12.46 27.59 48.88
C PRO E 7 12.18 27.20 47.42
N VAL E 8 12.50 25.95 47.08
CA VAL E 8 12.30 25.41 45.74
C VAL E 8 11.72 23.99 45.78
N ILE E 9 10.73 23.73 44.91
CA ILE E 9 10.22 22.37 44.73
C ILE E 9 10.33 21.96 43.25
N CYS E 10 10.89 20.77 43.03
CA CYS E 10 11.12 20.29 41.67
C CYS E 10 10.30 19.07 41.31
N MET E 11 9.80 19.08 40.07
CA MET E 11 9.05 17.95 39.55
C MET E 11 9.90 17.13 38.62
N GLY E 12 9.85 15.81 38.81
CA GLY E 12 10.70 14.93 38.04
C GLY E 12 10.19 13.51 37.94
N HIS E 13 11.02 12.66 37.34
CA HIS E 13 10.68 11.27 37.10
C HIS E 13 11.87 10.36 37.38
N HIS E 14 11.62 9.06 37.42
CA HIS E 14 12.65 8.10 37.79
C HIS E 14 13.57 7.76 36.62
N ALA E 15 14.66 7.09 36.92
CA ALA E 15 15.58 6.58 35.90
C ALA E 15 16.39 5.43 36.47
N VAL E 16 16.94 4.60 35.59
CA VAL E 16 17.83 3.53 36.04
C VAL E 16 19.20 3.68 35.38
N ALA E 17 20.17 2.93 35.87
CA ALA E 17 21.53 3.01 35.34
C ALA E 17 21.57 2.59 33.87
N ASN E 18 20.96 1.46 33.57
CA ASN E 18 20.96 0.92 32.22
C ASN E 18 19.58 0.42 31.79
N GLY E 19 19.05 1.03 30.74
CA GLY E 19 17.72 0.71 30.27
C GLY E 19 17.69 -0.26 29.10
N THR E 20 16.58 -0.26 28.36
CA THR E 20 16.40 -1.17 27.24
C THR E 20 16.05 -0.40 25.97
N MET E 21 16.66 -0.79 24.85
CA MET E 21 16.40 -0.14 23.56
C MET E 21 15.12 -0.66 22.90
N VAL E 22 14.28 0.26 22.43
CA VAL E 22 13.08 -0.11 21.70
C VAL E 22 12.94 0.71 20.40
N LYS E 23 12.07 0.24 19.51
CA LYS E 23 11.79 0.94 18.26
C LYS E 23 10.49 1.73 18.36
N THR E 24 10.44 2.87 17.67
CA THR E 24 9.21 3.62 17.51
C THR E 24 9.02 3.88 16.02
N LEU E 25 8.15 4.82 15.68
CA LEU E 25 8.01 5.22 14.28
C LEU E 25 9.22 6.00 13.79
N ALA E 26 9.83 6.78 14.68
CA ALA E 26 10.86 7.74 14.30
C ALA E 26 12.28 7.33 14.73
N ASP E 27 12.42 6.25 15.48
CA ASP E 27 13.73 5.88 16.00
C ASP E 27 13.87 4.38 16.19
N ASP E 28 14.96 3.82 15.66
CA ASP E 28 15.20 2.39 15.74
C ASP E 28 15.78 1.96 17.08
N GLN E 29 16.25 2.94 17.87
CA GLN E 29 16.87 2.65 19.17
C GLN E 29 16.61 3.76 20.19
N VAL E 30 15.57 3.55 21.00
CA VAL E 30 15.23 4.47 22.09
C VAL E 30 15.37 3.76 23.43
N GLU E 31 16.08 4.38 24.37
CA GLU E 31 16.28 3.76 25.68
C GLU E 31 15.11 4.09 26.62
N VAL E 32 14.43 3.04 27.07
CA VAL E 32 13.34 3.17 28.03
C VAL E 32 13.70 2.40 29.29
N VAL E 33 13.03 2.72 30.40
CA VAL E 33 13.36 2.14 31.69
C VAL E 33 13.14 0.63 31.71
N THR E 34 11.95 0.20 31.29
CA THR E 34 11.63 -1.21 31.20
C THR E 34 11.02 -1.56 29.85
N ALA E 35 11.17 -2.83 29.45
CA ALA E 35 10.59 -3.31 28.20
C ALA E 35 10.19 -4.78 28.32
N GLN E 36 9.32 -5.23 27.42
CA GLN E 36 8.87 -6.62 27.43
C GLN E 36 9.02 -7.26 26.06
N GLU E 37 9.62 -8.45 26.02
CA GLU E 37 9.81 -9.16 24.76
C GLU E 37 8.52 -9.83 24.31
N LEU E 38 8.15 -9.60 23.05
CA LEU E 38 6.89 -10.09 22.50
C LEU E 38 7.07 -11.30 21.59
N VAL E 39 8.32 -11.54 21.19
CA VAL E 39 8.63 -12.70 20.36
C VAL E 39 9.20 -13.82 21.20
N GLU E 40 8.56 -14.99 21.15
CA GLU E 40 9.06 -16.16 21.86
C GLU E 40 10.09 -16.89 21.00
N SER E 41 11.32 -16.98 21.50
CA SER E 41 12.39 -17.57 20.73
C SER E 41 12.95 -18.81 21.41
N GLN E 42 12.24 -19.29 22.44
CA GLN E 42 12.62 -20.53 23.11
C GLN E 42 11.52 -21.57 23.02
N ASN E 43 11.91 -22.83 22.76
CA ASN E 43 10.95 -23.92 22.77
C ASN E 43 11.34 -24.99 23.76
N LEU E 44 10.39 -25.86 24.10
CA LEU E 44 10.69 -27.02 24.94
C LEU E 44 11.27 -28.13 24.08
N PRO E 45 12.18 -28.92 24.66
CA PRO E 45 12.82 -30.01 23.90
C PRO E 45 11.93 -31.24 23.81
N GLU E 46 10.65 -31.08 24.13
CA GLU E 46 9.72 -32.19 24.11
C GLU E 46 8.31 -31.74 23.77
N LEU E 47 7.47 -32.69 23.40
CA LEU E 47 6.06 -32.42 23.14
C LEU E 47 5.20 -32.71 24.37
N CYS E 48 4.35 -31.76 24.74
CA CYS E 48 3.45 -31.92 25.89
C CYS E 48 2.20 -32.72 25.55
N PRO E 49 1.96 -33.82 26.29
CA PRO E 49 0.84 -34.73 26.06
C PRO E 49 -0.46 -34.22 26.71
N SER E 50 -0.39 -33.02 27.29
CA SER E 50 -1.53 -32.38 27.93
C SER E 50 -1.55 -30.88 27.65
N PRO E 51 -2.74 -30.29 27.50
CA PRO E 51 -4.07 -30.90 27.60
C PRO E 51 -4.63 -31.43 26.28
N LEU E 52 -3.85 -31.36 25.21
CA LEU E 52 -4.26 -31.91 23.93
C LEU E 52 -3.98 -33.41 23.89
N ARG E 53 -4.75 -34.15 23.11
CA ARG E 53 -4.56 -35.59 23.01
C ARG E 53 -3.65 -35.96 21.85
N LEU E 54 -2.44 -36.41 22.18
CA LEU E 54 -1.45 -36.79 21.18
C LEU E 54 -1.39 -38.29 20.99
N VAL E 55 -1.20 -38.73 19.75
CA VAL E 55 -1.01 -40.14 19.46
C VAL E 55 0.30 -40.35 18.70
N ASP E 56 1.24 -41.08 19.30
CA ASP E 56 2.52 -41.34 18.66
C ASP E 56 2.39 -42.51 17.68
N GLY E 57 2.62 -42.22 16.40
CA GLY E 57 2.57 -43.24 15.37
C GLY E 57 3.80 -44.14 15.41
N GLN E 58 4.85 -43.65 16.05
CA GLN E 58 6.11 -44.38 16.17
C GLN E 58 6.68 -44.79 14.80
N THR E 59 6.81 -46.08 14.55
CA THR E 59 7.40 -46.55 13.29
C THR E 59 6.39 -46.55 12.15
N CYS E 60 5.14 -46.23 12.47
CA CYS E 60 4.10 -46.18 11.45
C CYS E 60 3.65 -44.75 11.15
N ASP E 61 3.69 -44.38 9.88
CA ASP E 61 3.05 -43.15 9.44
C ASP E 61 1.54 -43.38 9.40
N ILE E 62 0.77 -42.31 9.21
CA ILE E 62 -0.68 -42.38 9.33
C ILE E 62 -1.31 -43.20 8.21
N ILE E 63 -0.61 -43.31 7.09
CA ILE E 63 -1.12 -44.10 5.97
C ILE E 63 -1.02 -45.61 6.24
N ASN E 64 0.12 -46.08 6.75
CA ASN E 64 0.28 -47.51 7.04
C ASN E 64 -0.55 -47.89 8.27
N GLY E 65 -0.75 -46.92 9.16
CA GLY E 65 -1.64 -47.08 10.28
C GLY E 65 -3.04 -47.38 9.80
N ALA E 66 -3.47 -46.65 8.78
CA ALA E 66 -4.81 -46.82 8.22
C ALA E 66 -4.94 -48.15 7.46
N LEU E 67 -3.88 -48.55 6.78
CA LEU E 67 -3.89 -49.80 6.03
C LEU E 67 -3.76 -50.99 6.96
N GLY E 68 -3.19 -50.76 8.13
CA GLY E 68 -2.97 -51.83 9.08
C GLY E 68 -1.75 -52.66 8.74
N SER E 69 -0.66 -52.00 8.39
CA SER E 69 0.61 -52.66 8.14
C SER E 69 1.21 -53.26 9.42
N PRO E 70 2.07 -54.27 9.29
CA PRO E 70 2.80 -54.82 10.44
C PRO E 70 3.49 -53.75 11.27
N GLY E 71 3.23 -53.75 12.58
CA GLY E 71 3.84 -52.79 13.47
C GLY E 71 2.92 -51.63 13.83
N CYS E 72 1.75 -51.61 13.20
CA CYS E 72 0.79 -50.51 13.39
C CYS E 72 -0.40 -50.90 14.27
N ASP E 73 -0.38 -52.12 14.79
CA ASP E 73 -1.50 -52.63 15.60
C ASP E 73 -1.79 -51.74 16.81
N HIS E 74 -0.77 -51.03 17.30
CA HIS E 74 -0.90 -50.13 18.43
C HIS E 74 -1.76 -48.91 18.15
N LEU E 75 -2.01 -48.66 16.87
CA LEU E 75 -2.81 -47.51 16.46
C LEU E 75 -4.29 -47.85 16.37
N ASN E 76 -4.62 -49.13 16.55
CA ASN E 76 -6.02 -49.55 16.51
C ASN E 76 -6.86 -48.84 17.55
N GLY E 77 -7.95 -48.22 17.11
CA GLY E 77 -8.89 -47.60 18.02
C GLY E 77 -8.44 -46.23 18.52
N ALA E 78 -7.26 -45.80 18.10
CA ALA E 78 -6.68 -44.55 18.57
C ALA E 78 -7.55 -43.33 18.24
N GLU E 79 -7.54 -42.36 19.16
CA GLU E 79 -8.21 -41.08 18.94
C GLU E 79 -7.22 -39.97 19.27
N TRP E 80 -7.20 -38.91 18.44
CA TRP E 80 -6.21 -37.85 18.62
C TRP E 80 -6.70 -36.47 18.25
N ASP E 81 -6.17 -35.47 18.95
CA ASP E 81 -6.26 -34.10 18.48
C ASP E 81 -5.14 -33.86 17.47
N VAL E 82 -3.96 -34.36 17.81
CA VAL E 82 -2.79 -34.24 16.94
C VAL E 82 -2.09 -35.58 16.81
N PHE E 83 -2.08 -36.12 15.59
CA PHE E 83 -1.34 -37.33 15.30
C PHE E 83 0.14 -36.97 15.13
N ILE E 84 1.01 -37.60 15.92
CA ILE E 84 2.44 -37.34 15.81
C ILE E 84 3.11 -38.36 14.89
N GLU E 85 3.53 -37.89 13.73
CA GLU E 85 4.11 -38.75 12.71
C GLU E 85 5.63 -38.64 12.72
N ARG E 86 6.31 -39.78 12.68
CA ARG E 86 7.75 -39.78 12.83
C ARG E 86 8.50 -39.86 11.50
N PRO E 87 9.53 -39.01 11.34
CA PRO E 87 10.37 -38.98 10.14
C PRO E 87 11.04 -40.33 9.85
N ASN E 88 11.33 -41.10 10.89
CA ASN E 88 12.00 -42.38 10.69
C ASN E 88 11.04 -43.56 10.54
N ALA E 89 9.77 -43.25 10.32
CA ALA E 89 8.77 -44.29 10.04
C ALA E 89 9.16 -45.03 8.77
N VAL E 90 8.94 -46.34 8.75
CA VAL E 90 9.35 -47.16 7.63
C VAL E 90 8.25 -48.09 7.15
N ASP E 91 8.27 -48.42 5.87
CA ASP E 91 7.32 -49.34 5.28
C ASP E 91 7.66 -50.77 5.67
N THR E 92 6.66 -51.54 6.07
CA THR E 92 6.89 -52.89 6.55
C THR E 92 6.01 -53.90 5.82
N CYS E 93 5.54 -53.51 4.64
CA CYS E 93 4.58 -54.32 3.91
C CYS E 93 4.82 -54.26 2.41
N TYR E 94 3.85 -54.75 1.65
CA TYR E 94 3.91 -54.77 0.19
C TYR E 94 4.04 -53.35 -0.35
N PRO E 95 4.96 -53.13 -1.30
CA PRO E 95 5.20 -51.80 -1.85
C PRO E 95 3.94 -51.21 -2.47
N PHE E 96 3.61 -49.99 -2.07
CA PHE E 96 2.39 -49.34 -2.53
C PHE E 96 2.59 -47.86 -2.80
N ASP E 97 1.63 -47.27 -3.51
CA ASP E 97 1.55 -45.82 -3.63
C ASP E 97 0.10 -45.35 -3.51
N VAL E 98 -0.07 -44.04 -3.33
CA VAL E 98 -1.41 -43.46 -3.24
C VAL E 98 -1.53 -42.27 -4.17
N PRO E 99 -2.22 -42.46 -5.30
CA PRO E 99 -2.45 -41.45 -6.35
C PRO E 99 -2.70 -40.05 -5.80
N GLU E 100 -3.54 -39.93 -4.78
CA GLU E 100 -3.73 -38.66 -4.10
C GLU E 100 -3.27 -38.73 -2.65
N TYR E 101 -2.01 -39.11 -2.46
CA TYR E 101 -1.45 -39.42 -1.15
C TYR E 101 -1.74 -38.35 -0.11
N GLN E 102 -1.33 -37.12 -0.39
CA GLN E 102 -1.47 -36.04 0.57
C GLN E 102 -2.94 -35.78 0.91
N SER E 103 -3.82 -36.04 -0.05
CA SER E 103 -5.26 -35.85 0.18
C SER E 103 -5.82 -36.89 1.13
N LEU E 104 -5.39 -38.14 0.97
CA LEU E 104 -5.81 -39.22 1.86
C LEU E 104 -5.24 -39.02 3.26
N ARG E 105 -3.97 -38.63 3.33
CA ARG E 105 -3.31 -38.36 4.59
C ARG E 105 -4.01 -37.25 5.35
N SER E 106 -4.42 -36.22 4.62
CA SER E 106 -5.15 -35.11 5.22
C SER E 106 -6.46 -35.58 5.84
N ILE E 107 -7.21 -36.38 5.08
CA ILE E 107 -8.52 -36.84 5.54
C ILE E 107 -8.40 -37.64 6.82
N LEU E 108 -7.48 -38.60 6.84
CA LEU E 108 -7.28 -39.45 8.01
C LEU E 108 -6.88 -38.62 9.22
N ALA E 109 -5.96 -37.68 9.01
CA ALA E 109 -5.44 -36.86 10.10
C ALA E 109 -6.51 -35.93 10.64
N ASN E 110 -7.27 -35.33 9.73
CA ASN E 110 -8.31 -34.38 10.08
C ASN E 110 -9.46 -35.06 10.81
N ASN E 111 -9.80 -36.27 10.37
CA ASN E 111 -10.89 -37.05 10.96
C ASN E 111 -10.65 -37.29 12.44
N GLY E 112 -9.42 -37.66 12.79
CA GLY E 112 -9.01 -37.72 14.19
C GLY E 112 -9.26 -39.01 14.96
N LYS E 113 -9.52 -40.10 14.26
CA LYS E 113 -9.70 -41.40 14.93
C LYS E 113 -9.55 -42.57 13.97
N PHE E 114 -9.14 -43.71 14.51
CA PHE E 114 -9.10 -44.96 13.75
C PHE E 114 -10.15 -45.94 14.26
N GLU E 115 -11.42 -45.68 13.95
CA GLU E 115 -12.48 -46.58 14.36
C GLU E 115 -12.93 -47.44 13.18
N PHE E 116 -12.40 -48.66 13.10
CA PHE E 116 -12.67 -49.55 11.98
C PHE E 116 -13.87 -50.46 12.25
N ILE E 117 -14.79 -50.49 11.31
CA ILE E 117 -15.98 -51.34 11.42
C ILE E 117 -15.89 -52.47 10.41
N ALA E 118 -15.56 -53.67 10.88
CA ALA E 118 -15.46 -54.84 10.02
C ALA E 118 -16.82 -55.18 9.39
N GLU E 119 -16.78 -55.64 8.15
CA GLU E 119 -17.98 -56.09 7.44
C GLU E 119 -17.68 -57.39 6.69
N GLU E 120 -18.70 -58.22 6.52
CA GLU E 120 -18.55 -59.45 5.75
C GLU E 120 -18.88 -59.21 4.29
N PHE E 121 -17.89 -59.38 3.41
CA PHE E 121 -18.09 -59.28 1.97
C PHE E 121 -18.23 -60.68 1.37
N GLN E 122 -19.41 -60.97 0.83
CA GLN E 122 -19.66 -62.27 0.24
C GLN E 122 -19.05 -62.40 -1.15
N TRP E 123 -17.72 -62.46 -1.22
CA TRP E 123 -17.04 -62.64 -2.49
C TRP E 123 -17.34 -64.03 -3.04
N ASN E 124 -17.37 -64.13 -4.36
CA ASN E 124 -17.78 -65.36 -5.02
C ASN E 124 -16.61 -66.13 -5.63
N THR E 125 -16.54 -67.42 -5.31
CA THR E 125 -15.59 -68.35 -5.93
C THR E 125 -14.12 -68.07 -5.61
N VAL E 126 -13.72 -66.80 -5.69
CA VAL E 126 -12.34 -66.41 -5.49
C VAL E 126 -11.81 -66.74 -4.10
N LYS E 127 -10.51 -66.98 -4.02
CA LYS E 127 -9.82 -67.16 -2.74
C LYS E 127 -9.59 -65.82 -2.06
N GLN E 128 -9.68 -65.80 -0.74
CA GLN E 128 -9.44 -64.57 0.01
C GLN E 128 -8.13 -64.66 0.80
N ASN E 129 -7.79 -63.55 1.45
CA ASN E 129 -6.66 -63.50 2.39
C ASN E 129 -5.31 -63.85 1.77
N GLY E 130 -5.10 -63.41 0.53
CA GLY E 130 -3.78 -63.54 -0.09
C GLY E 130 -2.71 -62.83 0.72
N LYS E 131 -1.53 -63.44 0.80
CA LYS E 131 -0.43 -62.86 1.57
C LYS E 131 0.84 -62.75 0.74
N SER E 132 1.88 -62.14 1.30
CA SER E 132 3.10 -61.87 0.55
C SER E 132 4.34 -61.83 1.43
N GLY E 133 5.49 -62.17 0.85
CA GLY E 133 6.75 -62.16 1.55
C GLY E 133 7.26 -60.77 1.84
N ALA E 134 6.74 -59.79 1.11
CA ALA E 134 7.11 -58.40 1.32
C ALA E 134 6.46 -57.86 2.58
N CYS E 135 5.45 -58.58 3.06
CA CYS E 135 4.66 -58.13 4.20
C CYS E 135 4.56 -59.21 5.26
N LYS E 136 5.69 -59.60 5.83
CA LYS E 136 5.74 -60.71 6.78
C LYS E 136 5.25 -60.30 8.16
N ARG E 137 4.57 -61.21 8.83
CA ARG E 137 4.23 -61.02 10.25
C ARG E 137 4.73 -62.20 11.07
N ALA E 138 5.77 -61.98 11.88
CA ALA E 138 6.42 -63.05 12.64
C ALA E 138 6.85 -64.20 11.74
N ASN E 139 7.65 -63.88 10.72
CA ASN E 139 8.20 -64.87 9.78
C ASN E 139 7.16 -65.57 8.90
N VAL E 140 5.90 -65.18 9.06
CA VAL E 140 4.84 -65.69 8.22
C VAL E 140 4.43 -64.62 7.23
N ASN E 141 4.33 -64.99 5.97
CA ASN E 141 3.79 -64.11 4.93
C ASN E 141 2.42 -63.57 5.35
N ASP E 142 2.25 -62.25 5.26
CA ASP E 142 0.99 -61.65 5.65
C ASP E 142 0.66 -60.48 4.72
N PHE E 143 -0.20 -59.58 5.19
CA PHE E 143 -0.70 -58.48 4.37
C PHE E 143 -1.27 -57.39 5.25
N PHE E 144 -1.71 -56.30 4.64
CA PHE E 144 -2.44 -55.25 5.35
C PHE E 144 -3.66 -55.88 6.01
N ASN E 145 -3.82 -55.69 7.31
CA ASN E 145 -4.89 -56.36 8.04
C ASN E 145 -6.25 -55.68 7.89
N ARG E 146 -6.27 -54.56 7.15
CA ARG E 146 -7.52 -53.89 6.81
C ARG E 146 -7.93 -54.23 5.37
N LEU E 147 -7.02 -54.86 4.64
CA LEU E 147 -7.24 -55.18 3.23
C LEU E 147 -7.37 -56.68 3.01
N ASN E 148 -8.01 -57.07 1.91
CA ASN E 148 -8.26 -58.47 1.62
C ASN E 148 -7.85 -58.80 0.18
N TRP E 149 -6.75 -59.50 0.02
CA TRP E 149 -6.21 -59.80 -1.30
C TRP E 149 -6.98 -60.95 -1.96
N LEU E 150 -7.78 -60.62 -2.95
CA LEU E 150 -8.54 -61.62 -3.69
C LEU E 150 -7.72 -62.20 -4.83
N VAL E 151 -7.72 -63.53 -4.94
CA VAL E 151 -7.05 -64.20 -6.04
C VAL E 151 -7.95 -65.28 -6.62
N LYS E 152 -7.52 -65.89 -7.72
CA LYS E 152 -8.36 -66.88 -8.41
C LYS E 152 -8.53 -68.15 -7.58
N SER E 153 -9.63 -68.85 -7.82
CA SER E 153 -9.90 -70.11 -7.14
C SER E 153 -8.89 -71.18 -7.53
N ASP E 154 -8.93 -72.31 -6.83
CA ASP E 154 -8.11 -73.47 -7.18
C ASP E 154 -8.54 -74.03 -8.52
N GLY E 155 -9.80 -73.78 -8.87
CA GLY E 155 -10.35 -74.16 -10.15
C GLY E 155 -10.01 -73.18 -11.25
N ASN E 156 -9.01 -72.33 -11.00
CA ASN E 156 -8.53 -71.36 -11.98
C ASN E 156 -9.64 -70.44 -12.47
N ALA E 157 -10.50 -70.00 -11.55
CA ALA E 157 -11.61 -69.13 -11.91
C ALA E 157 -11.60 -67.81 -11.15
N TYR E 158 -11.80 -66.71 -11.87
CA TYR E 158 -12.01 -65.41 -11.25
C TYR E 158 -13.22 -64.75 -11.91
N PRO E 159 -14.42 -65.09 -11.44
CA PRO E 159 -15.65 -64.53 -12.01
C PRO E 159 -15.87 -63.07 -11.62
N LEU E 160 -16.59 -62.34 -12.47
CA LEU E 160 -16.96 -60.95 -12.22
C LEU E 160 -17.55 -60.77 -10.81
N GLN E 161 -16.97 -59.86 -10.04
CA GLN E 161 -17.47 -59.57 -8.71
C GLN E 161 -18.41 -58.37 -8.75
N ASN E 162 -19.46 -58.43 -7.94
CA ASN E 162 -20.60 -57.53 -8.07
C ASN E 162 -21.30 -57.41 -6.73
N LEU E 163 -20.74 -56.61 -5.84
CA LEU E 163 -21.18 -56.58 -4.45
C LEU E 163 -21.58 -55.17 -4.03
N THR E 164 -22.55 -55.07 -3.12
CA THR E 164 -23.08 -53.77 -2.70
C THR E 164 -23.15 -53.66 -1.18
N LYS E 165 -22.71 -52.51 -0.66
CA LYS E 165 -22.85 -52.19 0.74
C LYS E 165 -23.68 -50.92 0.89
N ILE E 166 -24.81 -51.03 1.58
CA ILE E 166 -25.70 -49.89 1.76
C ILE E 166 -25.45 -49.21 3.10
N ASN E 167 -25.50 -47.89 3.10
CA ASN E 167 -25.26 -47.12 4.32
C ASN E 167 -26.54 -46.48 4.85
N ASN E 168 -27.15 -47.10 5.85
CA ASN E 168 -28.24 -46.46 6.58
C ASN E 168 -27.88 -46.26 8.05
N GLY E 169 -26.61 -46.01 8.30
CA GLY E 169 -26.17 -45.53 9.59
C GLY E 169 -26.28 -44.01 9.66
N ASP E 170 -25.86 -43.43 10.77
CA ASP E 170 -25.95 -41.99 10.95
C ASP E 170 -24.57 -41.34 10.83
N TYR E 171 -23.67 -42.00 10.11
CA TYR E 171 -22.33 -41.48 9.93
C TYR E 171 -21.80 -41.82 8.54
N ALA E 172 -20.92 -40.97 8.03
CA ALA E 172 -20.30 -41.21 6.73
C ALA E 172 -19.25 -42.30 6.84
N ARG E 173 -19.12 -43.12 5.81
CA ARG E 173 -18.20 -44.25 5.84
C ARG E 173 -17.00 -44.05 4.92
N LEU E 174 -15.81 -44.39 5.41
CA LEU E 174 -14.62 -44.33 4.58
C LEU E 174 -14.13 -45.74 4.22
N TYR E 175 -14.27 -46.10 2.94
CA TYR E 175 -13.77 -47.37 2.44
C TYR E 175 -12.42 -47.18 1.77
N ILE E 176 -11.41 -47.89 2.25
CA ILE E 176 -10.11 -47.85 1.62
C ILE E 176 -9.86 -49.15 0.86
N TRP E 177 -9.51 -49.02 -0.42
CA TRP E 177 -9.33 -50.18 -1.28
C TRP E 177 -8.22 -49.92 -2.29
N GLY E 178 -7.73 -50.98 -2.92
CA GLY E 178 -6.61 -50.84 -3.81
C GLY E 178 -6.67 -51.71 -5.05
N VAL E 179 -5.76 -51.44 -5.97
CA VAL E 179 -5.63 -52.21 -7.20
C VAL E 179 -4.20 -52.71 -7.33
N HIS E 180 -4.05 -53.99 -7.62
CA HIS E 180 -2.73 -54.59 -7.74
C HIS E 180 -2.18 -54.52 -9.17
N HIS E 181 -0.93 -54.08 -9.29
CA HIS E 181 -0.25 -54.05 -10.58
C HIS E 181 0.81 -55.13 -10.64
N PRO E 182 0.54 -56.22 -11.37
CA PRO E 182 1.50 -57.32 -11.52
C PRO E 182 2.74 -56.92 -12.31
N SER E 183 3.83 -57.65 -12.13
CA SER E 183 5.07 -57.37 -12.83
C SER E 183 5.05 -57.89 -14.27
N THR E 184 4.43 -59.05 -14.47
CA THR E 184 4.41 -59.69 -15.78
C THR E 184 3.03 -60.24 -16.12
N ASP E 185 2.83 -60.56 -17.39
CA ASP E 185 1.60 -61.20 -17.83
C ASP E 185 1.40 -62.53 -17.09
N THR E 186 2.50 -63.22 -16.84
CA THR E 186 2.47 -64.48 -16.11
C THR E 186 1.90 -64.28 -14.71
N GLU E 187 2.45 -63.30 -13.99
CA GLU E 187 1.97 -62.98 -12.64
C GLU E 187 0.50 -62.57 -12.65
N GLN E 188 0.10 -61.84 -13.70
CA GLN E 188 -1.29 -61.44 -13.88
C GLN E 188 -2.22 -62.66 -13.94
N THR E 189 -1.92 -63.57 -14.85
CA THR E 189 -2.73 -64.79 -15.01
C THR E 189 -2.63 -65.72 -13.82
N ASN E 190 -1.41 -65.90 -13.30
CA ASN E 190 -1.18 -66.76 -12.16
C ASN E 190 -1.97 -66.31 -10.93
N LEU E 191 -2.26 -65.02 -10.86
CA LEU E 191 -2.98 -64.47 -9.71
C LEU E 191 -4.47 -64.34 -9.96
N TYR E 192 -4.84 -63.85 -11.13
CA TYR E 192 -6.23 -63.44 -11.36
C TYR E 192 -6.88 -64.08 -12.58
N LYS E 193 -6.22 -65.08 -13.17
CA LYS E 193 -6.73 -65.76 -14.36
C LYS E 193 -6.91 -64.78 -15.51
N ASN E 194 -7.94 -63.94 -15.41
CA ASN E 194 -8.25 -62.98 -16.45
C ASN E 194 -7.10 -62.01 -16.77
N ASN E 195 -7.09 -61.54 -18.00
CA ASN E 195 -6.10 -60.54 -18.43
C ASN E 195 -6.69 -59.72 -19.56
N PRO E 196 -6.89 -58.42 -19.32
CA PRO E 196 -6.52 -57.67 -18.11
C PRO E 196 -7.54 -57.77 -16.98
N GLY E 197 -7.14 -57.29 -15.79
CA GLY E 197 -8.06 -57.16 -14.69
C GLY E 197 -8.86 -55.88 -14.82
N GLY E 198 -9.41 -55.40 -13.71
CA GLY E 198 -10.16 -54.16 -13.74
C GLY E 198 -11.02 -53.96 -12.51
N VAL E 199 -11.10 -52.71 -12.05
CA VAL E 199 -11.87 -52.40 -10.86
C VAL E 199 -12.75 -51.19 -11.11
N THR E 200 -14.00 -51.26 -10.64
CA THR E 200 -14.86 -50.09 -10.66
C THR E 200 -15.62 -49.97 -9.33
N VAL E 201 -15.35 -48.89 -8.62
CA VAL E 201 -16.02 -48.63 -7.35
C VAL E 201 -16.83 -47.34 -7.45
N SER E 202 -18.11 -47.40 -7.12
CA SER E 202 -19.00 -46.28 -7.37
C SER E 202 -20.07 -46.09 -6.29
N THR E 203 -20.47 -44.83 -6.11
CA THR E 203 -21.62 -44.51 -5.29
C THR E 203 -22.73 -44.02 -6.22
N LYS E 204 -23.78 -43.43 -5.65
CA LYS E 204 -24.87 -42.92 -6.48
C LYS E 204 -24.39 -41.77 -7.36
N THR E 205 -23.46 -40.98 -6.85
CA THR E 205 -23.07 -39.74 -7.51
C THR E 205 -21.58 -39.66 -7.84
N SER E 206 -20.81 -40.66 -7.42
CA SER E 206 -19.38 -40.66 -7.69
C SER E 206 -18.87 -42.04 -8.08
N GLN E 207 -17.71 -42.08 -8.72
CA GLN E 207 -17.12 -43.34 -9.14
C GLN E 207 -15.61 -43.24 -9.36
N THR E 208 -14.94 -44.38 -9.28
CA THR E 208 -13.54 -44.49 -9.64
C THR E 208 -13.30 -45.78 -10.39
N SER E 209 -12.70 -45.68 -11.58
CA SER E 209 -12.42 -46.87 -12.38
C SER E 209 -10.93 -46.98 -12.66
N VAL E 210 -10.38 -48.16 -12.43
CA VAL E 210 -8.94 -48.38 -12.60
C VAL E 210 -8.64 -49.63 -13.38
N VAL E 211 -7.81 -49.47 -14.41
CA VAL E 211 -7.28 -50.59 -15.17
C VAL E 211 -5.83 -50.85 -14.74
N PRO E 212 -5.50 -52.11 -14.41
CA PRO E 212 -4.16 -52.46 -13.96
C PRO E 212 -3.08 -52.15 -14.98
N ASN E 213 -1.87 -51.90 -14.51
CA ASN E 213 -0.75 -51.60 -15.40
C ASN E 213 0.39 -52.57 -15.19
N ILE E 214 0.54 -53.49 -16.13
CA ILE E 214 1.53 -54.55 -16.00
C ILE E 214 2.91 -54.11 -16.47
N GLY E 215 3.91 -54.31 -15.61
CA GLY E 215 5.27 -53.93 -15.92
C GLY E 215 6.20 -54.06 -14.73
N SER E 216 7.50 -54.04 -15.00
CA SER E 216 8.52 -54.17 -13.96
C SER E 216 8.80 -52.86 -13.24
N ARG E 217 8.61 -52.87 -11.92
CA ARG E 217 9.04 -51.77 -11.05
C ARG E 217 10.29 -52.20 -10.30
N PRO E 218 11.00 -51.24 -9.65
CA PRO E 218 12.16 -51.63 -8.86
C PRO E 218 11.82 -52.63 -7.76
N LEU E 219 12.77 -53.49 -7.43
CA LEU E 219 12.53 -54.50 -6.40
C LEU E 219 12.47 -53.85 -5.03
N VAL E 220 11.32 -53.99 -4.37
CA VAL E 220 11.17 -53.54 -2.99
C VAL E 220 10.66 -54.69 -2.15
N ARG E 221 11.48 -55.12 -1.19
CA ARG E 221 11.19 -56.30 -0.38
C ARG E 221 10.86 -57.51 -1.24
N GLY E 222 11.58 -57.67 -2.34
CA GLY E 222 11.44 -58.83 -3.19
C GLY E 222 10.25 -58.82 -4.13
N GLN E 223 9.73 -57.63 -4.42
CA GLN E 223 8.55 -57.52 -5.27
C GLN E 223 8.71 -56.46 -6.35
N SER E 224 8.28 -56.80 -7.56
CA SER E 224 8.28 -55.86 -8.68
C SER E 224 6.89 -55.29 -8.90
N GLY E 225 5.89 -55.92 -8.28
CA GLY E 225 4.54 -55.42 -8.38
C GLY E 225 4.27 -54.26 -7.44
N ARG E 226 3.15 -53.57 -7.66
CA ARG E 226 2.76 -52.46 -6.79
C ARG E 226 1.26 -52.50 -6.53
N VAL E 227 0.85 -51.97 -5.38
CA VAL E 227 -0.56 -51.73 -5.12
C VAL E 227 -0.85 -50.25 -5.05
N SER E 228 -1.82 -49.79 -5.82
CA SER E 228 -2.23 -48.40 -5.75
C SER E 228 -3.52 -48.32 -4.95
N PHE E 229 -3.51 -47.54 -3.88
CA PHE E 229 -4.68 -47.45 -3.01
C PHE E 229 -5.57 -46.26 -3.34
N TYR E 230 -6.87 -46.48 -3.20
CA TYR E 230 -7.86 -45.45 -3.44
C TYR E 230 -8.83 -45.43 -2.28
N TRP E 231 -9.71 -44.43 -2.24
CA TRP E 231 -10.74 -44.42 -1.22
C TRP E 231 -12.07 -43.92 -1.77
N THR E 232 -13.13 -44.31 -1.07
CA THR E 232 -14.47 -43.86 -1.40
C THR E 232 -15.23 -43.55 -0.12
N ILE E 233 -15.83 -42.36 -0.09
CA ILE E 233 -16.64 -41.97 1.06
C ILE E 233 -18.11 -42.20 0.75
N VAL E 234 -18.82 -42.87 1.66
CA VAL E 234 -20.22 -43.18 1.45
C VAL E 234 -21.07 -42.52 2.52
N GLU E 235 -21.83 -41.51 2.13
CA GLU E 235 -22.67 -40.76 3.05
C GLU E 235 -23.88 -41.59 3.47
N PRO E 236 -24.50 -41.24 4.61
CA PRO E 236 -25.76 -41.87 4.98
C PRO E 236 -26.82 -41.66 3.91
N GLY E 237 -27.51 -42.74 3.54
CA GLY E 237 -28.52 -42.68 2.51
C GLY E 237 -27.93 -42.96 1.15
N ASP E 238 -26.64 -43.27 1.15
CA ASP E 238 -25.94 -43.64 -0.07
C ASP E 238 -25.46 -45.08 0.05
N LEU E 239 -24.88 -45.60 -1.03
CA LEU E 239 -24.38 -46.96 -1.02
C LEU E 239 -23.20 -47.08 -1.98
N ILE E 240 -22.38 -48.12 -1.79
CA ILE E 240 -21.17 -48.30 -2.58
C ILE E 240 -21.20 -49.64 -3.30
N VAL E 241 -20.73 -49.66 -4.54
CA VAL E 241 -20.71 -50.89 -5.33
C VAL E 241 -19.32 -51.26 -5.83
N PHE E 242 -18.87 -52.45 -5.46
CA PHE E 242 -17.58 -52.94 -5.93
C PHE E 242 -17.75 -53.84 -7.14
N ASN E 243 -16.97 -53.57 -8.19
CA ASN E 243 -17.08 -54.28 -9.45
C ASN E 243 -15.69 -54.67 -9.95
N THR E 244 -15.45 -55.97 -10.12
CA THR E 244 -14.09 -56.43 -10.43
C THR E 244 -14.02 -57.69 -11.29
N ILE E 245 -13.08 -57.69 -12.23
CA ILE E 245 -12.75 -58.89 -12.99
C ILE E 245 -11.29 -59.28 -12.75
N GLY E 246 -10.69 -58.71 -11.71
CA GLY E 246 -9.33 -59.02 -11.33
C GLY E 246 -8.58 -57.87 -10.66
N ASN E 247 -7.58 -58.24 -9.85
CA ASN E 247 -6.59 -57.30 -9.29
C ASN E 247 -7.09 -56.41 -8.15
N LEU E 248 -8.31 -56.66 -7.66
CA LEU E 248 -8.84 -55.87 -6.55
C LEU E 248 -8.18 -56.23 -5.22
N ILE E 249 -7.74 -55.20 -4.50
CA ILE E 249 -7.37 -55.38 -3.11
C ILE E 249 -8.54 -54.88 -2.28
N ALA E 250 -9.38 -55.79 -1.83
CA ALA E 250 -10.67 -55.45 -1.25
C ALA E 250 -10.56 -54.99 0.20
N PRO E 251 -11.49 -54.12 0.64
CA PRO E 251 -11.55 -53.72 2.05
C PRO E 251 -12.20 -54.80 2.92
N ARG E 252 -11.89 -54.78 4.22
CA ARG E 252 -12.53 -55.71 5.16
C ARG E 252 -13.61 -55.00 5.97
N GLY E 253 -13.92 -53.76 5.56
CA GLY E 253 -14.87 -52.93 6.27
C GLY E 253 -14.60 -51.46 6.00
N HIS E 254 -15.03 -50.60 6.91
CA HIS E 254 -14.87 -49.17 6.72
C HIS E 254 -14.46 -48.47 8.02
N TYR E 255 -13.87 -47.30 7.87
CA TYR E 255 -13.60 -46.44 9.02
C TYR E 255 -14.77 -45.50 9.27
N LYS E 256 -15.03 -45.19 10.53
CA LYS E 256 -16.05 -44.21 10.88
C LYS E 256 -15.50 -42.80 10.71
N LEU E 257 -16.28 -41.94 10.06
CA LEU E 257 -15.92 -40.53 9.97
C LEU E 257 -16.75 -39.72 10.94
N ASN E 258 -16.07 -38.94 11.79
CA ASN E 258 -16.74 -37.95 12.60
C ASN E 258 -17.43 -36.92 11.71
N ASN E 259 -18.59 -36.44 12.14
CA ASN E 259 -19.25 -35.37 11.40
C ASN E 259 -18.40 -34.11 11.44
N GLN E 260 -17.98 -33.74 12.65
CA GLN E 260 -17.10 -32.60 12.83
C GLN E 260 -15.66 -33.08 12.89
N LYS E 261 -14.82 -32.57 11.99
CA LYS E 261 -13.44 -32.99 11.92
C LYS E 261 -12.51 -31.88 12.38
N LYS E 262 -11.88 -32.10 13.53
CA LYS E 262 -11.16 -31.04 14.22
C LYS E 262 -9.68 -31.32 14.41
N SER E 263 -9.23 -32.47 13.94
CA SER E 263 -7.88 -32.93 14.26
C SER E 263 -6.89 -32.62 13.15
N THR E 264 -5.63 -32.97 13.37
CA THR E 264 -4.57 -32.75 12.40
C THR E 264 -3.36 -33.64 12.68
N ILE E 265 -2.29 -33.42 11.91
CA ILE E 265 -1.09 -34.25 12.03
C ILE E 265 0.14 -33.36 12.13
N LEU E 266 1.13 -33.81 12.89
CA LEU E 266 2.38 -33.07 13.06
C LEU E 266 3.56 -34.01 12.87
N ASN E 267 4.33 -33.77 11.83
CA ASN E 267 5.50 -34.62 11.56
C ASN E 267 6.76 -34.06 12.21
N THR E 268 7.28 -34.80 13.17
CA THR E 268 8.43 -34.35 13.94
C THR E 268 9.08 -35.53 14.66
N ALA E 269 10.36 -35.39 14.97
CA ALA E 269 11.10 -36.44 15.67
C ALA E 269 11.18 -36.16 17.16
N ILE E 270 10.63 -35.01 17.56
CA ILE E 270 10.68 -34.58 18.95
C ILE E 270 9.89 -35.53 19.85
N PRO E 271 10.50 -35.96 20.95
CA PRO E 271 9.87 -36.93 21.84
C PRO E 271 8.78 -36.31 22.70
N ILE E 272 7.79 -37.12 23.09
CA ILE E 272 6.71 -36.69 23.97
C ILE E 272 7.16 -36.75 25.42
N GLY E 273 6.88 -35.70 26.19
CA GLY E 273 7.35 -35.64 27.56
C GLY E 273 6.26 -35.64 28.62
N SER E 274 6.43 -34.81 29.64
CA SER E 274 5.54 -34.79 30.78
C SER E 274 5.07 -33.37 31.10
N CYS E 275 5.42 -32.43 30.24
CA CYS E 275 5.05 -31.03 30.43
C CYS E 275 3.61 -30.78 30.01
N VAL E 276 3.09 -29.60 30.34
CA VAL E 276 1.75 -29.20 29.92
C VAL E 276 1.78 -27.98 29.00
N SER E 277 1.26 -28.14 27.79
CA SER E 277 1.21 -27.05 26.83
C SER E 277 0.17 -27.32 25.75
N LYS E 278 -0.46 -26.25 25.24
CA LYS E 278 -1.47 -26.39 24.19
C LYS E 278 -0.93 -25.89 22.84
N CYS E 279 0.37 -25.59 22.79
CA CYS E 279 1.01 -25.14 21.55
C CYS E 279 2.15 -26.05 21.16
N HIS E 280 2.06 -26.64 19.97
CA HIS E 280 3.08 -27.58 19.51
C HIS E 280 3.68 -27.18 18.17
N THR E 281 5.01 -27.11 18.13
CA THR E 281 5.72 -26.96 16.87
C THR E 281 6.48 -28.24 16.51
N ASP E 282 7.04 -28.28 15.29
CA ASP E 282 7.86 -29.41 14.86
C ASP E 282 9.22 -29.38 15.56
N LYS E 283 9.48 -28.32 16.32
CA LYS E 283 10.70 -28.18 17.09
C LYS E 283 10.47 -28.50 18.58
N GLY E 284 9.21 -28.72 18.93
CA GLY E 284 8.83 -28.94 20.31
C GLY E 284 7.75 -27.98 20.75
N SER E 285 7.14 -28.25 21.90
CA SER E 285 6.04 -27.42 22.40
C SER E 285 6.53 -26.06 22.90
N LEU E 286 5.62 -25.10 22.91
CA LEU E 286 5.90 -23.77 23.47
C LEU E 286 5.14 -23.55 24.78
N SER E 287 5.81 -22.91 25.74
CA SER E 287 5.16 -22.55 27.00
C SER E 287 5.43 -21.07 27.24
N THR E 288 4.52 -20.22 26.76
CA THR E 288 4.74 -18.79 26.72
C THR E 288 3.42 -18.02 26.66
N THR E 289 3.48 -16.75 27.02
CA THR E 289 2.30 -15.91 26.92
C THR E 289 2.48 -14.89 25.81
N LYS E 290 3.70 -14.80 25.28
CA LYS E 290 4.02 -13.83 24.23
C LYS E 290 3.13 -14.00 23.01
N PRO E 291 2.79 -12.88 22.35
CA PRO E 291 1.85 -12.91 21.23
C PRO E 291 2.49 -13.44 19.95
N PHE E 292 3.82 -13.45 19.92
CA PHE E 292 4.53 -13.88 18.71
C PHE E 292 5.60 -14.92 19.02
N GLN E 293 6.02 -15.63 17.97
CA GLN E 293 7.10 -16.60 18.09
C GLN E 293 7.86 -16.70 16.76
N ASN E 294 9.15 -16.98 16.84
CA ASN E 294 9.97 -17.10 15.64
C ASN E 294 10.55 -18.51 15.47
N ILE E 295 9.98 -19.47 16.19
CA ILE E 295 10.56 -20.80 16.25
C ILE E 295 10.24 -21.65 15.02
N SER E 296 8.99 -21.64 14.59
CA SER E 296 8.58 -22.44 13.42
C SER E 296 7.25 -21.98 12.84
N ARG E 297 7.17 -21.97 11.51
CA ARG E 297 5.91 -21.65 10.84
C ARG E 297 4.92 -22.79 11.04
N ILE E 298 5.44 -23.98 11.33
CA ILE E 298 4.60 -25.14 11.59
C ILE E 298 4.23 -25.18 13.07
N ALA E 299 3.00 -24.78 13.37
CA ALA E 299 2.54 -24.69 14.75
C ALA E 299 1.09 -25.13 14.85
N VAL E 300 0.81 -25.97 15.85
CA VAL E 300 -0.52 -26.52 16.02
C VAL E 300 -1.04 -26.29 17.44
N GLY E 301 -2.26 -25.79 17.56
CA GLY E 301 -2.88 -25.54 18.85
C GLY E 301 -3.06 -24.07 19.15
N ASP E 302 -3.05 -23.73 20.44
CA ASP E 302 -3.23 -22.35 20.86
C ASP E 302 -1.86 -21.70 20.95
N CYS E 303 -1.42 -21.16 19.82
CA CYS E 303 -0.03 -20.74 19.65
C CYS E 303 0.10 -19.26 19.38
N PRO E 304 1.28 -18.70 19.69
CA PRO E 304 1.61 -17.35 19.24
C PRO E 304 1.73 -17.29 17.73
N ARG E 305 1.52 -16.11 17.14
CA ARG E 305 1.60 -15.98 15.70
C ARG E 305 3.04 -15.96 15.25
N TYR E 306 3.33 -16.69 14.19
CA TYR E 306 4.69 -16.80 13.69
C TYR E 306 5.14 -15.54 12.96
N VAL E 307 6.30 -15.04 13.35
CA VAL E 307 6.87 -13.86 12.70
C VAL E 307 8.32 -14.12 12.33
N LYS E 308 8.86 -13.31 11.45
CA LYS E 308 10.25 -13.47 11.02
C LYS E 308 11.21 -12.88 12.05
N GLN E 309 10.77 -11.82 12.73
CA GLN E 309 11.64 -11.11 13.67
C GLN E 309 12.05 -12.01 14.83
N GLY E 310 13.33 -11.94 15.18
CA GLY E 310 13.83 -12.67 16.33
C GLY E 310 13.45 -12.00 17.63
N SER E 311 13.17 -10.69 17.55
CA SER E 311 12.87 -9.92 18.76
C SER E 311 12.11 -8.64 18.44
N LEU E 312 11.14 -8.34 19.29
CA LEU E 312 10.34 -7.12 19.18
C LEU E 312 10.00 -6.63 20.58
N LYS E 313 10.68 -5.58 21.02
CA LYS E 313 10.54 -5.14 22.39
C LYS E 313 9.48 -4.07 22.57
N LEU E 314 8.49 -4.38 23.40
CA LEU E 314 7.46 -3.43 23.77
C LEU E 314 7.88 -2.61 24.99
N ALA E 315 7.87 -1.29 24.84
CA ALA E 315 8.19 -0.40 25.95
C ALA E 315 7.12 -0.49 27.02
N THR E 316 7.55 -0.69 28.27
CA THR E 316 6.66 -0.77 29.42
C THR E 316 7.03 0.28 30.46
N GLY E 317 7.75 1.31 30.01
CA GLY E 317 8.16 2.38 30.89
C GLY E 317 8.53 3.62 30.09
N MET E 318 8.82 4.70 30.79
CA MET E 318 9.20 5.96 30.15
C MET E 318 10.63 5.91 29.62
N ARG E 319 11.03 6.94 28.86
CA ARG E 319 12.41 7.05 28.40
C ARG E 319 13.40 7.17 29.56
N ASN E 320 14.47 6.39 29.50
CA ASN E 320 15.46 6.40 30.57
C ASN E 320 16.57 7.42 30.35
N ILE E 321 16.58 8.46 31.18
CA ILE E 321 17.60 9.49 31.12
C ILE E 321 18.26 9.62 32.50
N PRO E 322 19.30 8.82 32.73
CA PRO E 322 19.88 8.68 34.07
C PRO E 322 20.81 9.83 34.49
N GLU E 323 20.93 9.98 35.82
CA GLU E 323 21.97 10.70 36.57
C GLU E 323 21.31 11.52 37.68
N GLY F 1 9.24 12.90 23.18
CA GLY F 1 7.87 13.16 23.62
C GLY F 1 7.27 14.42 23.03
N LEU F 2 5.95 14.43 22.91
CA LEU F 2 5.20 15.56 22.35
C LEU F 2 5.14 16.81 23.25
N PHE F 3 5.24 16.61 24.56
CA PHE F 3 5.09 17.70 25.53
C PHE F 3 6.42 18.31 26.00
N GLY F 4 7.51 17.60 25.75
CA GLY F 4 8.84 18.15 26.00
C GLY F 4 9.24 18.22 27.45
N ALA F 5 8.63 17.39 28.29
CA ALA F 5 8.95 17.34 29.71
C ALA F 5 10.09 16.35 29.97
N ILE F 6 9.80 15.07 29.77
CA ILE F 6 10.81 14.03 29.83
C ILE F 6 11.79 14.22 28.65
N ALA F 7 13.09 14.21 28.94
CA ALA F 7 14.14 14.54 27.97
C ALA F 7 13.92 15.92 27.36
N GLY F 8 13.44 16.85 28.18
CA GLY F 8 13.11 18.20 27.76
C GLY F 8 13.53 19.21 28.82
N PHE F 9 12.58 19.96 29.37
CA PHE F 9 12.91 20.93 30.42
C PHE F 9 13.25 20.26 31.74
N ILE F 10 12.81 19.01 31.90
CA ILE F 10 13.36 18.16 32.94
C ILE F 10 14.65 17.57 32.36
N GLU F 11 15.79 18.00 32.89
CA GLU F 11 17.09 17.67 32.30
C GLU F 11 17.37 16.17 32.32
N ASN F 12 17.02 15.52 33.43
CA ASN F 12 17.20 14.07 33.54
C ASN F 12 16.28 13.47 34.60
N GLY F 13 16.27 12.15 34.66
CA GLY F 13 15.48 11.41 35.64
C GLY F 13 16.20 11.27 36.95
N TRP F 14 15.55 10.65 37.93
CA TRP F 14 16.12 10.51 39.26
C TRP F 14 16.34 9.04 39.60
N GLN F 15 17.61 8.62 39.67
CA GLN F 15 17.91 7.23 40.00
C GLN F 15 17.58 6.92 41.46
N GLY F 16 17.42 7.96 42.28
CA GLY F 16 17.09 7.77 43.68
C GLY F 16 15.60 7.58 43.91
N LEU F 17 14.79 7.88 42.89
CA LEU F 17 13.34 7.67 42.96
C LEU F 17 13.04 6.23 42.55
N ILE F 18 12.93 5.37 43.54
CA ILE F 18 12.85 3.92 43.33
C ILE F 18 11.47 3.38 43.71
N ASP F 19 10.59 4.27 44.17
CA ASP F 19 9.24 3.91 44.57
C ASP F 19 8.15 4.58 43.76
N GLY F 20 8.51 5.13 42.61
CA GLY F 20 7.51 5.78 41.81
C GLY F 20 8.09 6.13 40.46
N TRP F 21 7.21 6.50 39.54
CA TRP F 21 7.66 6.91 38.23
C TRP F 21 7.85 8.43 38.19
N TYR F 22 7.09 9.13 39.02
CA TYR F 22 7.19 10.59 39.13
C TYR F 22 7.24 10.99 40.59
N GLY F 23 7.76 12.18 40.88
CA GLY F 23 7.81 12.64 42.27
C GLY F 23 8.26 14.08 42.49
N PHE F 24 8.51 14.40 43.76
CA PHE F 24 8.86 15.75 44.18
C PHE F 24 10.27 15.74 44.76
N ARG F 25 11.05 16.76 44.42
CA ARG F 25 12.33 16.98 45.08
C ARG F 25 12.41 18.43 45.52
N HIS F 26 12.59 18.65 46.82
CA HIS F 26 12.50 20.00 47.36
C HIS F 26 13.72 20.41 48.17
N GLN F 27 13.85 21.72 48.36
CA GLN F 27 14.83 22.30 49.28
C GLN F 27 14.26 23.50 50.04
N ASN F 28 14.23 23.40 51.36
CA ASN F 28 13.81 24.52 52.20
C ASN F 28 14.80 24.79 53.31
N ALA F 29 14.35 25.52 54.34
CA ALA F 29 15.21 25.87 55.46
C ALA F 29 15.58 24.65 56.28
N GLU F 30 14.69 23.66 56.29
CA GLU F 30 14.89 22.46 57.09
C GLU F 30 15.76 21.42 56.38
N GLY F 31 15.88 21.52 55.06
CA GLY F 31 16.67 20.55 54.31
C GLY F 31 16.12 20.16 52.95
N THR F 32 16.44 18.96 52.51
CA THR F 32 16.02 18.46 51.20
C THR F 32 15.30 17.13 51.31
N GLY F 33 14.50 16.80 50.30
CA GLY F 33 13.78 15.54 50.28
C GLY F 33 13.27 15.12 48.91
N THR F 34 13.09 13.82 48.73
CA THR F 34 12.48 13.27 47.52
C THR F 34 11.32 12.34 47.89
N ALA F 35 10.17 12.54 47.27
CA ALA F 35 8.99 11.73 47.53
C ALA F 35 8.20 11.48 46.24
N ALA F 36 7.75 10.24 46.05
CA ALA F 36 6.97 9.88 44.87
C ALA F 36 5.55 10.42 44.90
N ASP F 37 5.04 10.72 43.72
CA ASP F 37 3.63 11.04 43.57
C ASP F 37 2.91 9.77 43.09
N LEU F 38 1.93 9.34 43.88
CA LEU F 38 1.27 8.05 43.61
C LEU F 38 0.29 8.18 42.45
N LYS F 39 -0.45 9.29 42.38
CA LYS F 39 -1.48 9.43 41.36
C LYS F 39 -0.92 9.48 39.95
N SER F 40 0.15 10.24 39.76
CA SER F 40 0.80 10.35 38.44
C SER F 40 1.39 9.00 38.02
N THR F 41 2.09 8.37 38.95
CA THR F 41 2.69 7.05 38.73
C THR F 41 1.65 6.01 38.33
N GLN F 42 0.55 5.96 39.07
CA GLN F 42 -0.50 4.97 38.84
C GLN F 42 -1.17 5.18 37.49
N ALA F 43 -1.39 6.44 37.13
CA ALA F 43 -2.03 6.78 35.86
C ALA F 43 -1.22 6.24 34.68
N ALA F 44 0.09 6.38 34.77
CA ALA F 44 1.00 5.87 33.76
C ALA F 44 0.96 4.35 33.71
N ILE F 45 1.03 3.74 34.88
CA ILE F 45 1.05 2.29 35.00
C ILE F 45 -0.22 1.63 34.46
N ASP F 46 -1.37 2.20 34.80
CA ASP F 46 -2.65 1.64 34.36
C ASP F 46 -2.77 1.59 32.84
N GLN F 47 -2.35 2.66 32.18
CA GLN F 47 -2.44 2.75 30.73
C GLN F 47 -1.45 1.82 30.03
N ILE F 48 -0.29 1.61 30.66
CA ILE F 48 0.73 0.69 30.13
C ILE F 48 0.33 -0.79 30.32
N ASN F 49 -0.21 -1.12 31.48
CA ASN F 49 -0.75 -2.47 31.69
C ASN F 49 -1.95 -2.75 30.79
N GLY F 50 -2.75 -1.71 30.55
CA GLY F 50 -3.87 -1.78 29.63
C GLY F 50 -3.46 -2.21 28.23
N LYS F 51 -2.35 -1.65 27.75
CA LYS F 51 -1.76 -2.05 26.47
C LYS F 51 -1.38 -3.54 26.52
N LEU F 52 -0.73 -3.91 27.62
CA LEU F 52 -0.23 -5.27 27.82
C LEU F 52 -1.35 -6.30 27.79
N ASN F 53 -2.46 -5.99 28.44
CA ASN F 53 -3.60 -6.89 28.48
C ASN F 53 -4.28 -7.05 27.12
N ARG F 54 -4.42 -5.94 26.39
CA ARG F 54 -5.05 -5.98 25.07
C ARG F 54 -4.15 -6.69 24.06
N LEU F 55 -2.84 -6.59 24.29
CA LEU F 55 -1.82 -7.16 23.41
C LEU F 55 -1.70 -8.66 23.65
N ILE F 56 -1.39 -9.02 24.89
CA ILE F 56 -1.30 -10.42 25.31
C ILE F 56 -2.71 -10.96 25.60
N GLU F 57 -3.51 -11.08 24.55
CA GLU F 57 -4.96 -11.30 24.68
C GLU F 57 -5.52 -12.55 24.02
N LYS F 58 -5.45 -12.60 22.68
CA LYS F 58 -6.33 -13.46 21.89
C LYS F 58 -5.59 -14.68 21.32
N THR F 59 -6.35 -15.75 21.14
CA THR F 59 -5.81 -17.11 21.00
C THR F 59 -4.96 -17.40 19.76
N ASN F 60 -5.53 -17.19 18.58
CA ASN F 60 -5.00 -17.79 17.35
C ASN F 60 -4.95 -19.32 17.51
N ASP F 61 -6.12 -19.94 17.51
CA ASP F 61 -6.22 -21.36 17.80
C ASP F 61 -6.43 -22.17 16.51
N LYS F 62 -5.34 -22.72 16.00
CA LYS F 62 -5.35 -23.36 14.68
C LYS F 62 -4.86 -24.80 14.73
N TYR F 63 -5.51 -25.66 13.96
CA TYR F 63 -5.14 -27.08 13.92
C TYR F 63 -4.85 -27.56 12.51
N HIS F 64 -5.86 -28.13 11.84
CA HIS F 64 -5.64 -28.62 10.48
C HIS F 64 -5.47 -27.43 9.55
N GLN F 65 -4.30 -27.35 8.94
CA GLN F 65 -3.94 -26.21 8.09
C GLN F 65 -3.49 -26.70 6.72
N ILE F 66 -2.23 -26.41 6.38
CA ILE F 66 -1.60 -26.92 5.16
C ILE F 66 -0.18 -27.37 5.43
N GLU F 67 0.36 -28.20 4.53
CA GLU F 67 1.78 -28.55 4.57
C GLU F 67 2.64 -27.32 4.31
N LYS F 68 3.77 -27.23 5.00
CA LYS F 68 4.60 -26.02 4.90
C LYS F 68 6.06 -26.37 4.65
N GLU F 69 6.38 -27.66 4.69
CA GLU F 69 7.71 -28.14 4.36
C GLU F 69 7.65 -29.21 3.27
N PHE F 70 8.59 -29.14 2.33
CA PHE F 70 8.55 -30.03 1.16
C PHE F 70 9.92 -30.61 0.80
N GLU F 71 9.97 -31.92 0.58
CA GLU F 71 11.21 -32.61 0.24
C GLU F 71 11.71 -32.17 -1.12
N GLN F 72 10.83 -32.27 -2.11
CA GLN F 72 11.17 -31.98 -3.50
C GLN F 72 10.07 -31.13 -4.12
N VAL F 73 10.43 -30.32 -5.13
CA VAL F 73 9.44 -29.51 -5.83
C VAL F 73 8.44 -30.38 -6.59
N GLU F 74 7.19 -29.92 -6.65
CA GLU F 74 6.17 -30.66 -7.39
C GLU F 74 5.59 -29.81 -8.50
N GLY F 75 5.68 -28.49 -8.36
CA GLY F 75 5.09 -27.58 -9.33
C GLY F 75 3.95 -26.73 -8.80
N ARG F 76 2.91 -26.61 -9.61
CA ARG F 76 1.87 -25.58 -9.45
C ARG F 76 1.23 -25.50 -8.06
N ILE F 77 0.74 -26.63 -7.56
CA ILE F 77 0.01 -26.64 -6.30
C ILE F 77 0.93 -26.35 -5.12
N GLN F 78 2.13 -26.94 -5.14
CA GLN F 78 3.11 -26.67 -4.10
C GLN F 78 3.56 -25.22 -4.11
N ASP F 79 3.71 -24.65 -5.31
CA ASP F 79 4.08 -23.25 -5.45
C ASP F 79 3.06 -22.35 -4.76
N LEU F 80 1.77 -22.68 -4.93
CA LEU F 80 0.70 -21.89 -4.35
C LEU F 80 0.68 -22.04 -2.83
N GLU F 81 0.84 -23.25 -2.34
CA GLU F 81 0.93 -23.50 -0.91
C GLU F 81 2.08 -22.71 -0.28
N LYS F 82 3.23 -22.73 -0.94
CA LYS F 82 4.41 -22.00 -0.48
C LYS F 82 4.21 -20.48 -0.53
N TYR F 83 3.56 -20.02 -1.59
CA TYR F 83 3.29 -18.60 -1.79
C TYR F 83 2.27 -18.07 -0.79
N VAL F 84 1.25 -18.87 -0.52
CA VAL F 84 0.23 -18.49 0.44
C VAL F 84 0.84 -18.28 1.82
N GLU F 85 1.65 -19.24 2.26
CA GLU F 85 2.24 -19.17 3.60
C GLU F 85 3.23 -18.03 3.75
N ASP F 86 4.06 -17.83 2.74
CA ASP F 86 5.04 -16.75 2.75
C ASP F 86 4.34 -15.40 2.78
N THR F 87 3.24 -15.30 2.05
CA THR F 87 2.43 -14.07 2.03
C THR F 87 1.86 -13.79 3.41
N LYS F 88 1.30 -14.82 4.04
CA LYS F 88 0.75 -14.70 5.39
C LYS F 88 1.80 -14.22 6.40
N ILE F 89 2.97 -14.84 6.37
CA ILE F 89 4.00 -14.55 7.35
C ILE F 89 4.48 -13.10 7.25
N ASP F 90 4.68 -12.63 6.02
CA ASP F 90 5.12 -11.24 5.78
C ASP F 90 4.10 -10.25 6.32
N LEU F 91 2.82 -10.54 6.10
CA LEU F 91 1.75 -9.66 6.54
C LEU F 91 1.70 -9.57 8.06
N TRP F 92 1.81 -10.71 8.73
CA TRP F 92 1.77 -10.72 10.18
C TRP F 92 3.04 -10.12 10.77
N SER F 93 4.17 -10.38 10.14
CA SER F 93 5.43 -9.81 10.60
C SER F 93 5.37 -8.28 10.50
N TYR F 94 4.79 -7.79 9.41
CA TYR F 94 4.57 -6.37 9.24
C TYR F 94 3.70 -5.82 10.37
N ASN F 95 2.59 -6.51 10.62
CA ASN F 95 1.66 -6.11 11.67
C ASN F 95 2.36 -6.01 13.03
N ALA F 96 3.18 -7.01 13.33
CA ALA F 96 3.92 -7.02 14.59
C ALA F 96 4.90 -5.85 14.67
N GLU F 97 5.66 -5.64 13.60
CA GLU F 97 6.64 -4.56 13.54
C GLU F 97 5.99 -3.21 13.74
N LEU F 98 4.86 -2.99 13.07
CA LEU F 98 4.13 -1.73 13.15
C LEU F 98 3.47 -1.54 14.50
N LEU F 99 2.85 -2.60 15.00
CA LEU F 99 2.17 -2.57 16.29
C LEU F 99 3.09 -2.09 17.41
N VAL F 100 4.24 -2.74 17.52
CA VAL F 100 5.20 -2.41 18.56
C VAL F 100 5.66 -0.96 18.44
N ALA F 101 5.89 -0.55 17.20
CA ALA F 101 6.30 0.82 16.90
C ALA F 101 5.23 1.83 17.32
N LEU F 102 3.97 1.52 17.02
CA LEU F 102 2.85 2.38 17.38
C LEU F 102 2.68 2.49 18.90
N GLU F 103 2.71 1.33 19.56
CA GLU F 103 2.55 1.28 21.01
C GLU F 103 3.66 2.04 21.73
N ASN F 104 4.89 1.82 21.28
CA ASN F 104 6.06 2.42 21.92
C ASN F 104 6.04 3.94 21.79
N GLN F 105 5.73 4.44 20.59
CA GLN F 105 5.61 5.87 20.34
C GLN F 105 4.55 6.48 21.24
N HIS F 106 3.45 5.75 21.42
CA HIS F 106 2.35 6.21 22.26
C HIS F 106 2.73 6.13 23.74
N THR F 107 3.44 5.06 24.11
CA THR F 107 3.83 4.85 25.49
C THR F 107 4.75 5.99 25.96
N ILE F 108 5.66 6.41 25.09
CA ILE F 108 6.58 7.48 25.41
C ILE F 108 5.84 8.82 25.52
N ASP F 109 4.89 9.04 24.62
CA ASP F 109 4.07 10.26 24.62
C ASP F 109 3.15 10.33 25.85
N VAL F 110 2.62 9.18 26.26
CA VAL F 110 1.81 9.12 27.47
C VAL F 110 2.62 9.46 28.72
N THR F 111 3.79 8.83 28.86
CA THR F 111 4.63 9.04 30.04
C THR F 111 5.16 10.47 30.12
N ASP F 112 5.48 11.03 28.97
CA ASP F 112 5.91 12.42 28.87
C ASP F 112 4.73 13.33 29.26
N SER F 113 3.54 12.94 28.81
CA SER F 113 2.31 13.68 29.13
C SER F 113 2.02 13.68 30.63
N GLU F 114 2.14 12.51 31.25
CA GLU F 114 1.86 12.36 32.69
C GLU F 114 2.82 13.18 33.55
N MET F 115 4.07 13.28 33.09
CA MET F 115 5.05 14.14 33.73
C MET F 115 4.57 15.58 33.70
N ASN F 116 4.15 16.00 32.51
CA ASN F 116 3.69 17.35 32.27
C ASN F 116 2.44 17.69 33.09
N LYS F 117 1.53 16.72 33.22
CA LYS F 117 0.32 16.90 34.01
C LYS F 117 0.62 17.18 35.48
N LEU F 118 1.61 16.48 36.02
CA LEU F 118 1.99 16.64 37.42
C LEU F 118 2.54 18.04 37.69
N PHE F 119 3.46 18.47 36.83
CA PHE F 119 4.04 19.81 36.87
C PHE F 119 2.96 20.89 36.80
N GLU F 120 2.00 20.70 35.90
CA GLU F 120 0.91 21.64 35.70
C GLU F 120 -0.05 21.66 36.88
N ARG F 121 -0.25 20.50 37.49
CA ARG F 121 -1.06 20.40 38.69
C ARG F 121 -0.49 21.26 39.81
N VAL F 122 0.79 21.07 40.08
CA VAL F 122 1.50 21.81 41.12
C VAL F 122 1.57 23.31 40.78
N ARG F 123 1.76 23.63 39.50
CA ARG F 123 1.78 25.01 39.04
C ARG F 123 0.50 25.73 39.44
N ARG F 124 -0.62 25.04 39.27
CA ARG F 124 -1.94 25.60 39.55
C ARG F 124 -2.20 25.70 41.05
N GLN F 125 -1.65 24.75 41.82
CA GLN F 125 -1.75 24.79 43.28
C GLN F 125 -1.09 26.04 43.86
N LEU F 126 0.02 26.44 43.25
CA LEU F 126 0.88 27.48 43.82
C LEU F 126 0.39 28.89 43.50
N ARG F 127 -0.39 29.01 42.43
CA ARG F 127 -0.95 30.30 41.99
C ARG F 127 0.13 31.37 41.79
N GLU F 128 -0.03 32.48 42.51
CA GLU F 128 0.89 33.61 42.42
C GLU F 128 2.02 33.52 43.44
N ASN F 129 2.11 32.41 44.16
CA ASN F 129 3.08 32.26 45.25
C ASN F 129 4.46 31.75 44.83
N ALA F 130 4.58 31.30 43.58
CA ALA F 130 5.82 30.71 43.10
C ALA F 130 6.09 31.09 41.65
N GLU F 131 7.33 30.86 41.19
CA GLU F 131 7.68 31.12 39.79
C GLU F 131 8.40 29.93 39.13
N ASP F 132 8.06 29.67 37.87
CA ASP F 132 8.70 28.61 37.07
C ASP F 132 10.16 28.98 36.79
N LYS F 133 11.09 28.15 37.26
CA LYS F 133 12.52 28.40 37.09
C LYS F 133 13.00 27.93 35.71
N GLY F 134 12.24 27.04 35.09
CA GLY F 134 12.53 26.61 33.74
C GLY F 134 12.99 25.17 33.66
N ASN F 135 13.32 24.57 34.80
CA ASN F 135 13.83 23.21 34.80
C ASN F 135 12.88 22.22 35.46
N GLY F 136 11.60 22.58 35.52
CA GLY F 136 10.62 21.75 36.20
C GLY F 136 10.64 22.05 37.68
N CYS F 137 11.28 23.15 38.04
CA CYS F 137 11.36 23.54 39.44
C CYS F 137 10.66 24.88 39.64
N PHE F 138 9.95 24.99 40.76
CA PHE F 138 9.32 26.25 41.13
C PHE F 138 10.05 26.92 42.28
N GLU F 139 10.41 28.18 42.09
CA GLU F 139 10.90 29.00 43.19
C GLU F 139 9.72 29.48 44.03
N ILE F 140 9.72 29.10 45.31
CA ILE F 140 8.63 29.43 46.21
C ILE F 140 8.99 30.69 46.99
N PHE F 141 8.17 31.72 46.88
CA PHE F 141 8.51 33.03 47.43
C PHE F 141 7.95 33.26 48.83
N HIS F 142 7.87 32.19 49.61
CA HIS F 142 7.51 32.31 51.03
C HIS F 142 8.17 31.19 51.81
N LYS F 143 8.30 31.35 53.12
CA LYS F 143 8.84 30.29 53.96
C LYS F 143 7.96 29.05 53.85
N CYS F 144 8.59 27.91 53.58
CA CYS F 144 7.83 26.68 53.36
C CYS F 144 8.48 25.51 54.07
N ASP F 145 8.01 25.23 55.28
CA ASP F 145 8.53 24.12 56.07
C ASP F 145 8.05 22.77 55.53
N ASN F 146 8.48 21.70 56.19
CA ASN F 146 8.16 20.34 55.74
C ASN F 146 6.64 20.07 55.70
N ASN F 147 5.91 20.66 56.64
CA ASN F 147 4.45 20.56 56.66
C ASN F 147 3.83 21.30 55.46
N CYS F 148 4.42 22.45 55.13
CA CYS F 148 4.03 23.24 53.96
C CYS F 148 4.25 22.46 52.67
N ILE F 149 5.44 21.88 52.55
CA ILE F 149 5.81 21.08 51.39
C ILE F 149 4.86 19.89 51.19
N GLU F 150 4.59 19.16 52.27
CA GLU F 150 3.68 18.02 52.23
C GLU F 150 2.28 18.41 51.78
N SER F 151 1.84 19.60 52.20
CA SER F 151 0.53 20.13 51.81
C SER F 151 0.42 20.33 50.31
N ILE F 152 1.58 20.63 49.69
CA ILE F 152 1.67 20.75 48.24
C ILE F 152 1.61 19.37 47.58
N ARG F 153 2.38 18.43 48.13
CA ARG F 153 2.43 17.06 47.61
C ARG F 153 1.11 16.32 47.75
N ASN F 154 0.38 16.57 48.83
CA ASN F 154 -0.89 15.88 49.05
C ASN F 154 -2.09 16.74 48.64
N GLY F 155 -1.81 17.93 48.12
CA GLY F 155 -2.84 18.75 47.51
C GLY F 155 -3.70 19.56 48.46
N THR F 156 -3.22 19.78 49.68
CA THR F 156 -3.98 20.54 50.68
C THR F 156 -3.46 21.96 50.84
N TYR F 157 -2.39 22.28 50.12
CA TYR F 157 -1.80 23.61 50.12
C TYR F 157 -2.81 24.71 49.80
N ASP F 158 -2.90 25.71 50.67
CA ASP F 158 -3.82 26.84 50.48
C ASP F 158 -3.02 28.12 50.18
N HIS F 159 -3.07 28.56 48.94
CA HIS F 159 -2.26 29.69 48.46
C HIS F 159 -2.60 30.99 49.16
N ASP F 160 -3.85 31.14 49.58
CA ASP F 160 -4.29 32.35 50.24
C ASP F 160 -3.59 32.58 51.58
N ILE F 161 -3.15 31.49 52.21
CA ILE F 161 -2.43 31.58 53.47
C ILE F 161 -1.12 32.36 53.34
N TYR F 162 -0.41 32.18 52.23
CA TYR F 162 0.92 32.75 52.05
C TYR F 162 0.96 33.88 51.03
N ARG F 163 -0.21 34.21 50.45
CA ARG F 163 -0.26 35.09 49.28
C ARG F 163 0.40 36.45 49.53
N ASP F 164 0.09 37.06 50.66
CA ASP F 164 0.63 38.37 50.99
C ASP F 164 2.15 38.34 51.10
N GLU F 165 2.66 37.35 51.84
CA GLU F 165 4.10 37.16 51.97
C GLU F 165 4.76 36.96 50.61
N ALA F 166 4.15 36.11 49.79
CA ALA F 166 4.73 35.72 48.51
C ALA F 166 4.79 36.88 47.51
N ILE F 167 3.68 37.60 47.37
CA ILE F 167 3.60 38.75 46.46
C ILE F 167 4.61 39.83 46.83
N ASN F 168 4.74 40.08 48.13
CA ASN F 168 5.67 41.08 48.63
C ASN F 168 7.12 40.72 48.28
N ASN F 169 7.44 39.44 48.39
CA ASN F 169 8.77 38.95 48.05
C ASN F 169 9.03 38.99 46.55
N ARG F 170 8.00 38.66 45.77
CA ARG F 170 8.14 38.60 44.32
C ARG F 170 8.39 39.97 43.69
N PHE F 171 7.69 40.99 44.18
CA PHE F 171 7.65 42.26 43.48
C PHE F 171 8.27 43.43 44.26
N GLN F 172 8.94 43.11 45.37
CA GLN F 172 9.74 44.10 46.10
C GLN F 172 11.03 43.48 46.61
N GLN G 1 28.72 -8.28 -2.14
CA GLN G 1 28.09 -7.33 -1.22
C GLN G 1 28.04 -5.93 -1.83
N VAL G 2 28.19 -4.91 -0.99
CA VAL G 2 28.07 -3.52 -1.43
C VAL G 2 29.45 -2.98 -1.80
N GLN G 3 29.50 -2.28 -2.94
CA GLN G 3 30.76 -1.91 -3.56
C GLN G 3 30.69 -0.54 -4.21
N LEU G 4 31.78 0.21 -4.10
CA LEU G 4 31.88 1.50 -4.76
C LEU G 4 33.15 1.56 -5.61
N VAL G 5 32.99 1.95 -6.86
CA VAL G 5 34.09 1.97 -7.82
C VAL G 5 34.12 3.30 -8.58
N GLU G 6 35.14 4.11 -8.30
CA GLU G 6 35.27 5.40 -8.96
C GLU G 6 36.08 5.30 -10.25
N SER G 7 35.86 6.26 -11.14
CA SER G 7 36.44 6.21 -12.47
C SER G 7 36.63 7.58 -13.09
N GLY G 8 37.65 7.70 -13.94
CA GLY G 8 37.84 8.86 -14.78
C GLY G 8 38.72 9.95 -14.20
N GLY G 9 39.74 9.56 -13.46
CA GLY G 9 40.71 10.52 -12.99
C GLY G 9 41.87 10.55 -13.96
N GLY G 10 42.88 11.36 -13.65
CA GLY G 10 44.05 11.44 -14.48
C GLY G 10 44.73 12.79 -14.47
N VAL G 11 45.73 12.95 -15.34
CA VAL G 11 46.41 14.24 -15.47
C VAL G 11 45.64 15.20 -16.33
N VAL G 12 45.40 16.40 -15.81
CA VAL G 12 44.68 17.43 -16.56
C VAL G 12 45.16 18.81 -16.11
N GLN G 13 45.08 19.79 -17.02
CA GLN G 13 45.60 21.11 -16.73
C GLN G 13 44.63 22.02 -15.98
N PRO G 14 45.18 23.02 -15.25
CA PRO G 14 44.38 24.00 -14.51
C PRO G 14 43.46 24.78 -15.43
N GLY G 15 42.26 25.07 -14.93
CA GLY G 15 41.27 25.83 -15.68
C GLY G 15 40.33 24.93 -16.46
N THR G 16 40.83 23.76 -16.87
CA THR G 16 40.04 22.82 -17.66
C THR G 16 38.95 22.13 -16.83
N SER G 17 38.17 21.27 -17.46
CA SER G 17 37.10 20.55 -16.77
C SER G 17 37.33 19.04 -16.82
N LEU G 18 36.64 18.33 -15.93
CA LEU G 18 36.79 16.88 -15.81
C LEU G 18 35.66 16.28 -14.99
N ARG G 19 35.10 15.17 -15.47
CA ARG G 19 34.00 14.49 -14.77
C ARG G 19 34.44 13.16 -14.17
N LEU G 20 34.16 12.99 -12.88
CA LEU G 20 34.45 11.74 -12.20
C LEU G 20 33.18 10.93 -12.04
N SER G 21 33.30 9.61 -12.05
CA SER G 21 32.13 8.74 -11.94
C SER G 21 32.35 7.69 -10.87
N CYS G 22 31.27 7.25 -10.24
CA CYS G 22 31.38 6.27 -9.17
C CYS G 22 30.25 5.24 -9.29
N GLU G 23 30.62 4.01 -9.62
CA GLU G 23 29.64 2.94 -9.82
C GLU G 23 29.28 2.22 -8.52
N ALA G 24 27.99 2.18 -8.21
CA ALA G 24 27.51 1.55 -6.98
C ALA G 24 26.94 0.16 -7.25
N SER G 25 27.53 -0.85 -6.64
CA SER G 25 27.03 -2.21 -6.77
C SER G 25 26.75 -2.80 -5.40
N GLY G 26 25.55 -3.36 -5.22
CA GLY G 26 25.20 -4.01 -3.98
C GLY G 26 24.05 -3.31 -3.27
N PHE G 27 23.60 -2.20 -3.84
CA PHE G 27 22.56 -1.38 -3.24
C PHE G 27 22.05 -0.33 -4.22
N THR G 28 20.89 0.24 -3.91
CA THR G 28 20.35 1.31 -4.73
C THR G 28 20.93 2.63 -4.26
N SER G 29 21.61 3.33 -5.17
CA SER G 29 22.23 4.61 -4.86
C SER G 29 21.21 5.65 -4.43
N SER G 30 20.01 5.56 -4.99
CA SER G 30 18.94 6.52 -4.69
C SER G 30 18.40 6.32 -3.28
N ALA G 31 18.91 5.31 -2.58
CA ALA G 31 18.41 4.98 -1.24
C ALA G 31 19.30 5.57 -0.16
N TYR G 32 20.35 6.25 -0.58
CA TYR G 32 21.32 6.77 0.35
C TYR G 32 21.76 8.17 -0.02
N ALA G 33 22.21 8.93 0.96
CA ALA G 33 22.90 10.17 0.65
C ALA G 33 24.30 9.79 0.21
N MET G 34 24.80 10.45 -0.82
CA MET G 34 26.11 10.08 -1.37
C MET G 34 27.06 11.26 -1.30
N HIS G 35 28.30 10.97 -0.92
CA HIS G 35 29.30 12.00 -0.71
C HIS G 35 30.52 11.84 -1.62
N TRP G 36 31.22 12.96 -1.84
CA TRP G 36 32.56 12.92 -2.38
C TRP G 36 33.54 13.44 -1.34
N VAL G 37 34.60 12.70 -1.11
CA VAL G 37 35.62 13.09 -0.14
C VAL G 37 36.98 12.88 -0.77
N ARG G 38 37.83 13.90 -0.68
CA ARG G 38 39.12 13.85 -1.35
C ARG G 38 40.27 13.91 -0.36
N GLN G 39 41.46 13.55 -0.84
CA GLN G 39 42.64 13.47 0.00
C GLN G 39 43.87 13.89 -0.79
N ALA G 40 44.33 15.11 -0.56
CA ALA G 40 45.57 15.58 -1.17
C ALA G 40 46.71 14.69 -0.70
N PRO G 41 47.70 14.45 -1.58
CA PRO G 41 48.80 13.53 -1.26
C PRO G 41 49.53 13.93 0.02
N GLY G 42 49.69 12.98 0.93
CA GLY G 42 50.29 13.24 2.23
C GLY G 42 49.35 13.93 3.19
N LYS G 43 48.41 14.71 2.67
CA LYS G 43 47.46 15.46 3.50
C LYS G 43 46.35 14.57 4.07
N GLY G 44 45.37 15.20 4.69
CA GLY G 44 44.29 14.46 5.33
C GLY G 44 42.98 14.50 4.55
N LEU G 45 41.92 14.00 5.18
CA LEU G 45 40.62 13.89 4.53
C LEU G 45 39.90 15.24 4.50
N GLU G 46 39.25 15.52 3.37
CA GLU G 46 38.45 16.73 3.22
C GLU G 46 37.12 16.44 2.53
N TRP G 47 36.02 16.75 3.20
CA TRP G 47 34.70 16.60 2.60
C TRP G 47 34.51 17.56 1.44
N VAL G 48 33.80 17.13 0.40
CA VAL G 48 33.67 17.94 -0.82
C VAL G 48 32.23 18.24 -1.21
N ALA G 49 31.40 17.21 -1.28
CA ALA G 49 30.04 17.37 -1.77
C ALA G 49 29.09 16.30 -1.25
N VAL G 50 27.79 16.60 -1.33
CA VAL G 50 26.75 15.65 -0.92
C VAL G 50 25.54 15.76 -1.84
N ILE G 51 24.93 14.62 -2.13
CA ILE G 51 23.64 14.63 -2.80
C ILE G 51 22.68 13.72 -2.03
N THR G 52 21.51 14.27 -1.69
CA THR G 52 20.50 13.52 -0.96
C THR G 52 19.95 12.39 -1.82
N PHE G 53 19.31 11.42 -1.18
CA PHE G 53 18.70 10.31 -1.89
C PHE G 53 17.67 10.83 -2.89
N ASP G 54 16.90 11.82 -2.46
CA ASP G 54 16.05 12.61 -3.34
C ASP G 54 16.72 12.98 -4.66
N GLY G 55 17.95 13.49 -4.55
CA GLY G 55 18.55 14.26 -5.63
C GLY G 55 18.07 15.69 -5.51
N GLY G 56 17.35 15.97 -4.41
CA GLY G 56 16.68 17.24 -4.25
C GLY G 56 17.57 18.36 -3.74
N TYR G 57 18.49 18.01 -2.86
CA TYR G 57 19.44 19.00 -2.35
C TYR G 57 20.87 18.64 -2.71
N GLN G 58 21.71 19.66 -2.82
CA GLN G 58 23.15 19.47 -2.95
C GLN G 58 23.88 20.50 -2.10
N TYR G 59 24.94 20.08 -1.44
CA TYR G 59 25.73 21.00 -0.64
C TYR G 59 27.22 20.75 -0.84
N TYR G 60 28.01 21.82 -0.85
CA TYR G 60 29.42 21.74 -1.17
C TYR G 60 30.29 22.46 -0.16
N ALA G 61 31.54 22.03 -0.05
CA ALA G 61 32.52 22.73 0.75
C ALA G 61 32.89 24.04 0.06
N ASP G 62 33.20 25.07 0.85
CA ASP G 62 33.50 26.38 0.32
C ASP G 62 34.69 26.38 -0.64
N SER G 63 35.61 25.43 -0.45
CA SER G 63 36.80 25.37 -1.27
C SER G 63 36.50 24.93 -2.71
N VAL G 64 35.27 24.47 -2.95
CA VAL G 64 34.91 23.99 -4.28
C VAL G 64 33.55 24.49 -4.75
N LYS G 65 32.88 25.28 -3.92
CA LYS G 65 31.58 25.82 -4.29
C LYS G 65 31.66 26.66 -5.56
N GLY G 66 30.60 26.63 -6.36
CA GLY G 66 30.61 27.34 -7.62
C GLY G 66 31.24 26.53 -8.73
N ARG G 67 32.35 25.86 -8.42
CA ARG G 67 33.13 25.16 -9.43
C ARG G 67 32.77 23.68 -9.54
N PHE G 68 32.36 23.07 -8.42
CA PHE G 68 32.05 21.64 -8.41
C PHE G 68 30.56 21.38 -8.29
N THR G 69 30.04 20.58 -9.22
CA THR G 69 28.65 20.13 -9.16
C THR G 69 28.56 18.62 -9.01
N ILE G 70 27.69 18.16 -8.12
CA ILE G 70 27.51 16.73 -7.89
C ILE G 70 26.16 16.25 -8.41
N SER G 71 26.14 15.09 -9.07
CA SER G 71 24.93 14.58 -9.68
C SER G 71 24.81 13.07 -9.56
N ARG G 72 23.59 12.54 -9.72
CA ARG G 72 23.37 11.11 -9.72
C ARG G 72 22.61 10.67 -10.96
N ASP G 73 22.92 9.47 -11.46
CA ASP G 73 22.22 8.90 -12.60
C ASP G 73 21.43 7.68 -12.14
N ILE G 74 20.23 7.93 -11.63
CA ILE G 74 19.33 6.90 -11.10
C ILE G 74 19.24 5.68 -12.04
N SER G 75 19.17 5.93 -13.35
CA SER G 75 18.94 4.87 -14.32
C SER G 75 20.15 3.94 -14.44
N ARG G 76 21.34 4.48 -14.27
CA ARG G 76 22.56 3.70 -14.36
C ARG G 76 23.16 3.40 -12.99
N ASN G 77 22.45 3.81 -11.93
CA ASN G 77 22.92 3.64 -10.55
C ASN G 77 24.37 4.09 -10.37
N THR G 78 24.68 5.27 -10.90
CA THR G 78 26.04 5.78 -10.90
C THR G 78 26.07 7.20 -10.36
N LEU G 79 27.18 7.57 -9.72
CA LEU G 79 27.32 8.89 -9.13
C LEU G 79 28.43 9.67 -9.82
N HIS G 80 28.14 10.92 -10.19
CA HIS G 80 29.13 11.74 -10.90
C HIS G 80 29.54 12.97 -10.10
N LEU G 81 30.72 13.49 -10.43
CA LEU G 81 31.19 14.76 -9.89
C LEU G 81 31.79 15.61 -11.00
N HIS G 82 31.08 16.65 -11.40
CA HIS G 82 31.53 17.51 -12.49
C HIS G 82 32.42 18.62 -11.96
N MET G 83 33.69 18.58 -12.34
CA MET G 83 34.67 19.55 -11.87
C MET G 83 35.01 20.59 -12.93
N ASN G 84 34.73 21.85 -12.62
CA ASN G 84 35.03 22.96 -13.53
C ASN G 84 36.12 23.86 -12.97
N SER G 85 36.84 24.52 -13.85
CA SER G 85 37.85 25.52 -13.46
C SER G 85 38.87 24.97 -12.47
N LEU G 86 39.36 23.76 -12.74
CA LEU G 86 40.29 23.08 -11.86
C LEU G 86 41.56 23.89 -11.62
N ARG G 87 42.25 23.58 -10.52
CA ARG G 87 43.55 24.16 -10.23
C ARG G 87 44.39 23.22 -9.38
N ALA G 88 45.65 23.59 -9.14
CA ALA G 88 46.61 22.71 -8.51
C ALA G 88 46.20 22.28 -7.10
N GLU G 89 45.45 23.14 -6.42
CA GLU G 89 45.04 22.83 -5.06
C GLU G 89 44.05 21.68 -5.03
N ASP G 90 43.40 21.42 -6.14
CA ASP G 90 42.41 20.35 -6.23
C ASP G 90 43.04 18.97 -6.40
N THR G 91 44.35 18.95 -6.62
CA THR G 91 45.06 17.69 -6.85
C THR G 91 44.93 16.75 -5.65
N ALA G 92 44.19 15.67 -5.84
CA ALA G 92 43.94 14.71 -4.79
C ALA G 92 43.42 13.40 -5.34
N VAL G 93 43.23 12.43 -4.44
CA VAL G 93 42.50 11.22 -4.79
C VAL G 93 41.08 11.39 -4.25
N TYR G 94 40.09 11.11 -5.11
CA TYR G 94 38.71 11.43 -4.79
C TYR G 94 37.89 10.18 -4.46
N TYR G 95 37.38 10.12 -3.24
CA TYR G 95 36.62 8.97 -2.78
C TYR G 95 35.12 9.16 -2.92
N CYS G 96 34.43 8.05 -3.20
CA CYS G 96 32.99 8.01 -3.25
C CYS G 96 32.47 7.27 -2.02
N ALA G 97 31.58 7.90 -1.26
CA ALA G 97 31.14 7.32 0.01
C ALA G 97 29.63 7.27 0.18
N ARG G 98 29.17 6.33 0.99
CA ARG G 98 27.75 6.10 1.20
C ARG G 98 27.36 6.57 2.60
N ASP G 99 26.18 7.18 2.72
CA ASP G 99 25.72 7.70 4.01
C ASP G 99 24.34 7.15 4.36
N PRO G 100 24.30 6.24 5.34
CA PRO G 100 23.08 5.53 5.74
C PRO G 100 22.17 6.33 6.66
N LEU G 101 22.50 7.59 6.95
CA LEU G 101 21.73 8.37 7.91
C LEU G 101 21.03 9.56 7.26
N THR G 102 21.80 10.48 6.70
CA THR G 102 21.25 11.67 6.06
C THR G 102 20.23 11.35 4.97
N LYS G 103 19.01 11.88 5.12
CA LYS G 103 17.98 11.72 4.11
C LYS G 103 17.35 13.07 3.77
N LEU G 104 16.67 13.70 4.74
CA LEU G 104 16.23 15.08 4.56
C LEU G 104 17.34 15.99 5.06
N LEU G 105 17.68 16.96 4.22
CA LEU G 105 18.78 17.86 4.49
C LEU G 105 18.46 19.17 3.80
N PRO G 106 17.64 19.99 4.45
CA PRO G 106 17.03 21.14 3.80
C PRO G 106 17.79 22.44 4.00
N PHE G 107 18.90 22.39 4.72
CA PHE G 107 19.76 23.56 4.86
C PHE G 107 21.21 23.11 4.88
N ASP G 108 22.13 24.05 4.68
CA ASP G 108 23.53 23.72 4.59
C ASP G 108 24.19 23.59 5.96
N TRP G 109 23.40 23.65 7.03
CA TRP G 109 23.95 23.60 8.38
C TRP G 109 23.32 22.50 9.24
N VAL G 110 22.45 21.71 8.63
CA VAL G 110 21.74 20.65 9.34
C VAL G 110 22.67 19.46 9.57
N SER G 111 22.29 18.60 10.52
CA SER G 111 23.05 17.38 10.78
C SER G 111 23.04 16.47 9.57
N GLY G 112 24.16 15.78 9.35
CA GLY G 112 24.27 14.84 8.25
C GLY G 112 24.39 13.40 8.73
N GLY G 113 25.47 12.73 8.33
CA GLY G 113 25.69 11.35 8.73
C GLY G 113 27.12 10.88 8.61
N TYR G 114 27.35 9.62 8.99
CA TYR G 114 28.68 9.01 8.90
C TYR G 114 28.81 8.25 7.58
N PHE G 115 30.04 7.91 7.21
CA PHE G 115 30.28 7.26 5.92
C PHE G 115 30.41 5.74 6.06
N ASP G 116 29.36 5.04 5.65
CA ASP G 116 29.29 3.59 5.79
C ASP G 116 30.39 2.86 5.03
N TYR G 117 30.30 2.87 3.71
CA TYR G 117 31.27 2.19 2.85
C TYR G 117 32.05 3.19 2.01
N TRP G 118 33.27 2.82 1.65
CA TRP G 118 34.11 3.67 0.81
C TRP G 118 34.56 2.94 -0.44
N GLY G 119 34.64 3.67 -1.55
CA GLY G 119 35.31 3.18 -2.74
C GLY G 119 36.79 3.04 -2.48
N GLN G 120 37.59 2.95 -3.54
CA GLN G 120 39.03 2.80 -3.35
C GLN G 120 39.80 4.03 -3.80
N GLY G 121 39.15 4.90 -4.56
CA GLY G 121 39.75 6.17 -4.93
C GLY G 121 40.22 6.26 -6.36
N THR G 122 40.12 7.44 -6.94
CA THR G 122 40.67 7.73 -8.26
C THR G 122 41.51 9.00 -8.19
N LEU G 123 42.67 8.97 -8.83
CA LEU G 123 43.63 10.05 -8.68
C LEU G 123 43.45 11.18 -9.69
N VAL G 124 43.36 12.41 -9.18
CA VAL G 124 43.28 13.58 -10.03
C VAL G 124 44.52 14.46 -9.87
N THR G 125 45.37 14.46 -10.89
CA THR G 125 46.56 15.29 -10.87
C THR G 125 46.38 16.54 -11.74
N VAL G 126 46.27 17.69 -11.09
CA VAL G 126 46.09 18.95 -11.82
C VAL G 126 47.38 19.74 -11.90
N SER G 127 47.98 19.76 -13.08
CA SER G 127 49.29 20.39 -13.28
C SER G 127 49.48 20.80 -14.74
N SER G 128 50.26 21.85 -14.95
CA SER G 128 50.52 22.37 -16.29
C SER G 128 51.63 21.59 -17.00
N ALA G 129 52.47 20.93 -16.22
CA ALA G 129 53.60 20.14 -16.74
C ALA G 129 53.21 19.15 -17.82
N SER G 130 54.14 18.90 -18.73
CA SER G 130 53.95 17.93 -19.79
C SER G 130 54.65 16.62 -19.45
N THR G 131 54.23 15.53 -20.07
CA THR G 131 54.78 14.22 -19.78
C THR G 131 56.26 14.12 -20.13
N LYS G 132 57.12 14.11 -19.11
CA LYS G 132 58.56 13.97 -19.31
C LYS G 132 59.05 12.62 -18.81
N GLY G 133 60.09 12.11 -19.44
CA GLY G 133 60.70 10.86 -19.01
C GLY G 133 61.80 11.12 -18.01
N PRO G 134 61.95 10.21 -17.03
CA PRO G 134 62.95 10.36 -15.97
C PRO G 134 64.38 10.23 -16.49
N SER G 135 65.29 10.99 -15.91
CA SER G 135 66.72 10.82 -16.18
C SER G 135 67.37 10.13 -15.00
N VAL G 136 67.82 8.90 -15.21
CA VAL G 136 68.35 8.08 -14.12
C VAL G 136 69.85 8.25 -13.95
N PHE G 137 70.26 8.66 -12.75
CA PHE G 137 71.67 8.87 -12.45
C PHE G 137 72.12 8.01 -11.27
N PRO G 138 73.36 7.50 -11.33
CA PRO G 138 73.90 6.63 -10.28
C PRO G 138 74.33 7.37 -9.02
N LEU G 139 74.35 6.64 -7.90
CA LEU G 139 74.87 7.14 -6.63
C LEU G 139 75.96 6.19 -6.14
N ALA G 140 77.20 6.51 -6.45
CA ALA G 140 78.34 5.62 -6.23
C ALA G 140 78.69 5.43 -4.75
N PRO G 141 79.15 4.22 -4.39
CA PRO G 141 79.58 3.89 -3.02
C PRO G 141 80.94 4.47 -2.66
N SER G 142 81.21 4.60 -1.36
CA SER G 142 82.47 5.20 -0.90
C SER G 142 83.44 4.13 -0.42
N GLY G 148 83.16 3.38 4.83
CA GLY G 148 82.61 3.07 6.13
C GLY G 148 82.86 1.62 6.48
N GLY G 149 82.04 1.09 7.39
CA GLY G 149 82.09 -0.34 7.67
C GLY G 149 81.68 -1.12 6.44
N THR G 150 80.41 -0.99 6.05
CA THR G 150 79.88 -1.69 4.89
C THR G 150 78.93 -0.76 4.14
N ALA G 151 79.34 -0.25 2.98
CA ALA G 151 78.75 0.95 2.42
C ALA G 151 77.51 0.67 1.55
N ALA G 152 76.97 1.73 0.94
CA ALA G 152 75.68 1.70 0.25
C ALA G 152 75.72 2.41 -1.10
N LEU G 153 74.68 2.22 -1.91
CA LEU G 153 74.59 2.81 -3.24
C LEU G 153 73.13 3.01 -3.68
N GLY G 154 72.93 3.64 -4.83
CA GLY G 154 71.59 3.86 -5.34
C GLY G 154 71.42 4.62 -6.63
N CYS G 155 70.16 4.88 -6.98
CA CYS G 155 69.82 5.63 -8.20
C CYS G 155 69.05 6.91 -7.90
N LEU G 156 69.40 7.97 -8.62
CA LEU G 156 68.64 9.21 -8.58
C LEU G 156 67.72 9.30 -9.80
N VAL G 157 66.42 9.42 -9.56
CA VAL G 157 65.44 9.48 -10.65
C VAL G 157 64.86 10.88 -10.75
N LYS G 158 65.49 11.74 -11.54
CA LYS G 158 65.18 13.17 -11.56
C LYS G 158 64.33 13.59 -12.76
N ASP G 159 63.51 14.63 -12.54
CA ASP G 159 62.78 15.31 -13.60
C ASP G 159 61.90 14.40 -14.45
N TYR G 160 60.80 13.95 -13.88
CA TYR G 160 59.81 13.18 -14.63
C TYR G 160 58.40 13.63 -14.28
N PHE G 161 57.46 13.34 -15.18
CA PHE G 161 56.06 13.69 -14.97
C PHE G 161 55.17 12.84 -15.87
N PRO G 162 54.05 12.33 -15.33
CA PRO G 162 53.63 12.43 -13.93
C PRO G 162 54.01 11.20 -13.11
N GLU G 163 53.53 11.14 -11.87
CA GLU G 163 53.61 9.92 -11.09
C GLU G 163 52.74 8.84 -11.75
N PRO G 164 53.07 7.55 -11.53
CA PRO G 164 54.19 7.06 -10.74
C PRO G 164 55.32 6.41 -11.55
N VAL G 165 56.49 6.30 -10.93
CA VAL G 165 57.54 5.44 -11.46
C VAL G 165 57.65 4.18 -10.59
N THR G 166 58.26 3.14 -11.12
CA THR G 166 58.56 1.96 -10.32
C THR G 166 60.06 1.65 -10.38
N VAL G 167 60.61 1.29 -9.23
CA VAL G 167 62.04 0.97 -9.15
C VAL G 167 62.25 -0.42 -8.58
N SER G 168 63.11 -1.20 -9.22
CA SER G 168 63.54 -2.49 -8.69
C SER G 168 65.06 -2.61 -8.83
N TRP G 169 65.62 -3.61 -8.16
CA TRP G 169 67.07 -3.82 -8.19
C TRP G 169 67.36 -5.25 -8.62
N ASN G 170 68.17 -5.39 -9.68
CA ASN G 170 68.44 -6.68 -10.29
C ASN G 170 67.14 -7.40 -10.66
N SER G 171 66.19 -6.62 -11.16
CA SER G 171 64.89 -7.12 -11.63
C SER G 171 64.10 -7.89 -10.57
N GLY G 172 64.25 -7.52 -9.30
CA GLY G 172 63.47 -8.11 -8.24
C GLY G 172 64.24 -9.06 -7.34
N ALA G 173 65.46 -9.38 -7.74
CA ALA G 173 66.30 -10.30 -6.98
C ALA G 173 66.80 -9.68 -5.67
N LEU G 174 66.80 -8.35 -5.62
CA LEU G 174 67.29 -7.62 -4.46
C LEU G 174 66.17 -6.81 -3.82
N THR G 175 65.68 -7.27 -2.68
CA THR G 175 64.57 -6.60 -1.99
C THR G 175 64.98 -6.10 -0.61
N SER G 176 65.61 -6.97 0.17
CA SER G 176 66.05 -6.64 1.52
C SER G 176 67.11 -5.53 1.54
N GLY G 177 66.91 -4.53 2.38
CA GLY G 177 67.86 -3.44 2.49
C GLY G 177 67.64 -2.33 1.49
N VAL G 178 66.46 -2.31 0.88
CA VAL G 178 66.14 -1.32 -0.15
C VAL G 178 65.15 -0.26 0.35
N HIS G 179 65.47 1.01 0.10
CA HIS G 179 64.57 2.11 0.40
C HIS G 179 64.34 3.00 -0.81
N THR G 180 63.09 3.02 -1.29
CA THR G 180 62.70 3.91 -2.37
C THR G 180 61.82 5.02 -1.81
N PHE G 181 62.35 6.24 -1.82
CA PHE G 181 61.72 7.37 -1.16
C PHE G 181 60.58 7.95 -1.99
N PRO G 182 59.55 8.49 -1.32
CA PRO G 182 58.46 9.20 -2.00
C PRO G 182 58.98 10.31 -2.90
N ALA G 183 58.37 10.49 -4.06
CA ALA G 183 58.82 11.51 -5.00
C ALA G 183 58.42 12.91 -4.53
N VAL G 184 59.36 13.85 -4.65
CA VAL G 184 59.07 15.23 -4.32
C VAL G 184 58.86 16.05 -5.59
N LEU G 185 57.99 17.05 -5.51
CA LEU G 185 57.73 17.95 -6.63
C LEU G 185 58.72 19.11 -6.65
N GLN G 186 59.55 19.16 -7.68
CA GLN G 186 60.47 20.26 -7.85
C GLN G 186 59.72 21.52 -8.22
N SER G 187 60.39 22.67 -8.15
CA SER G 187 59.76 23.93 -8.49
C SER G 187 59.49 23.99 -9.99
N SER G 188 60.26 23.21 -10.75
CA SER G 188 60.04 23.07 -12.18
C SER G 188 58.68 22.48 -12.52
N GLY G 189 58.08 21.81 -11.55
CA GLY G 189 56.81 21.13 -11.78
C GLY G 189 57.03 19.66 -12.07
N LEU G 190 58.29 19.25 -12.12
CA LEU G 190 58.63 17.85 -12.37
C LEU G 190 58.95 17.12 -11.07
N TYR G 191 58.71 15.82 -11.06
CA TYR G 191 58.98 15.01 -9.87
C TYR G 191 60.42 14.51 -9.86
N SER G 192 60.86 14.06 -8.68
CA SER G 192 62.19 13.45 -8.52
C SER G 192 62.26 12.66 -7.22
N LEU G 193 62.82 11.45 -7.29
CA LEU G 193 62.99 10.63 -6.10
C LEU G 193 64.33 9.91 -6.07
N SER G 194 64.59 9.23 -4.97
CA SER G 194 65.82 8.46 -4.82
C SER G 194 65.51 7.04 -4.37
N SER G 195 66.26 6.07 -4.90
CA SER G 195 66.20 4.70 -4.41
C SER G 195 67.60 4.25 -4.01
N VAL G 196 67.74 3.76 -2.79
CA VAL G 196 69.03 3.35 -2.27
C VAL G 196 69.01 1.95 -1.69
N VAL G 197 70.18 1.35 -1.52
CA VAL G 197 70.30 0.01 -0.94
C VAL G 197 71.65 -0.18 -0.25
N THR G 198 71.63 -0.85 0.90
CA THR G 198 72.86 -1.22 1.58
C THR G 198 73.25 -2.65 1.24
N VAL G 199 74.53 -2.84 0.90
CA VAL G 199 75.04 -4.14 0.48
C VAL G 199 76.44 -4.36 1.03
N PRO G 200 76.84 -5.64 1.21
CA PRO G 200 78.20 -6.02 1.62
C PRO G 200 79.28 -5.27 0.84
N SER G 201 80.33 -4.83 1.53
CA SER G 201 81.36 -4.00 0.92
C SER G 201 82.44 -4.83 0.23
N SER G 202 82.69 -6.02 0.76
CA SER G 202 83.61 -6.96 0.13
C SER G 202 83.04 -7.60 -1.14
N SER G 203 81.81 -7.24 -1.49
CA SER G 203 81.14 -7.82 -2.64
C SER G 203 80.94 -6.80 -3.77
N LEU G 204 81.39 -5.58 -3.55
CA LEU G 204 81.23 -4.51 -4.54
C LEU G 204 81.95 -4.83 -5.85
N GLY G 205 83.18 -5.34 -5.74
CA GLY G 205 84.00 -5.68 -6.90
C GLY G 205 83.52 -6.87 -7.71
N THR G 206 82.72 -7.74 -7.10
CA THR G 206 82.33 -8.99 -7.74
C THR G 206 80.86 -9.04 -8.14
N GLN G 207 79.99 -8.44 -7.34
CA GLN G 207 78.56 -8.41 -7.68
C GLN G 207 78.22 -7.14 -8.46
N THR G 208 77.21 -7.25 -9.32
CA THR G 208 76.75 -6.10 -10.11
C THR G 208 75.35 -5.66 -9.67
N TYR G 209 75.14 -4.35 -9.60
CA TYR G 209 73.86 -3.80 -9.16
C TYR G 209 73.22 -2.91 -10.22
N ILE G 210 72.11 -3.39 -10.79
CA ILE G 210 71.37 -2.63 -11.80
C ILE G 210 69.98 -2.25 -11.29
N CYS G 211 69.70 -0.95 -11.20
CA CYS G 211 68.37 -0.49 -10.82
C CYS G 211 67.49 -0.39 -12.05
N ASN G 212 66.27 -0.89 -11.92
CA ASN G 212 65.33 -0.92 -13.05
C ASN G 212 64.23 0.12 -12.86
N VAL G 213 64.27 1.16 -13.69
CA VAL G 213 63.32 2.27 -13.57
C VAL G 213 62.30 2.21 -14.68
N ASN G 214 61.02 2.11 -14.31
CA ASN G 214 59.95 1.99 -15.29
C ASN G 214 58.90 3.09 -15.14
N HIS G 215 58.87 4.00 -16.12
CA HIS G 215 57.89 5.10 -16.15
C HIS G 215 57.05 5.02 -17.44
N LYS G 216 55.93 4.32 -17.38
CA LYS G 216 55.11 4.07 -18.56
C LYS G 216 54.17 5.22 -18.98
N PRO G 217 53.90 6.22 -18.09
CA PRO G 217 53.22 7.39 -18.65
C PRO G 217 53.98 8.06 -19.80
N SER G 218 55.28 7.79 -19.90
CA SER G 218 56.08 8.31 -21.01
C SER G 218 56.71 7.16 -21.80
N ASN G 219 56.27 5.94 -21.49
CA ASN G 219 56.83 4.71 -22.08
C ASN G 219 58.36 4.64 -21.99
N THR G 220 58.89 5.15 -20.89
CA THR G 220 60.32 5.10 -20.64
C THR G 220 60.68 3.97 -19.69
N LYS G 221 61.73 3.21 -20.03
CA LYS G 221 62.29 2.21 -19.11
C LYS G 221 63.80 2.24 -19.19
N VAL G 222 64.44 2.45 -18.03
CA VAL G 222 65.88 2.66 -17.96
C VAL G 222 66.55 1.67 -17.02
N ASP G 223 67.68 1.11 -17.47
CA ASP G 223 68.48 0.24 -16.62
C ASP G 223 69.90 0.81 -16.48
N LYS G 224 70.20 1.34 -15.30
CA LYS G 224 71.53 1.90 -15.05
C LYS G 224 72.30 1.08 -14.01
N ARG G 225 73.62 1.07 -14.17
CA ARG G 225 74.50 0.35 -13.26
C ARG G 225 75.18 1.30 -12.27
N VAL G 226 75.51 0.79 -11.10
CA VAL G 226 76.17 1.60 -10.07
C VAL G 226 77.50 0.95 -9.69
N GLU G 227 78.56 1.77 -9.62
CA GLU G 227 79.91 1.28 -9.38
C GLU G 227 80.84 2.43 -8.98
N PRO G 228 81.71 2.18 -7.98
CA PRO G 228 82.69 3.10 -7.39
C PRO G 228 83.52 3.89 -8.41
N LYS G 229 84.30 4.86 -7.90
CA LYS G 229 85.11 5.76 -8.72
C LYS G 229 84.28 6.46 -9.79
N ASP H 1 30.65 27.15 10.53
CA ASP H 1 31.52 26.05 10.15
C ASP H 1 32.28 25.50 11.35
N ILE H 2 31.85 24.37 11.86
CA ILE H 2 32.53 23.72 12.96
C ILE H 2 33.90 23.18 12.53
N VAL H 3 34.94 23.56 13.25
CA VAL H 3 36.27 23.05 12.95
C VAL H 3 36.63 21.97 13.95
N MET H 4 37.35 20.95 13.47
CA MET H 4 37.74 19.83 14.31
C MET H 4 39.24 19.79 14.53
N THR H 5 39.64 19.78 15.80
CA THR H 5 41.04 19.89 16.18
C THR H 5 41.49 18.64 16.93
N GLN H 6 42.30 17.81 16.29
CA GLN H 6 42.78 16.57 16.91
C GLN H 6 44.14 16.76 17.57
N SER H 7 44.37 16.01 18.65
CA SER H 7 45.66 16.03 19.32
C SER H 7 46.05 14.63 19.78
N PRO H 8 47.35 14.32 19.76
CA PRO H 8 48.44 15.17 19.29
C PRO H 8 48.66 15.06 17.78
N GLY H 9 49.77 15.61 17.29
CA GLY H 9 50.12 15.50 15.89
C GLY H 9 50.34 14.04 15.55
N THR H 10 51.46 13.51 16.00
CA THR H 10 51.70 12.08 15.94
C THR H 10 51.70 11.47 17.33
N LEU H 11 51.06 10.32 17.48
CA LEU H 11 51.23 9.51 18.67
C LEU H 11 52.42 8.58 18.49
N SER H 12 52.87 7.97 19.58
CA SER H 12 53.87 6.92 19.50
C SER H 12 53.78 6.03 20.71
N LEU H 13 53.53 4.75 20.47
CA LEU H 13 53.41 3.76 21.54
C LEU H 13 53.89 2.39 21.08
N SER H 14 54.40 1.62 22.03
CA SER H 14 54.79 0.24 21.78
C SER H 14 53.54 -0.62 21.69
N PRO H 15 53.58 -1.68 20.86
CA PRO H 15 52.46 -2.61 20.74
C PRO H 15 52.06 -3.18 22.10
N GLY H 16 50.76 -3.30 22.33
CA GLY H 16 50.26 -3.81 23.59
C GLY H 16 49.89 -2.71 24.57
N GLU H 17 50.31 -1.49 24.29
CA GLU H 17 49.99 -0.35 25.13
C GLU H 17 48.57 0.16 24.88
N ARG H 18 48.07 1.00 25.77
CA ARG H 18 46.78 1.64 25.56
C ARG H 18 46.93 2.99 24.88
N ALA H 19 46.14 3.22 23.83
CA ALA H 19 46.16 4.49 23.11
C ALA H 19 44.93 5.32 23.44
N THR H 20 45.08 6.64 23.32
CA THR H 20 43.96 7.56 23.54
C THR H 20 44.13 8.84 22.72
N LEU H 21 43.19 9.06 21.80
CA LEU H 21 43.27 10.18 20.88
C LEU H 21 42.18 11.20 21.22
N SER H 22 42.44 12.48 20.97
CA SER H 22 41.51 13.53 21.34
C SER H 22 40.93 14.26 20.13
N CYS H 23 39.67 14.67 20.26
CA CYS H 23 39.00 15.45 19.22
C CYS H 23 38.15 16.53 19.87
N ARG H 24 38.51 17.79 19.64
CA ARG H 24 37.78 18.91 20.23
C ARG H 24 37.13 19.75 19.13
N ALA H 25 36.02 20.40 19.48
CA ALA H 25 35.20 21.10 18.50
C ALA H 25 35.20 22.62 18.66
N SER H 26 35.00 23.33 17.56
CA SER H 26 34.91 24.79 17.59
C SER H 26 33.63 25.28 18.23
N GLN H 27 32.61 24.42 18.21
CA GLN H 27 31.33 24.71 18.85
C GLN H 27 30.84 23.46 19.53
N SER H 28 29.55 23.43 19.86
CA SER H 28 28.93 22.20 20.30
C SER H 28 28.51 21.43 19.06
N VAL H 29 28.55 20.10 19.12
CA VAL H 29 28.05 19.28 18.02
C VAL H 29 26.55 19.46 17.84
N SER H 30 25.77 18.39 17.98
CA SER H 30 24.31 18.51 17.94
C SER H 30 23.61 17.30 18.54
N SER H 31 24.30 16.17 18.57
CA SER H 31 23.78 14.97 19.19
C SER H 31 24.90 13.97 19.46
N SER H 32 26.07 14.47 19.81
CA SER H 32 27.28 13.64 19.90
C SER H 32 27.55 13.03 18.52
N TYR H 33 26.97 13.65 17.50
CA TYR H 33 27.14 13.24 16.11
C TYR H 33 28.58 13.36 15.67
N LEU H 34 29.44 12.52 16.23
CA LEU H 34 30.85 12.51 15.86
C LEU H 34 31.33 11.10 15.53
N ALA H 35 31.99 10.95 14.39
CA ALA H 35 32.48 9.65 13.96
C ALA H 35 34.01 9.55 14.00
N TRP H 36 34.51 8.31 13.95
CA TRP H 36 35.94 8.07 13.94
C TRP H 36 36.29 7.14 12.79
N TYR H 37 37.29 7.53 12.00
CA TYR H 37 37.73 6.71 10.87
C TYR H 37 39.20 6.32 10.99
N GLN H 38 39.50 5.07 10.67
CA GLN H 38 40.89 4.60 10.57
C GLN H 38 41.30 4.53 9.11
N GLN H 39 42.55 4.85 8.81
CA GLN H 39 43.02 4.77 7.43
C GLN H 39 44.47 4.28 7.34
N LYS H 40 44.63 3.01 6.98
CA LYS H 40 45.95 2.47 6.70
C LYS H 40 46.46 3.10 5.40
N PRO H 41 47.78 3.20 5.23
CA PRO H 41 48.32 3.84 4.02
C PRO H 41 48.03 3.04 2.76
N GLY H 42 47.58 3.74 1.71
CA GLY H 42 47.26 3.10 0.44
C GLY H 42 45.85 2.54 0.39
N GLN H 43 45.15 2.64 1.51
CA GLN H 43 43.77 2.15 1.59
C GLN H 43 42.80 3.30 1.79
N ALA H 44 41.53 3.05 1.47
CA ALA H 44 40.48 3.99 1.82
C ALA H 44 40.26 3.93 3.32
N PRO H 45 39.77 5.02 3.92
CA PRO H 45 39.46 4.98 5.35
C PRO H 45 38.25 4.08 5.65
N ARG H 46 38.28 3.38 6.78
CA ARG H 46 37.15 2.55 7.21
C ARG H 46 36.58 3.06 8.52
N LEU H 47 35.25 3.05 8.62
CA LEU H 47 34.56 3.60 9.77
C LEU H 47 34.76 2.79 11.05
N LEU H 48 34.94 3.48 12.17
CA LEU H 48 35.15 2.82 13.45
C LEU H 48 34.00 3.08 14.40
N ILE H 49 33.70 4.35 14.64
CA ILE H 49 32.66 4.75 15.57
C ILE H 49 31.70 5.76 14.94
N TYR H 50 30.44 5.71 15.35
CA TYR H 50 29.48 6.75 15.01
C TYR H 50 28.66 7.11 16.24
N ARG H 51 28.13 8.32 16.27
CA ARG H 51 27.43 8.85 17.44
C ARG H 51 28.39 8.77 18.64
N ALA H 52 29.67 9.01 18.36
CA ALA H 52 30.69 9.18 19.38
C ALA H 52 31.01 7.93 20.23
N SER H 53 30.09 6.98 20.30
CA SER H 53 30.30 5.83 21.18
C SER H 53 29.84 4.49 20.60
N SER H 54 29.19 4.51 19.45
CA SER H 54 28.66 3.27 18.87
C SER H 54 29.65 2.62 17.90
N ARG H 55 30.07 1.40 18.22
CA ARG H 55 30.99 0.66 17.36
C ARG H 55 30.34 0.25 16.05
N ALA H 56 31.08 0.39 14.95
CA ALA H 56 30.59 -0.04 13.65
C ALA H 56 30.65 -1.57 13.56
N THR H 57 29.83 -2.13 12.68
CA THR H 57 29.77 -3.58 12.51
C THR H 57 31.11 -4.11 12.01
N GLY H 58 31.62 -5.14 12.68
CA GLY H 58 32.88 -5.77 12.30
C GLY H 58 34.12 -5.09 12.86
N ILE H 59 33.92 -4.22 13.84
CA ILE H 59 35.03 -3.58 14.55
C ILE H 59 35.27 -4.24 15.90
N PRO H 60 36.50 -4.69 16.14
CA PRO H 60 36.95 -5.34 17.39
C PRO H 60 36.57 -4.56 18.65
N ASP H 61 36.49 -5.27 19.78
CA ASP H 61 35.99 -4.69 21.01
C ASP H 61 36.96 -3.71 21.67
N ARG H 62 38.20 -3.68 21.19
CA ARG H 62 39.22 -2.85 21.82
C ARG H 62 39.07 -1.38 21.45
N PHE H 63 38.44 -1.12 20.31
CA PHE H 63 38.13 0.25 19.93
C PHE H 63 36.89 0.74 20.68
N SER H 64 37.04 1.86 21.39
CA SER H 64 35.92 2.45 22.10
C SER H 64 35.89 3.97 21.95
N GLY H 65 34.71 4.53 21.83
CA GLY H 65 34.56 5.97 21.71
C GLY H 65 33.86 6.57 22.90
N SER H 66 34.20 7.82 23.23
CA SER H 66 33.58 8.52 24.34
C SER H 66 33.58 10.03 24.12
N GLY H 67 32.76 10.73 24.90
CA GLY H 67 32.71 12.18 24.84
C GLY H 67 31.36 12.75 24.45
N SER H 68 31.18 14.04 24.70
CA SER H 68 29.96 14.75 24.33
C SER H 68 30.17 16.25 24.30
N GLY H 69 29.33 16.95 23.56
CA GLY H 69 29.40 18.41 23.48
C GLY H 69 30.56 18.92 22.63
N THR H 70 31.72 19.06 23.26
CA THR H 70 32.86 19.71 22.60
C THR H 70 34.08 18.80 22.60
N ASP H 71 34.19 17.93 23.60
CA ASP H 71 35.40 17.14 23.78
C ASP H 71 35.12 15.64 23.63
N PHE H 72 35.77 15.02 22.65
CA PHE H 72 35.60 13.59 22.37
C PHE H 72 36.93 12.86 22.37
N THR H 73 36.90 11.58 22.74
CA THR H 73 38.12 10.76 22.73
C THR H 73 37.88 9.38 22.15
N LEU H 74 38.91 8.83 21.51
CA LEU H 74 38.90 7.46 21.02
C LEU H 74 39.94 6.62 21.76
N THR H 75 39.47 5.59 22.47
CA THR H 75 40.37 4.77 23.27
C THR H 75 40.61 3.38 22.67
N ILE H 76 41.87 3.03 22.45
CA ILE H 76 42.24 1.69 22.02
C ILE H 76 42.90 0.95 23.19
N SER H 77 42.18 0.00 23.78
CA SER H 77 42.63 -0.65 25.01
C SER H 77 43.98 -1.34 24.88
N ARG H 78 44.10 -2.27 23.94
CA ARG H 78 45.39 -2.88 23.63
C ARG H 78 45.78 -2.55 22.19
N LEU H 79 47.07 -2.32 21.98
CA LEU H 79 47.55 -1.90 20.67
C LEU H 79 48.17 -3.07 19.90
N GLU H 80 47.43 -3.59 18.94
CA GLU H 80 47.94 -4.64 18.07
C GLU H 80 48.58 -4.00 16.84
N PRO H 81 49.57 -4.67 16.23
CA PRO H 81 50.32 -4.10 15.10
C PRO H 81 49.46 -3.67 13.91
N GLU H 82 48.19 -4.06 13.93
CA GLU H 82 47.27 -3.71 12.85
C GLU H 82 46.69 -2.31 13.07
N ASP H 83 46.90 -1.77 14.26
CA ASP H 83 46.24 -0.53 14.66
C ASP H 83 47.06 0.71 14.37
N PHE H 84 48.31 0.53 13.96
CA PHE H 84 49.15 1.67 13.60
C PHE H 84 48.79 2.25 12.24
N ALA H 85 48.24 3.47 12.26
CA ALA H 85 47.68 4.12 11.08
C ALA H 85 47.23 5.53 11.44
N VAL H 86 46.68 6.23 10.47
CA VAL H 86 46.15 7.57 10.71
C VAL H 86 44.69 7.49 11.13
N TYR H 87 44.32 8.24 12.17
CA TYR H 87 42.95 8.26 12.66
C TYR H 87 42.32 9.65 12.56
N TYR H 88 41.28 9.77 11.75
CA TYR H 88 40.54 11.02 11.62
C TYR H 88 39.23 10.95 12.40
N CYS H 89 38.70 12.12 12.79
CA CYS H 89 37.35 12.20 13.34
C CYS H 89 36.51 13.15 12.50
N GLN H 90 35.21 12.95 12.53
CA GLN H 90 34.33 13.73 11.67
C GLN H 90 33.00 14.00 12.37
N GLN H 91 32.56 15.24 12.33
CA GLN H 91 31.26 15.58 12.91
C GLN H 91 30.18 15.76 11.86
N TYR H 92 28.95 15.43 12.26
CA TYR H 92 27.79 15.63 11.41
C TYR H 92 26.65 16.21 12.23
N GLY H 93 27.01 17.10 13.15
CA GLY H 93 26.02 17.84 13.92
C GLY H 93 25.62 19.10 13.16
N SER H 94 26.54 19.56 12.31
CA SER H 94 26.30 20.69 11.43
C SER H 94 27.18 20.56 10.19
N SER H 95 26.55 20.31 9.06
CA SER H 95 27.25 19.95 7.81
C SER H 95 28.19 18.78 8.07
N PHE H 96 29.28 18.71 7.31
CA PHE H 96 30.27 17.66 7.50
C PHE H 96 31.67 18.27 7.53
N THR H 97 32.43 18.00 8.60
CA THR H 97 33.79 18.50 8.69
C THR H 97 34.74 17.46 9.31
N PHE H 98 35.97 17.44 8.80
CA PHE H 98 36.98 16.47 9.23
C PHE H 98 38.04 17.10 10.12
N GLY H 99 38.60 16.29 11.01
CA GLY H 99 39.78 16.69 11.77
C GLY H 99 41.01 16.66 10.87
N GLN H 100 42.17 16.96 11.43
CA GLN H 100 43.40 17.00 10.64
C GLN H 100 44.12 15.65 10.71
N GLY H 101 43.68 14.81 11.65
CA GLY H 101 44.20 13.45 11.73
C GLY H 101 45.33 13.26 12.72
N THR H 102 45.28 12.13 13.43
CA THR H 102 46.35 11.76 14.35
C THR H 102 47.00 10.44 13.94
N LYS H 103 48.26 10.50 13.52
CA LYS H 103 49.01 9.30 13.18
C LYS H 103 49.59 8.66 14.43
N VAL H 104 49.35 7.37 14.62
CA VAL H 104 49.97 6.64 15.71
C VAL H 104 51.03 5.71 15.12
N GLU H 105 52.25 5.84 15.63
CA GLU H 105 53.38 5.06 15.14
C GLU H 105 53.91 4.12 16.22
N ILE H 106 54.79 3.21 15.82
CA ILE H 106 55.40 2.30 16.78
C ILE H 106 56.52 3.01 17.52
N LYS H 107 56.47 2.99 18.84
CA LYS H 107 57.53 3.55 19.65
C LYS H 107 58.61 2.51 19.91
N ARG H 108 59.68 2.54 19.11
CA ARG H 108 60.84 1.68 19.38
C ARG H 108 61.90 2.46 20.12
N THR H 109 63.09 1.90 20.17
CA THR H 109 64.23 2.52 20.83
C THR H 109 64.91 3.50 19.90
N VAL H 110 65.63 4.45 20.48
CA VAL H 110 66.35 5.46 19.71
C VAL H 110 67.37 4.84 18.77
N ALA H 111 67.33 5.25 17.51
CA ALA H 111 68.24 4.72 16.51
C ALA H 111 68.96 5.83 15.75
N ALA H 112 70.29 5.87 15.86
CA ALA H 112 71.10 6.83 15.12
C ALA H 112 71.06 6.56 13.63
N PRO H 113 70.98 7.62 12.82
CA PRO H 113 70.95 7.46 11.37
C PRO H 113 72.33 7.15 10.82
N SER H 114 72.39 6.45 9.68
CA SER H 114 73.65 6.22 8.98
C SER H 114 73.70 7.15 7.78
N VAL H 115 74.72 8.00 7.73
CA VAL H 115 74.76 9.08 6.75
C VAL H 115 75.65 8.75 5.54
N PHE H 116 75.12 8.99 4.35
CA PHE H 116 75.84 8.80 3.10
C PHE H 116 75.64 10.03 2.23
N ILE H 117 76.67 10.40 1.48
CA ILE H 117 76.57 11.53 0.56
C ILE H 117 77.03 11.12 -0.83
N PHE H 118 76.30 11.58 -1.85
CA PHE H 118 76.55 11.15 -3.22
C PHE H 118 76.71 12.34 -4.16
N PRO H 119 77.94 12.60 -4.61
CA PRO H 119 78.23 13.61 -5.64
C PRO H 119 77.45 13.33 -6.92
N PRO H 120 77.19 14.39 -7.71
CA PRO H 120 76.38 14.22 -8.93
C PRO H 120 77.04 13.31 -9.95
N SER H 121 76.22 12.70 -10.81
CA SER H 121 76.72 11.79 -11.84
C SER H 121 77.27 12.57 -13.03
N ASP H 122 78.42 12.12 -13.53
CA ASP H 122 79.05 12.71 -14.70
C ASP H 122 78.10 12.99 -15.86
N GLU H 123 77.18 12.05 -16.11
CA GLU H 123 76.21 12.20 -17.19
C GLU H 123 75.31 13.42 -17.01
N GLN H 124 74.95 13.69 -15.76
CA GLN H 124 74.00 14.77 -15.46
C GLN H 124 74.51 16.19 -15.74
N LEU H 125 75.75 16.49 -15.36
CA LEU H 125 76.21 17.87 -15.43
C LEU H 125 76.33 18.40 -16.85
N LYS H 126 76.40 17.49 -17.81
CA LYS H 126 76.51 17.90 -19.21
C LYS H 126 75.13 18.20 -19.77
N SER H 127 74.13 18.08 -18.91
CA SER H 127 72.78 18.55 -19.24
C SER H 127 72.38 19.72 -18.34
N GLY H 128 73.32 20.63 -18.12
CA GLY H 128 73.02 21.90 -17.48
C GLY H 128 72.94 21.95 -15.95
N THR H 129 72.40 20.91 -15.34
CA THR H 129 72.22 20.91 -13.88
C THR H 129 72.93 19.76 -13.17
N ALA H 130 73.01 19.87 -11.85
CA ALA H 130 73.67 18.85 -11.03
C ALA H 130 72.98 18.69 -9.68
N SER H 131 72.68 17.45 -9.32
CA SER H 131 72.00 17.16 -8.06
C SER H 131 72.88 16.42 -7.04
N VAL H 132 72.90 16.91 -5.82
CA VAL H 132 73.64 16.28 -4.74
C VAL H 132 72.69 15.62 -3.75
N VAL H 133 72.93 14.34 -3.47
CA VAL H 133 72.02 13.54 -2.67
C VAL H 133 72.62 13.20 -1.30
N CYS H 134 71.76 13.15 -0.28
CA CYS H 134 72.18 12.80 1.07
C CYS H 134 71.23 11.77 1.66
N LEU H 135 71.78 10.68 2.18
CA LEU H 135 70.97 9.60 2.73
C LEU H 135 71.04 9.52 4.25
N LEU H 136 69.88 9.46 4.88
CA LEU H 136 69.79 9.19 6.31
C LEU H 136 69.09 7.85 6.48
N ASN H 137 69.87 6.81 6.78
CA ASN H 137 69.36 5.46 6.69
C ASN H 137 68.95 4.83 8.02
N ASN H 138 67.70 4.38 8.08
CA ASN H 138 67.16 3.67 9.23
C ASN H 138 67.38 4.34 10.57
N PHE H 139 66.56 5.33 10.89
CA PHE H 139 66.66 5.99 12.18
C PHE H 139 65.32 6.08 12.92
N TYR H 140 65.40 6.33 14.22
CA TYR H 140 64.22 6.60 15.02
C TYR H 140 64.62 7.42 16.23
N PRO H 141 63.83 8.45 16.58
CA PRO H 141 62.54 8.82 15.99
C PRO H 141 62.67 9.55 14.65
N ARG H 142 61.53 9.97 14.10
CA ARG H 142 61.50 10.54 12.76
C ARG H 142 62.16 11.91 12.70
N GLU H 143 61.97 12.70 13.76
CA GLU H 143 62.47 14.07 13.77
C GLU H 143 63.97 14.13 13.55
N ALA H 144 64.35 14.66 12.39
CA ALA H 144 65.76 14.85 12.04
C ALA H 144 65.95 16.18 11.34
N LYS H 145 67.18 16.67 11.33
CA LYS H 145 67.49 17.95 10.67
C LYS H 145 68.74 17.85 9.82
N VAL H 146 68.58 18.01 8.51
CA VAL H 146 69.73 18.05 7.60
C VAL H 146 70.01 19.48 7.18
N GLN H 147 71.28 19.81 7.01
CA GLN H 147 71.65 21.13 6.51
C GLN H 147 72.85 21.05 5.58
N TRP H 148 72.70 21.62 4.40
CA TRP H 148 73.78 21.64 3.41
C TRP H 148 74.70 22.83 3.63
N LYS H 149 75.99 22.62 3.39
CA LYS H 149 76.98 23.69 3.52
C LYS H 149 78.02 23.59 2.41
N VAL H 150 77.91 24.46 1.41
CA VAL H 150 78.87 24.51 0.31
C VAL H 150 79.99 25.48 0.64
N ASP H 151 81.19 24.94 0.86
CA ASP H 151 82.32 25.71 1.39
C ASP H 151 81.92 26.40 2.69
N ASN H 152 81.28 25.64 3.56
CA ASN H 152 80.73 26.14 4.84
C ASN H 152 79.81 27.35 4.68
N ALA H 153 79.18 27.47 3.51
CA ALA H 153 78.15 28.48 3.30
C ALA H 153 76.78 27.83 3.45
N LEU H 154 76.08 28.18 4.52
CA LEU H 154 74.79 27.58 4.86
C LEU H 154 73.76 27.70 3.73
N GLN H 155 73.28 26.56 3.25
CA GLN H 155 72.39 26.53 2.09
C GLN H 155 70.92 26.54 2.51
N SER H 156 70.10 27.24 1.72
CA SER H 156 68.65 27.28 1.96
C SER H 156 67.89 27.56 0.65
N GLY H 157 66.70 26.97 0.54
CA GLY H 157 65.79 27.27 -0.54
C GLY H 157 65.99 26.50 -1.84
N ASN H 158 67.00 25.64 -1.88
CA ASN H 158 67.29 24.88 -3.09
C ASN H 158 67.30 23.36 -2.87
N SER H 159 67.04 22.93 -1.64
CA SER H 159 67.03 21.51 -1.33
C SER H 159 65.66 21.03 -0.90
N GLN H 160 65.24 19.89 -1.43
CA GLN H 160 64.00 19.24 -1.02
C GLN H 160 64.32 17.92 -0.34
N GLU H 161 63.33 17.36 0.34
CA GLU H 161 63.51 16.05 0.96
C GLU H 161 62.20 15.27 1.08
N SER H 162 62.33 13.95 1.22
CA SER H 162 61.19 13.08 1.49
C SER H 162 61.54 11.99 2.48
N VAL H 163 60.55 11.48 3.19
CA VAL H 163 60.76 10.44 4.20
C VAL H 163 59.91 9.21 3.92
N THR H 164 60.48 8.04 4.13
CA THR H 164 59.73 6.80 3.95
C THR H 164 58.75 6.61 5.10
N GLU H 165 57.80 5.71 4.91
CA GLU H 165 56.90 5.33 5.99
C GLU H 165 57.66 4.47 6.98
N GLN H 166 57.18 4.42 8.23
CA GLN H 166 57.81 3.61 9.26
C GLN H 166 57.96 2.17 8.78
N ASP H 167 59.20 1.69 8.77
CA ASP H 167 59.50 0.35 8.27
C ASP H 167 58.72 -0.73 9.03
N SER H 168 58.42 -1.82 8.34
CA SER H 168 57.53 -2.84 8.90
C SER H 168 58.25 -3.80 9.83
N LYS H 169 59.57 -3.84 9.76
CA LYS H 169 60.36 -4.72 10.61
C LYS H 169 61.00 -3.98 11.79
N ASP H 170 61.95 -3.10 11.48
CA ASP H 170 62.70 -2.39 12.52
C ASP H 170 62.03 -1.09 12.96
N SER H 171 60.92 -0.75 12.32
CA SER H 171 60.14 0.44 12.68
C SER H 171 60.98 1.72 12.63
N THR H 172 61.85 1.81 11.63
CA THR H 172 62.69 3.00 11.47
C THR H 172 62.27 3.83 10.26
N TYR H 173 62.80 5.05 10.19
CA TYR H 173 62.56 5.93 9.06
C TYR H 173 63.84 6.12 8.25
N SER H 174 63.67 6.51 6.98
CA SER H 174 64.80 6.87 6.14
C SER H 174 64.49 8.17 5.42
N LEU H 175 65.51 8.99 5.20
CA LEU H 175 65.33 10.32 4.64
C LEU H 175 66.26 10.57 3.46
N SER H 176 65.74 11.15 2.39
CA SER H 176 66.54 11.51 1.23
C SER H 176 66.49 13.01 0.98
N SER H 177 67.67 13.64 0.91
CA SER H 177 67.73 15.08 0.69
C SER H 177 68.54 15.42 -0.56
N THR H 178 67.90 16.12 -1.49
CA THR H 178 68.51 16.42 -2.79
C THR H 178 68.78 17.90 -2.99
N LEU H 179 70.06 18.26 -3.06
CA LEU H 179 70.45 19.65 -3.29
C LEU H 179 70.60 19.95 -4.78
N THR H 180 69.54 20.49 -5.37
CA THR H 180 69.58 20.91 -6.78
C THR H 180 70.39 22.18 -6.98
N LEU H 181 71.44 22.09 -7.79
CA LEU H 181 72.21 23.25 -8.20
C LEU H 181 72.36 23.30 -9.71
N SER H 182 72.79 24.44 -10.23
CA SER H 182 73.10 24.55 -11.65
C SER H 182 74.52 24.09 -11.85
N LYS H 183 74.87 23.71 -13.08
CA LYS H 183 76.26 23.39 -13.40
C LYS H 183 77.14 24.58 -13.07
N ALA H 184 76.76 25.75 -13.60
CA ALA H 184 77.45 27.02 -13.38
C ALA H 184 77.95 27.21 -11.94
N ASP H 185 77.03 27.18 -10.99
CA ASP H 185 77.36 27.38 -9.58
C ASP H 185 78.18 26.24 -8.98
N TYR H 186 78.08 25.06 -9.58
CA TYR H 186 78.71 23.86 -9.02
C TYR H 186 80.23 23.90 -9.04
N GLU H 187 80.82 24.27 -10.19
CA GLU H 187 82.28 24.27 -10.28
C GLU H 187 82.91 25.54 -9.71
N LYS H 188 82.13 26.30 -8.94
CA LYS H 188 82.67 27.45 -8.23
C LYS H 188 83.39 27.00 -6.96
N HIS H 189 82.79 26.04 -6.26
CA HIS H 189 83.25 25.64 -4.93
C HIS H 189 83.83 24.24 -4.92
N LYS H 190 84.40 23.83 -3.79
CA LYS H 190 85.03 22.53 -3.67
C LYS H 190 84.37 21.64 -2.63
N VAL H 191 84.25 22.15 -1.41
CA VAL H 191 83.73 21.36 -0.29
C VAL H 191 82.20 21.36 -0.23
N TYR H 192 81.61 20.20 -0.52
CA TYR H 192 80.18 20.02 -0.39
C TYR H 192 79.85 19.12 0.79
N ALA H 193 79.10 19.66 1.75
CA ALA H 193 78.84 18.92 2.99
C ALA H 193 77.35 18.79 3.31
N CYS H 194 77.02 17.70 3.98
CA CYS H 194 75.66 17.44 4.45
C CYS H 194 75.72 17.18 5.94
N GLU H 195 75.14 18.08 6.73
CA GLU H 195 75.27 18.00 8.18
C GLU H 195 73.99 17.54 8.85
N VAL H 196 74.07 16.39 9.52
CA VAL H 196 72.90 15.76 10.13
C VAL H 196 72.92 15.88 11.64
N THR H 197 71.81 16.34 12.22
CA THR H 197 71.65 16.34 13.66
C THR H 197 70.39 15.57 14.04
N HIS H 198 70.51 14.71 15.03
CA HIS H 198 69.43 13.82 15.41
C HIS H 198 69.60 13.32 16.84
N GLN H 199 68.48 13.03 17.50
CA GLN H 199 68.47 12.64 18.91
C GLN H 199 69.45 11.51 19.22
N GLY H 200 69.64 10.61 18.26
CA GLY H 200 70.52 9.47 18.44
C GLY H 200 71.98 9.74 18.15
N LEU H 201 72.31 11.02 17.99
CA LEU H 201 73.68 11.44 17.72
C LEU H 201 74.21 12.37 18.80
N SER H 202 75.41 12.07 19.29
CA SER H 202 76.05 12.87 20.33
C SER H 202 76.25 14.30 19.89
N SER H 203 77.01 14.47 18.81
CA SER H 203 77.20 15.75 18.14
C SER H 203 76.91 15.55 16.65
N PRO H 204 76.42 16.61 15.97
CA PRO H 204 76.09 16.53 14.54
C PRO H 204 77.15 15.82 13.72
N VAL H 205 76.71 14.93 12.83
CA VAL H 205 77.63 14.17 12.02
C VAL H 205 77.67 14.78 10.64
N THR H 206 78.88 15.08 10.17
CA THR H 206 79.05 15.76 8.90
C THR H 206 79.75 14.86 7.89
N LYS H 207 79.06 14.55 6.81
CA LYS H 207 79.61 13.77 5.72
C LYS H 207 79.81 14.71 4.52
N SER H 208 80.93 14.57 3.82
CA SER H 208 81.28 15.52 2.77
C SER H 208 82.25 14.94 1.74
N PHE H 209 82.51 15.71 0.70
CA PHE H 209 83.47 15.34 -0.33
C PHE H 209 84.05 16.57 -1.02
N ASN H 210 85.30 16.46 -1.47
CA ASN H 210 85.89 17.46 -2.34
C ASN H 210 85.68 17.07 -3.79
N ARG H 211 85.74 18.05 -4.69
CA ARG H 211 85.50 17.78 -6.10
C ARG H 211 86.76 17.26 -6.79
N GLY H 212 86.78 15.96 -7.08
CA GLY H 212 87.92 15.34 -7.72
C GLY H 212 89.01 14.94 -6.74
N GLN I 1 -25.21 5.98 -14.30
CA GLN I 1 -24.53 6.63 -13.19
C GLN I 1 -25.50 6.90 -12.05
N VAL I 2 -25.29 8.01 -11.33
CA VAL I 2 -26.08 8.33 -10.16
C VAL I 2 -27.27 9.22 -10.55
N GLN I 3 -28.44 8.89 -10.01
CA GLN I 3 -29.68 9.48 -10.47
C GLN I 3 -30.65 9.69 -9.33
N LEU I 4 -31.38 10.80 -9.39
CA LEU I 4 -32.42 11.08 -8.41
C LEU I 4 -33.74 11.37 -9.10
N VAL I 5 -34.79 10.69 -8.66
CA VAL I 5 -36.11 10.79 -9.29
C VAL I 5 -37.20 11.02 -8.26
N GLU I 6 -37.76 12.22 -8.24
CA GLU I 6 -38.81 12.55 -7.27
C GLU I 6 -40.19 12.22 -7.83
N SER I 7 -41.14 12.01 -6.94
CA SER I 7 -42.46 11.53 -7.33
C SER I 7 -43.56 11.97 -6.37
N GLY I 8 -44.76 12.13 -6.90
CA GLY I 8 -45.95 12.29 -6.09
C GLY I 8 -46.34 13.73 -5.78
N GLY I 9 -46.13 14.63 -6.73
CA GLY I 9 -46.61 15.98 -6.58
C GLY I 9 -47.97 16.12 -7.24
N GLY I 10 -48.52 17.34 -7.21
CA GLY I 10 -49.79 17.59 -7.84
C GLY I 10 -50.61 18.68 -7.17
N VAL I 11 -51.86 18.85 -7.61
CA VAL I 11 -52.76 19.81 -6.99
C VAL I 11 -53.38 19.24 -5.73
N VAL I 12 -53.29 19.99 -4.64
CA VAL I 12 -53.86 19.55 -3.37
C VAL I 12 -54.31 20.76 -2.57
N GLN I 13 -55.34 20.58 -1.74
CA GLN I 13 -55.94 21.70 -1.02
C GLN I 13 -55.18 22.07 0.26
N PRO I 14 -55.31 23.33 0.71
CA PRO I 14 -54.65 23.79 1.93
C PRO I 14 -55.12 23.03 3.15
N GLY I 15 -54.21 22.78 4.08
CA GLY I 15 -54.53 22.09 5.31
C GLY I 15 -54.33 20.59 5.19
N THR I 16 -54.50 20.07 3.99
CA THR I 16 -54.39 18.63 3.75
C THR I 16 -52.96 18.14 3.86
N SER I 17 -52.77 16.84 3.67
CA SER I 17 -51.45 16.24 3.75
C SER I 17 -51.04 15.61 2.42
N LEU I 18 -49.74 15.39 2.25
CA LEU I 18 -49.19 14.85 1.01
C LEU I 18 -47.75 14.37 1.19
N ARG I 19 -47.46 13.19 0.65
CA ARG I 19 -46.11 12.63 0.75
C ARG I 19 -45.38 12.63 -0.59
N LEU I 20 -44.16 13.17 -0.57
CA LEU I 20 -43.31 13.16 -1.75
C LEU I 20 -42.25 12.06 -1.60
N SER I 21 -41.84 11.49 -2.73
CA SER I 21 -40.85 10.40 -2.70
C SER I 21 -39.75 10.68 -3.70
N CYS I 22 -38.55 10.19 -3.39
CA CYS I 22 -37.38 10.40 -4.24
C CYS I 22 -36.56 9.13 -4.36
N GLU I 23 -36.55 8.55 -5.56
CA GLU I 23 -35.85 7.30 -5.80
C GLU I 23 -34.39 7.53 -6.17
N ALA I 24 -33.49 6.89 -5.42
CA ALA I 24 -32.05 7.03 -5.64
C ALA I 24 -31.47 5.86 -6.40
N SER I 25 -30.92 6.14 -7.58
CA SER I 25 -30.27 5.10 -8.38
C SER I 25 -28.84 5.48 -8.71
N GLY I 26 -27.90 4.58 -8.44
CA GLY I 26 -26.51 4.82 -8.77
C GLY I 26 -25.63 4.87 -7.55
N PHE I 27 -26.25 4.78 -6.38
CA PHE I 27 -25.54 4.91 -5.11
C PHE I 27 -26.44 4.47 -3.96
N THR I 28 -25.82 4.20 -2.81
CA THR I 28 -26.60 3.86 -1.63
C THR I 28 -27.01 5.13 -0.90
N SER I 29 -28.31 5.31 -0.74
CA SER I 29 -28.86 6.50 -0.11
C SER I 29 -28.40 6.62 1.34
N SER I 30 -28.20 5.49 2.01
CA SER I 30 -27.81 5.48 3.40
C SER I 30 -26.36 5.93 3.60
N ALA I 31 -25.66 6.16 2.49
CA ALA I 31 -24.24 6.52 2.54
C ALA I 31 -24.02 8.02 2.43
N TYR I 32 -25.11 8.78 2.32
CA TYR I 32 -25.04 10.21 2.12
C TYR I 32 -26.08 10.94 2.96
N ALA I 33 -25.81 12.20 3.26
CA ALA I 33 -26.84 13.05 3.80
C ALA I 33 -27.74 13.46 2.65
N MET I 34 -29.05 13.48 2.88
CA MET I 34 -29.99 13.77 1.81
C MET I 34 -30.83 14.99 2.14
N HIS I 35 -31.03 15.86 1.15
CA HIS I 35 -31.74 17.12 1.36
C HIS I 35 -32.99 17.26 0.52
N TRP I 36 -33.91 18.10 0.99
CA TRP I 36 -35.00 18.60 0.16
C TRP I 36 -34.85 20.09 -0.01
N VAL I 37 -34.95 20.55 -1.26
CA VAL I 37 -34.85 21.97 -1.58
C VAL I 37 -35.95 22.35 -2.55
N ARG I 38 -36.66 23.43 -2.25
CA ARG I 38 -37.80 23.81 -3.08
C ARG I 38 -37.62 25.17 -3.73
N GLN I 39 -38.46 25.43 -4.73
CA GLN I 39 -38.36 26.64 -5.53
C GLN I 39 -39.74 27.13 -5.94
N ALA I 40 -40.24 28.14 -5.25
CA ALA I 40 -41.51 28.76 -5.62
C ALA I 40 -41.40 29.32 -7.02
N PRO I 41 -42.52 29.28 -7.79
CA PRO I 41 -42.50 29.71 -9.18
C PRO I 41 -41.98 31.14 -9.33
N GLY I 42 -40.99 31.32 -10.21
CA GLY I 42 -40.36 32.62 -10.38
C GLY I 42 -39.36 32.96 -9.28
N LYS I 43 -39.58 32.44 -8.08
CA LYS I 43 -38.71 32.72 -6.94
C LYS I 43 -37.39 31.93 -7.01
N GLY I 44 -36.61 31.99 -5.93
CA GLY I 44 -35.32 31.33 -5.89
C GLY I 44 -35.30 30.08 -5.04
N LEU I 45 -34.10 29.54 -4.82
CA LEU I 45 -33.94 28.29 -4.09
C LEU I 45 -34.08 28.47 -2.58
N GLU I 46 -34.77 27.52 -1.95
CA GLU I 46 -34.93 27.53 -0.51
C GLU I 46 -34.72 26.13 0.07
N TRP I 47 -33.76 26.02 0.98
CA TRP I 47 -33.52 24.75 1.68
C TRP I 47 -34.69 24.41 2.59
N VAL I 48 -34.99 23.12 2.71
CA VAL I 48 -36.16 22.69 3.46
C VAL I 48 -35.85 21.71 4.58
N ALA I 49 -35.13 20.64 4.27
CA ALA I 49 -34.90 19.58 5.25
C ALA I 49 -33.62 18.79 4.98
N VAL I 50 -33.16 18.09 6.01
CA VAL I 50 -31.97 17.25 5.90
C VAL I 50 -32.15 15.98 6.74
N ILE I 51 -31.65 14.86 6.22
CA ILE I 51 -31.54 13.65 7.01
C ILE I 51 -30.14 13.07 6.87
N THR I 52 -29.49 12.80 7.99
CA THR I 52 -28.15 12.24 7.99
C THR I 52 -28.15 10.82 7.43
N PHE I 53 -26.98 10.35 7.02
CA PHE I 53 -26.83 9.00 6.50
C PHE I 53 -27.28 7.99 7.55
N ASP I 54 -26.91 8.27 8.80
CA ASP I 54 -27.46 7.57 9.95
C ASP I 54 -28.97 7.36 9.88
N GLY I 55 -29.69 8.43 9.53
CA GLY I 55 -31.11 8.49 9.79
C GLY I 55 -31.32 8.98 11.22
N GLY I 56 -30.21 9.35 11.87
CA GLY I 56 -30.22 9.66 13.29
C GLY I 56 -30.67 11.07 13.61
N TYR I 57 -30.30 12.03 12.77
CA TYR I 57 -30.73 13.41 12.98
C TYR I 57 -31.58 13.93 11.83
N GLN I 58 -32.46 14.87 12.14
CA GLN I 58 -33.20 15.62 11.13
C GLN I 58 -33.27 17.09 11.51
N TYR I 59 -33.11 17.96 10.52
CA TYR I 59 -33.21 19.41 10.75
C TYR I 59 -34.01 20.08 9.65
N TYR I 60 -34.82 21.07 10.03
CA TYR I 60 -35.74 21.71 9.10
C TYR I 60 -35.64 23.23 9.14
N ALA I 61 -36.02 23.86 8.04
CA ALA I 61 -36.13 25.31 7.99
C ALA I 61 -37.33 25.74 8.82
N ASP I 62 -37.23 26.93 9.43
CA ASP I 62 -38.28 27.45 10.29
C ASP I 62 -39.62 27.59 9.59
N SER I 63 -39.58 27.79 8.27
CA SER I 63 -40.79 28.00 7.50
C SER I 63 -41.61 26.71 7.35
N VAL I 64 -41.04 25.58 7.74
CA VAL I 64 -41.73 24.29 7.59
C VAL I 64 -41.60 23.40 8.81
N LYS I 65 -40.90 23.87 9.84
CA LYS I 65 -40.72 23.08 11.06
C LYS I 65 -42.06 22.76 11.69
N GLY I 66 -42.16 21.59 12.32
CA GLY I 66 -43.42 21.15 12.89
C GLY I 66 -44.32 20.46 11.89
N ARG I 67 -44.40 21.02 10.68
CA ARG I 67 -45.35 20.54 9.67
C ARG I 67 -44.72 19.53 8.72
N PHE I 68 -43.43 19.67 8.46
CA PHE I 68 -42.74 18.79 7.51
C PHE I 68 -41.81 17.81 8.21
N THR I 69 -41.98 16.52 7.91
CA THR I 69 -41.08 15.49 8.40
C THR I 69 -40.36 14.78 7.25
N ILE I 70 -39.06 14.58 7.41
CA ILE I 70 -38.28 13.92 6.38
C ILE I 70 -37.84 12.53 6.82
N SER I 71 -37.93 11.55 5.92
CA SER I 71 -37.63 10.17 6.26
C SER I 71 -36.92 9.42 5.14
N ARG I 72 -36.27 8.32 5.49
CA ARG I 72 -35.62 7.47 4.48
C ARG I 72 -36.10 6.03 4.58
N ASP I 73 -36.19 5.35 3.44
CA ASP I 73 -36.55 3.94 3.41
C ASP I 73 -35.34 3.13 2.93
N ILE I 74 -34.46 2.82 3.87
CA ILE I 74 -33.23 2.07 3.60
C ILE I 74 -33.44 0.85 2.69
N SER I 75 -34.53 0.12 2.93
CA SER I 75 -34.79 -1.12 2.23
C SER I 75 -35.12 -0.91 0.76
N ARG I 76 -35.79 0.20 0.46
CA ARG I 76 -36.16 0.52 -0.91
C ARG I 76 -35.26 1.58 -1.53
N ASN I 77 -34.24 1.99 -0.80
CA ASN I 77 -33.33 3.05 -1.24
C ASN I 77 -34.08 4.28 -1.75
N THR I 78 -35.05 4.72 -0.98
CA THR I 78 -35.92 5.82 -1.38
C THR I 78 -36.03 6.87 -0.28
N LEU I 79 -36.21 8.13 -0.67
CA LEU I 79 -36.29 9.23 0.27
C LEU I 79 -37.67 9.88 0.24
N HIS I 80 -38.27 10.08 1.41
CA HIS I 80 -39.61 10.66 1.48
C HIS I 80 -39.64 12.00 2.20
N LEU I 81 -40.68 12.78 1.90
CA LEU I 81 -40.96 14.01 2.61
C LEU I 81 -42.45 14.11 2.94
N HIS I 82 -42.79 13.93 4.22
CA HIS I 82 -44.18 13.96 4.63
C HIS I 82 -44.62 15.39 4.97
N MET I 83 -45.52 15.93 4.16
CA MET I 83 -45.99 17.30 4.33
C MET I 83 -47.37 17.36 4.97
N ASN I 84 -47.44 17.99 6.14
CA ASN I 84 -48.70 18.16 6.85
C ASN I 84 -49.12 19.63 6.89
N SER I 85 -50.42 19.87 7.02
CA SER I 85 -50.96 21.24 7.17
C SER I 85 -50.47 22.19 6.10
N LEU I 86 -50.51 21.73 4.85
CA LEU I 86 -50.04 22.52 3.71
C LEU I 86 -50.77 23.86 3.59
N ARG I 87 -50.13 24.81 2.91
CA ARG I 87 -50.75 26.08 2.60
C ARG I 87 -50.16 26.67 1.31
N ALA I 88 -50.73 27.79 0.87
CA ALA I 88 -50.40 28.36 -0.42
C ALA I 88 -48.93 28.76 -0.54
N GLU I 89 -48.32 29.13 0.58
CA GLU I 89 -46.93 29.54 0.58
C GLU I 89 -45.98 28.38 0.25
N ASP I 90 -46.46 27.16 0.46
CA ASP I 90 -45.66 25.97 0.22
C ASP I 90 -45.61 25.60 -1.26
N THR I 91 -46.43 26.27 -2.07
CA THR I 91 -46.51 25.97 -3.49
C THR I 91 -45.17 26.15 -4.17
N ALA I 92 -44.56 25.04 -4.57
CA ALA I 92 -43.25 25.06 -5.21
C ALA I 92 -42.96 23.76 -5.94
N VAL I 93 -41.81 23.72 -6.61
CA VAL I 93 -41.28 22.47 -7.14
C VAL I 93 -40.22 21.98 -6.17
N TYR I 94 -40.28 20.71 -5.79
CA TYR I 94 -39.46 20.19 -4.71
C TYR I 94 -38.35 19.29 -5.22
N TYR I 95 -37.10 19.69 -4.99
CA TYR I 95 -35.94 18.94 -5.46
C TYR I 95 -35.36 18.01 -4.40
N CYS I 96 -34.85 16.88 -4.86
CA CYS I 96 -34.15 15.91 -4.02
C CYS I 96 -32.67 15.99 -4.33
N ALA I 97 -31.84 16.21 -3.31
CA ALA I 97 -30.42 16.41 -3.52
C ALA I 97 -29.54 15.55 -2.61
N ARG I 98 -28.32 15.28 -3.08
CA ARG I 98 -27.38 14.43 -2.37
C ARG I 98 -26.24 15.26 -1.78
N ASP I 99 -25.79 14.91 -0.58
CA ASP I 99 -24.73 15.66 0.10
C ASP I 99 -23.56 14.76 0.48
N PRO I 100 -22.42 14.92 -0.22
CA PRO I 100 -21.25 14.06 -0.06
C PRO I 100 -20.36 14.44 1.11
N LEU I 101 -20.74 15.44 1.90
CA LEU I 101 -19.88 15.93 2.97
C LEU I 101 -20.47 15.69 4.35
N THR I 102 -21.63 16.30 4.62
CA THR I 102 -22.30 16.15 5.90
C THR I 102 -22.55 14.69 6.24
N LYS I 103 -22.04 14.25 7.39
CA LYS I 103 -22.27 12.89 7.85
C LYS I 103 -22.76 12.92 9.30
N LEU I 104 -21.90 13.37 10.22
CA LEU I 104 -22.35 13.65 11.58
C LEU I 104 -22.76 15.12 11.68
N LEU I 105 -23.93 15.33 12.27
CA LEU I 105 -24.55 16.63 12.33
C LEU I 105 -25.40 16.69 13.58
N PRO I 106 -24.77 17.01 14.71
CA PRO I 106 -25.41 16.81 16.01
C PRO I 106 -26.10 18.04 16.57
N PHE I 107 -26.08 19.15 15.84
CA PHE I 107 -26.83 20.34 16.23
C PHE I 107 -27.36 21.02 14.96
N ASP I 108 -28.33 21.92 15.14
CA ASP I 108 -28.97 22.59 14.02
C ASP I 108 -28.18 23.78 13.50
N TRP I 109 -26.97 23.96 14.02
CA TRP I 109 -26.15 25.12 13.64
C TRP I 109 -24.77 24.72 13.13
N VAL I 110 -24.51 23.43 13.06
CA VAL I 110 -23.21 22.92 12.64
C VAL I 110 -23.07 23.06 11.13
N SER I 111 -21.83 23.00 10.64
CA SER I 111 -21.57 23.04 9.22
C SER I 111 -22.19 21.83 8.52
N GLY I 112 -22.68 22.04 7.31
CA GLY I 112 -23.26 20.96 6.53
C GLY I 112 -22.43 20.62 5.32
N GLY I 113 -23.03 20.69 4.15
CA GLY I 113 -22.33 20.39 2.92
C GLY I 113 -22.97 20.97 1.67
N TYR I 114 -22.34 20.72 0.52
CA TYR I 114 -22.84 21.20 -0.76
C TYR I 114 -23.68 20.10 -1.43
N PHE I 115 -24.44 20.47 -2.44
CA PHE I 115 -25.35 19.52 -3.09
C PHE I 115 -24.74 18.96 -4.37
N ASP I 116 -24.28 17.72 -4.27
CA ASP I 116 -23.61 17.04 -5.37
C ASP I 116 -24.50 16.88 -6.59
N TYR I 117 -25.51 16.01 -6.48
CA TYR I 117 -26.42 15.76 -7.58
C TYR I 117 -27.84 16.20 -7.25
N TRP I 118 -28.59 16.57 -8.29
CA TRP I 118 -29.97 17.00 -8.14
C TRP I 118 -30.90 16.14 -8.98
N GLY I 119 -32.08 15.87 -8.46
CA GLY I 119 -33.17 15.29 -9.25
C GLY I 119 -33.66 16.30 -10.27
N GLN I 120 -34.85 16.10 -10.80
CA GLN I 120 -35.38 17.03 -11.79
C GLN I 120 -36.59 17.82 -11.27
N GLY I 121 -37.17 17.37 -10.17
CA GLY I 121 -38.21 18.14 -9.52
C GLY I 121 -39.61 17.60 -9.72
N THR I 122 -40.45 17.79 -8.70
CA THR I 122 -41.87 17.46 -8.78
C THR I 122 -42.68 18.65 -8.27
N LEU I 123 -43.75 18.97 -8.97
CA LEU I 123 -44.49 20.20 -8.70
C LEU I 123 -45.59 20.02 -7.66
N VAL I 124 -45.58 20.88 -6.65
CA VAL I 124 -46.64 20.89 -5.65
C VAL I 124 -47.46 22.17 -5.71
N THR I 125 -48.69 22.08 -6.21
CA THR I 125 -49.56 23.23 -6.27
C THR I 125 -50.60 23.18 -5.15
N VAL I 126 -50.44 24.06 -4.17
CA VAL I 126 -51.36 24.09 -3.05
C VAL I 126 -52.36 25.23 -3.21
N SER I 127 -53.59 24.88 -3.55
CA SER I 127 -54.62 25.86 -3.83
C SER I 127 -55.99 25.27 -3.59
N SER I 128 -56.92 26.14 -3.19
CA SER I 128 -58.29 25.74 -2.88
C SER I 128 -59.14 25.65 -4.15
N ALA I 129 -58.72 26.38 -5.18
CA ALA I 129 -59.43 26.43 -6.47
C ALA I 129 -59.72 25.03 -7.03
N SER I 130 -60.81 24.93 -7.77
CA SER I 130 -61.18 23.68 -8.43
C SER I 130 -60.80 23.71 -9.91
N THR I 131 -60.68 22.53 -10.51
CA THR I 131 -60.26 22.41 -11.90
C THR I 131 -61.25 23.07 -12.86
N LYS I 132 -60.87 24.22 -13.41
CA LYS I 132 -61.70 24.93 -14.38
C LYS I 132 -61.08 24.89 -15.77
N GLY I 133 -61.94 24.89 -16.79
CA GLY I 133 -61.47 24.92 -18.17
C GLY I 133 -61.32 26.35 -18.68
N PRO I 134 -60.30 26.59 -19.51
CA PRO I 134 -60.03 27.93 -20.02
C PRO I 134 -61.11 28.44 -20.97
N SER I 135 -61.37 29.74 -20.93
CA SER I 135 -62.23 30.39 -21.91
C SER I 135 -61.36 31.19 -22.88
N VAL I 136 -61.29 30.73 -24.12
CA VAL I 136 -60.39 31.31 -25.11
C VAL I 136 -61.04 32.44 -25.89
N PHE I 137 -60.43 33.62 -25.81
CA PHE I 137 -60.96 34.79 -26.50
C PHE I 137 -59.97 35.38 -27.49
N PRO I 138 -60.47 35.83 -28.65
CA PRO I 138 -59.61 36.40 -29.70
C PRO I 138 -59.10 37.81 -29.42
N LEU I 139 -57.98 38.16 -30.04
CA LEU I 139 -57.43 39.51 -29.99
C LEU I 139 -57.21 40.05 -31.41
N ALA I 140 -58.20 40.79 -31.90
CA ALA I 140 -58.25 41.22 -33.30
C ALA I 140 -57.18 42.27 -33.66
N PRO I 141 -56.68 42.22 -34.91
CA PRO I 141 -55.70 43.16 -35.45
C PRO I 141 -56.32 44.51 -35.82
N SER I 142 -55.50 45.55 -35.92
CA SER I 142 -55.99 46.89 -36.23
C SER I 142 -55.72 47.26 -37.68
N GLY I 148 -51.51 50.59 -38.06
CA GLY I 148 -50.10 50.68 -37.71
C GLY I 148 -49.19 50.17 -38.83
N GLY I 149 -47.97 49.76 -38.49
CA GLY I 149 -47.12 49.08 -39.47
C GLY I 149 -47.69 47.75 -39.90
N THR I 150 -47.01 46.66 -39.54
CA THR I 150 -47.47 45.32 -39.88
C THR I 150 -47.96 44.63 -38.59
N ALA I 151 -49.27 44.50 -38.46
CA ALA I 151 -49.89 44.37 -37.16
C ALA I 151 -49.89 42.94 -36.61
N ALA I 152 -50.51 42.78 -35.45
CA ALA I 152 -50.42 41.53 -34.69
C ALA I 152 -51.79 41.11 -34.19
N LEU I 153 -51.87 39.87 -33.70
CA LEU I 153 -53.12 39.30 -33.21
C LEU I 153 -52.78 38.24 -32.18
N GLY I 154 -53.80 37.68 -31.55
CA GLY I 154 -53.58 36.63 -30.57
C GLY I 154 -54.81 36.11 -29.86
N CYS I 155 -54.59 35.23 -28.90
CA CYS I 155 -55.67 34.67 -28.09
C CYS I 155 -55.50 34.98 -26.61
N LEU I 156 -56.61 35.28 -25.95
CA LEU I 156 -56.63 35.41 -24.49
C LEU I 156 -57.16 34.15 -23.82
N VAL I 157 -56.35 33.55 -22.95
CA VAL I 157 -56.72 32.33 -22.26
C VAL I 157 -56.99 32.63 -20.77
N LYS I 158 -58.24 32.96 -20.45
CA LYS I 158 -58.60 33.46 -19.13
C LYS I 158 -59.29 32.41 -18.26
N ASP I 159 -59.10 32.53 -16.94
CA ASP I 159 -59.82 31.75 -15.94
C ASP I 159 -59.72 30.23 -16.13
N TYR I 160 -58.54 29.68 -15.85
CA TYR I 160 -58.37 28.24 -15.87
C TYR I 160 -57.55 27.78 -14.66
N PHE I 161 -57.69 26.51 -14.30
CA PHE I 161 -56.94 25.93 -13.20
C PHE I 161 -56.92 24.40 -13.34
N PRO I 162 -55.76 23.78 -13.09
CA PRO I 162 -54.49 24.43 -12.77
C PRO I 162 -53.59 24.55 -14.01
N GLU I 163 -52.35 24.98 -13.80
CA GLU I 163 -51.33 24.90 -14.84
C GLU I 163 -51.02 23.43 -15.15
N PRO I 164 -50.56 23.14 -16.38
CA PRO I 164 -50.31 24.09 -17.47
C PRO I 164 -51.28 23.98 -18.64
N VAL I 165 -51.35 25.03 -19.44
CA VAL I 165 -51.99 24.96 -20.75
C VAL I 165 -50.92 24.96 -21.83
N THR I 166 -51.27 24.51 -23.03
CA THR I 166 -50.35 24.63 -24.14
C THR I 166 -51.02 25.40 -25.29
N VAL I 167 -50.26 26.27 -25.93
CA VAL I 167 -50.77 27.05 -27.05
C VAL I 167 -49.91 26.88 -28.31
N SER I 168 -50.56 26.65 -29.44
CA SER I 168 -49.89 26.63 -30.73
C SER I 168 -50.71 27.42 -31.74
N TRP I 169 -50.11 27.71 -32.89
CA TRP I 169 -50.77 28.48 -33.94
C TRP I 169 -50.73 27.70 -35.25
N ASN I 170 -51.91 27.49 -35.84
CA ASN I 170 -52.06 26.65 -37.03
C ASN I 170 -51.49 25.25 -36.81
N SER I 171 -51.72 24.72 -35.60
CA SER I 171 -51.27 23.38 -35.21
C SER I 171 -49.76 23.17 -35.35
N GLY I 172 -48.99 24.23 -35.15
CA GLY I 172 -47.54 24.13 -35.17
C GLY I 172 -46.89 24.73 -36.40
N ALA I 173 -47.71 25.10 -37.39
CA ALA I 173 -47.21 25.65 -38.64
C ALA I 173 -46.62 27.05 -38.45
N LEU I 174 -47.04 27.72 -37.38
CA LEU I 174 -46.62 29.09 -37.10
C LEU I 174 -45.84 29.16 -35.79
N THR I 175 -44.52 29.31 -35.88
CA THR I 175 -43.67 29.36 -34.69
C THR I 175 -42.95 30.71 -34.55
N SER I 176 -42.31 31.15 -35.63
CA SER I 176 -41.57 32.42 -35.63
C SER I 176 -42.51 33.61 -35.42
N GLY I 177 -42.13 34.50 -34.52
CA GLY I 177 -42.91 35.69 -34.24
C GLY I 177 -44.00 35.47 -33.21
N VAL I 178 -43.91 34.35 -32.50
CA VAL I 178 -44.91 33.98 -31.50
C VAL I 178 -44.37 34.15 -30.08
N HIS I 179 -45.15 34.82 -29.23
CA HIS I 179 -44.82 34.94 -27.81
C HIS I 179 -45.99 34.47 -26.94
N THR I 180 -45.76 33.40 -26.18
CA THR I 180 -46.76 32.94 -25.22
C THR I 180 -46.26 33.26 -23.82
N PHE I 181 -46.95 34.18 -23.18
CA PHE I 181 -46.53 34.77 -21.92
C PHE I 181 -46.88 33.87 -20.73
N PRO I 182 -46.05 33.90 -19.68
CA PRO I 182 -46.33 33.19 -18.43
C PRO I 182 -47.72 33.51 -17.87
N ALA I 183 -48.40 32.51 -17.32
CA ALA I 183 -49.73 32.73 -16.76
C ALA I 183 -49.66 33.45 -15.41
N VAL I 184 -50.54 34.42 -15.22
CA VAL I 184 -50.61 35.11 -13.94
C VAL I 184 -51.80 34.60 -13.14
N LEU I 185 -51.65 34.58 -11.81
CA LEU I 185 -52.73 34.17 -10.92
C LEU I 185 -53.65 35.34 -10.59
N GLN I 186 -54.90 35.24 -11.03
CA GLN I 186 -55.90 36.24 -10.70
C GLN I 186 -56.26 36.13 -9.23
N SER I 187 -56.96 37.14 -8.71
CA SER I 187 -57.38 37.13 -7.31
C SER I 187 -58.49 36.10 -7.11
N SER I 188 -59.17 35.76 -8.20
CA SER I 188 -60.16 34.68 -8.19
C SER I 188 -59.55 33.32 -7.85
N GLY I 189 -58.23 33.21 -8.01
CA GLY I 189 -57.54 31.95 -7.78
C GLY I 189 -57.31 31.19 -9.08
N LEU I 190 -57.82 31.74 -10.18
CA LEU I 190 -57.65 31.13 -11.49
C LEU I 190 -56.51 31.78 -12.28
N TYR I 191 -55.89 31.01 -13.16
CA TYR I 191 -54.79 31.51 -13.99
C TYR I 191 -55.34 32.19 -15.25
N SER I 192 -54.47 32.97 -15.90
CA SER I 192 -54.80 33.60 -17.17
C SER I 192 -53.52 34.05 -17.87
N LEU I 193 -53.43 33.78 -19.17
CA LEU I 193 -52.29 34.21 -19.95
C LEU I 193 -52.70 34.73 -21.34
N SER I 194 -51.71 35.22 -22.08
CA SER I 194 -51.94 35.69 -23.43
C SER I 194 -50.93 35.09 -24.40
N SER I 195 -51.38 34.75 -25.60
CA SER I 195 -50.48 34.32 -26.66
C SER I 195 -50.70 35.21 -27.88
N VAL I 196 -49.61 35.80 -28.37
CA VAL I 196 -49.68 36.74 -29.50
C VAL I 196 -48.71 36.38 -30.63
N VAL I 197 -48.95 36.93 -31.82
CA VAL I 197 -48.06 36.73 -32.97
C VAL I 197 -48.13 37.92 -33.93
N THR I 198 -46.97 38.32 -34.46
CA THR I 198 -46.93 39.33 -35.51
C THR I 198 -46.85 38.66 -36.88
N VAL I 199 -47.69 39.12 -37.80
CA VAL I 199 -47.79 38.53 -39.13
C VAL I 199 -47.99 39.63 -40.17
N PRO I 200 -47.59 39.37 -41.43
CA PRO I 200 -47.83 40.30 -42.55
C PRO I 200 -49.26 40.85 -42.60
N SER I 201 -49.39 42.15 -42.87
CA SER I 201 -50.68 42.84 -42.80
C SER I 201 -51.46 42.71 -44.11
N SER I 202 -50.74 42.61 -45.22
CA SER I 202 -51.35 42.37 -46.53
C SER I 202 -51.84 40.93 -46.66
N SER I 203 -51.65 40.13 -45.61
CA SER I 203 -52.02 38.72 -45.64
C SER I 203 -53.19 38.40 -44.70
N LEU I 204 -53.69 39.42 -44.00
CA LEU I 204 -54.80 39.27 -43.06
C LEU I 204 -56.07 38.76 -43.74
N GLY I 205 -56.39 39.32 -44.90
CA GLY I 205 -57.56 38.96 -45.65
C GLY I 205 -57.52 37.58 -46.30
N THR I 206 -56.32 37.04 -46.51
CA THR I 206 -56.18 35.80 -47.26
C THR I 206 -55.76 34.59 -46.41
N GLN I 207 -54.91 34.82 -45.41
CA GLN I 207 -54.48 33.73 -44.53
C GLN I 207 -55.39 33.65 -43.29
N THR I 208 -55.54 32.45 -42.73
CA THR I 208 -56.35 32.26 -41.53
C THR I 208 -55.46 31.87 -40.33
N TYR I 209 -55.78 32.43 -39.16
CA TYR I 209 -55.00 32.16 -37.95
C TYR I 209 -55.84 31.53 -36.85
N ILE I 210 -55.54 30.26 -36.57
CA ILE I 210 -56.23 29.53 -35.52
C ILE I 210 -55.27 29.17 -34.39
N CYS I 211 -55.57 29.66 -33.19
CA CYS I 211 -54.80 29.31 -32.01
C CYS I 211 -55.35 28.03 -31.38
N ASN I 212 -54.44 27.11 -31.04
CA ASN I 212 -54.84 25.83 -30.48
C ASN I 212 -54.53 25.76 -28.99
N VAL I 213 -55.56 25.77 -28.16
CA VAL I 213 -55.40 25.79 -26.72
C VAL I 213 -55.74 24.42 -26.12
N ASN I 214 -54.77 23.83 -25.44
CA ASN I 214 -54.95 22.50 -24.87
C ASN I 214 -54.72 22.48 -23.37
N HIS I 215 -55.81 22.27 -22.62
CA HIS I 215 -55.74 22.18 -21.16
C HIS I 215 -56.30 20.83 -20.68
N LYS I 216 -55.43 19.82 -20.58
CA LYS I 216 -55.85 18.47 -20.26
C LYS I 216 -56.11 18.17 -18.76
N PRO I 217 -55.64 19.03 -17.83
CA PRO I 217 -56.16 18.82 -16.47
C PRO I 217 -57.68 18.89 -16.36
N SER I 218 -58.34 19.51 -17.34
CA SER I 218 -59.80 19.57 -17.39
C SER I 218 -60.34 18.94 -18.67
N ASN I 219 -59.46 18.26 -19.41
CA ASN I 219 -59.76 17.67 -20.70
C ASN I 219 -60.41 18.65 -21.68
N THR I 220 -59.99 19.91 -21.62
CA THR I 220 -60.48 20.95 -22.53
C THR I 220 -59.49 21.21 -23.66
N LYS I 221 -59.99 21.27 -24.89
CA LYS I 221 -59.19 21.70 -26.03
C LYS I 221 -60.04 22.61 -26.93
N VAL I 222 -59.53 23.82 -27.15
CA VAL I 222 -60.29 24.85 -27.85
C VAL I 222 -59.53 25.36 -29.07
N ASP I 223 -60.24 25.52 -30.19
CA ASP I 223 -59.68 26.12 -31.39
C ASP I 223 -60.49 27.36 -31.79
N LYS I 224 -59.90 28.53 -31.57
CA LYS I 224 -60.55 29.80 -31.91
C LYS I 224 -59.83 30.52 -33.05
N ARG I 225 -60.60 31.26 -33.86
CA ARG I 225 -60.04 32.01 -34.97
C ARG I 225 -59.90 33.49 -34.64
N VAL I 226 -58.93 34.15 -35.27
CA VAL I 226 -58.71 35.58 -35.05
C VAL I 226 -58.82 36.33 -36.38
N GLU I 227 -59.59 37.42 -36.37
CA GLU I 227 -59.91 38.18 -37.58
C GLU I 227 -60.46 39.56 -37.24
N PRO I 228 -60.01 40.59 -37.98
CA PRO I 228 -60.37 42.02 -37.85
C PRO I 228 -61.88 42.29 -37.70
N LYS I 229 -62.23 43.54 -37.41
CA LYS I 229 -63.60 43.96 -37.16
C LYS I 229 -64.27 43.13 -36.07
N ASP J 1 -28.80 32.42 12.07
CA ASP J 1 -29.14 32.16 10.68
C ASP J 1 -28.40 33.10 9.74
N ILE J 2 -27.36 32.57 9.09
CA ILE J 2 -26.59 33.36 8.14
C ILE J 2 -27.42 33.66 6.90
N VAL J 3 -27.49 34.93 6.53
CA VAL J 3 -28.23 35.30 5.34
C VAL J 3 -27.25 35.57 4.20
N MET J 4 -27.66 35.21 2.99
CA MET J 4 -26.80 35.40 1.83
C MET J 4 -27.37 36.43 0.88
N THR J 5 -26.56 37.44 0.58
CA THR J 5 -26.98 38.58 -0.21
C THR J 5 -26.14 38.69 -1.48
N GLN J 6 -26.73 38.37 -2.63
CA GLN J 6 -26.04 38.41 -3.90
C GLN J 6 -26.23 39.74 -4.61
N SER J 7 -25.22 40.14 -5.38
CA SER J 7 -25.31 41.35 -6.20
C SER J 7 -24.66 41.14 -7.55
N PRO J 8 -25.20 41.79 -8.60
CA PRO J 8 -26.40 42.63 -8.58
C PRO J 8 -27.67 41.82 -8.75
N GLY J 9 -28.79 42.50 -8.98
CA GLY J 9 -30.06 41.82 -9.23
C GLY J 9 -29.93 41.01 -10.50
N THR J 10 -29.94 41.71 -11.63
CA THR J 10 -29.60 41.07 -12.89
C THR J 10 -28.28 41.61 -13.41
N LEU J 11 -27.44 40.72 -13.92
CA LEU J 11 -26.28 41.13 -14.70
C LEU J 11 -26.69 41.31 -16.16
N SER J 12 -25.81 41.94 -16.94
CA SER J 12 -26.00 41.99 -18.38
C SER J 12 -24.66 42.20 -19.06
N LEU J 13 -24.29 41.26 -19.93
CA LEU J 13 -23.04 41.33 -20.66
C LEU J 13 -23.16 40.67 -22.04
N SER J 14 -22.38 41.18 -23.00
CA SER J 14 -22.29 40.58 -24.32
C SER J 14 -21.45 39.31 -24.24
N PRO J 15 -21.76 38.32 -25.09
CA PRO J 15 -20.98 37.07 -25.14
C PRO J 15 -19.49 37.31 -25.34
N GLY J 16 -18.66 36.57 -24.62
CA GLY J 16 -17.23 36.72 -24.72
C GLY J 16 -16.63 37.63 -23.67
N GLU J 17 -17.48 38.37 -22.96
CA GLU J 17 -17.03 39.26 -21.91
C GLU J 17 -16.71 38.51 -20.63
N ARG J 18 -16.05 39.17 -19.69
CA ARG J 18 -15.79 38.57 -18.38
C ARG J 18 -16.89 38.94 -17.38
N ALA J 19 -17.41 37.94 -16.69
CA ALA J 19 -18.45 38.16 -15.69
C ALA J 19 -17.88 38.01 -14.28
N THR J 20 -18.52 38.69 -13.33
CA THR J 20 -18.12 38.61 -11.93
C THR J 20 -19.33 38.85 -11.02
N LEU J 21 -19.66 37.84 -10.23
CA LEU J 21 -20.83 37.89 -9.37
C LEU J 21 -20.40 37.95 -7.90
N SER J 22 -21.22 38.61 -7.07
CA SER J 22 -20.85 38.81 -5.68
C SER J 22 -21.78 38.09 -4.72
N CYS J 23 -21.22 37.62 -3.61
CA CYS J 23 -22.00 36.98 -2.56
C CYS J 23 -21.46 37.39 -1.21
N ARG J 24 -22.27 38.10 -0.43
CA ARG J 24 -21.83 38.57 0.89
C ARG J 24 -22.65 37.93 2.01
N ALA J 25 -22.04 37.80 3.18
CA ALA J 25 -22.64 37.04 4.27
C ALA J 25 -23.02 37.91 5.47
N SER J 26 -24.05 37.48 6.19
CA SER J 26 -24.50 38.16 7.40
C SER J 26 -23.52 37.98 8.54
N GLN J 27 -22.75 36.91 8.49
CA GLN J 27 -21.71 36.65 9.47
C GLN J 27 -20.48 36.11 8.76
N SER J 28 -19.58 35.50 9.52
CA SER J 28 -18.49 34.76 8.92
C SER J 28 -18.99 33.36 8.61
N VAL J 29 -18.49 32.74 7.54
CA VAL J 29 -18.84 31.37 7.22
C VAL J 29 -18.33 30.40 8.30
N SER J 30 -17.39 29.52 7.95
CA SER J 30 -16.77 28.64 8.95
C SER J 30 -15.49 28.00 8.43
N SER J 31 -15.40 27.85 7.12
CA SER J 31 -14.20 27.33 6.47
C SER J 31 -14.19 27.66 4.98
N SER J 32 -14.68 28.84 4.63
CA SER J 32 -14.92 29.19 3.22
C SER J 32 -15.92 28.20 2.62
N TYR J 33 -16.70 27.58 3.50
CA TYR J 33 -17.74 26.63 3.14
C TYR J 33 -18.88 27.30 2.36
N LEU J 34 -18.57 27.75 1.15
CA LEU J 34 -19.55 28.40 0.28
C LEU J 34 -19.54 27.76 -1.11
N ALA J 35 -20.72 27.41 -1.62
CA ALA J 35 -20.83 26.78 -2.92
C ALA J 35 -21.50 27.70 -3.95
N TRP J 36 -21.34 27.36 -5.23
CA TRP J 36 -21.95 28.11 -6.31
C TRP J 36 -22.72 27.17 -7.23
N TYR J 37 -23.98 27.50 -7.52
CA TYR J 37 -24.80 26.69 -8.40
C TYR J 37 -25.28 27.47 -9.62
N GLN J 38 -25.25 26.82 -10.78
CA GLN J 38 -25.84 27.36 -12.01
C GLN J 38 -27.18 26.70 -12.28
N GLN J 39 -28.16 27.45 -12.77
CA GLN J 39 -29.47 26.87 -13.07
C GLN J 39 -30.08 27.47 -14.33
N LYS J 40 -30.01 26.72 -15.42
CA LYS J 40 -30.70 27.09 -16.65
C LYS J 40 -32.20 26.92 -16.43
N PRO J 41 -33.01 27.67 -17.17
CA PRO J 41 -34.47 27.59 -16.99
C PRO J 41 -35.05 26.23 -17.40
N GLY J 42 -35.90 25.67 -16.55
CA GLY J 42 -36.52 24.38 -16.83
C GLY J 42 -35.66 23.21 -16.39
N GLN J 43 -34.47 23.51 -15.88
CA GLN J 43 -33.56 22.48 -15.41
C GLN J 43 -33.35 22.59 -13.90
N ALA J 44 -32.88 21.51 -13.29
CA ALA J 44 -32.40 21.55 -11.93
C ALA J 44 -31.08 22.29 -11.87
N PRO J 45 -30.76 22.90 -10.73
CA PRO J 45 -29.45 23.56 -10.62
C PRO J 45 -28.31 22.54 -10.61
N ARG J 46 -27.18 22.90 -11.21
CA ARG J 46 -25.99 22.04 -11.20
C ARG J 46 -24.83 22.73 -10.47
N LEU J 47 -24.09 21.96 -9.68
CA LEU J 47 -23.02 22.50 -8.85
C LEU J 47 -21.83 22.98 -9.66
N LEU J 48 -21.26 24.12 -9.26
CA LEU J 48 -20.10 24.69 -9.93
C LEU J 48 -18.87 24.68 -9.04
N ILE J 49 -19.00 25.28 -7.86
CA ILE J 49 -17.88 25.40 -6.92
C ILE J 49 -18.27 24.94 -5.52
N TYR J 50 -17.30 24.40 -4.78
CA TYR J 50 -17.46 24.14 -3.37
C TYR J 50 -16.20 24.56 -2.62
N ARG J 51 -16.35 24.85 -1.33
CA ARG J 51 -15.28 25.40 -0.51
C ARG J 51 -14.75 26.67 -1.19
N ALA J 52 -15.68 27.41 -1.80
CA ALA J 52 -15.45 28.74 -2.35
C ALA J 52 -14.51 28.81 -3.56
N SER J 53 -13.66 27.81 -3.75
CA SER J 53 -12.65 27.89 -4.81
C SER J 53 -12.41 26.59 -5.57
N SER J 54 -12.99 25.49 -5.12
CA SER J 54 -12.77 24.20 -5.75
C SER J 54 -13.79 23.89 -6.84
N ARG J 55 -13.32 23.73 -8.07
CA ARG J 55 -14.20 23.40 -9.18
C ARG J 55 -14.78 21.99 -9.03
N ALA J 56 -16.07 21.84 -9.33
CA ALA J 56 -16.70 20.54 -9.34
C ALA J 56 -16.27 19.75 -10.56
N THR J 57 -16.36 18.43 -10.48
CA THR J 57 -15.96 17.57 -11.59
C THR J 57 -16.80 17.82 -12.84
N GLY J 58 -16.13 18.01 -13.97
CA GLY J 58 -16.80 18.23 -15.24
C GLY J 58 -17.19 19.68 -15.50
N ILE J 59 -16.62 20.59 -14.72
CA ILE J 59 -16.85 22.02 -14.91
C ILE J 59 -15.69 22.68 -15.66
N PRO J 60 -15.98 23.37 -16.78
CA PRO J 60 -14.98 24.07 -17.60
C PRO J 60 -14.07 24.99 -16.79
N ASP J 61 -12.90 25.26 -17.32
CA ASP J 61 -11.86 25.99 -16.59
C ASP J 61 -12.16 27.48 -16.44
N ARG J 62 -13.17 27.97 -17.16
CA ARG J 62 -13.45 29.41 -17.15
C ARG J 62 -14.19 29.82 -15.88
N PHE J 63 -14.88 28.89 -15.26
CA PHE J 63 -15.51 29.16 -13.97
C PHE J 63 -14.46 29.09 -12.86
N SER J 64 -14.36 30.16 -12.09
CA SER J 64 -13.44 30.21 -10.97
C SER J 64 -14.08 30.86 -9.74
N GLY J 65 -13.78 30.33 -8.56
CA GLY J 65 -14.30 30.88 -7.33
C GLY J 65 -13.23 31.48 -6.44
N SER J 66 -13.60 32.52 -5.70
CA SER J 66 -12.68 33.20 -4.80
C SER J 66 -13.41 33.84 -3.63
N GLY J 67 -12.65 34.19 -2.60
CA GLY J 67 -13.21 34.88 -1.44
C GLY J 67 -13.04 34.11 -0.16
N SER J 68 -13.22 34.80 0.97
CA SER J 68 -13.14 34.17 2.28
C SER J 68 -13.82 35.03 3.33
N GLY J 69 -14.23 34.39 4.43
CA GLY J 69 -14.86 35.10 5.53
C GLY J 69 -16.29 35.54 5.24
N THR J 70 -16.42 36.71 4.61
CA THR J 70 -17.73 37.33 4.44
C THR J 70 -18.01 37.63 2.97
N ASP J 71 -16.96 37.88 2.21
CA ASP J 71 -17.13 38.33 0.82
C ASP J 71 -16.57 37.30 -0.15
N PHE J 72 -17.45 36.80 -1.01
CA PHE J 72 -17.08 35.80 -2.02
C PHE J 72 -17.48 36.27 -3.42
N THR J 73 -16.73 35.85 -4.43
CA THR J 73 -17.06 36.19 -5.80
C THR J 73 -16.91 35.01 -6.76
N LEU J 74 -17.72 35.00 -7.81
CA LEU J 74 -17.64 33.99 -8.86
C LEU J 74 -17.24 34.65 -10.19
N THR J 75 -16.09 34.25 -10.72
CA THR J 75 -15.56 34.83 -11.94
C THR J 75 -15.67 33.91 -13.17
N ILE J 76 -16.34 34.39 -14.21
CA ILE J 76 -16.39 33.68 -15.48
C ILE J 76 -15.52 34.43 -16.50
N SER J 77 -14.36 33.85 -16.83
CA SER J 77 -13.37 34.55 -17.64
C SER J 77 -13.92 34.94 -19.00
N ARG J 78 -14.41 33.97 -19.76
CA ARG J 78 -15.08 34.26 -21.02
C ARG J 78 -16.54 33.80 -20.96
N LEU J 79 -17.42 34.58 -21.58
CA LEU J 79 -18.85 34.30 -21.52
C LEU J 79 -19.33 33.63 -22.81
N GLU J 80 -19.56 32.33 -22.73
CA GLU J 80 -20.11 31.57 -23.84
C GLU J 80 -21.64 31.55 -23.69
N PRO J 81 -22.36 31.44 -24.82
CA PRO J 81 -23.83 31.50 -24.83
C PRO J 81 -24.52 30.48 -23.92
N GLU J 82 -23.75 29.51 -23.42
CA GLU J 82 -24.29 28.48 -22.53
C GLU J 82 -24.33 28.95 -21.08
N ASP J 83 -23.68 30.08 -20.81
CA ASP J 83 -23.48 30.54 -19.43
C ASP J 83 -24.56 31.51 -18.96
N PHE J 84 -25.44 31.94 -19.86
CA PHE J 84 -26.54 32.83 -19.48
C PHE J 84 -27.63 32.07 -18.75
N ALA J 85 -27.77 32.35 -17.46
CA ALA J 85 -28.66 31.61 -16.57
C ALA J 85 -28.66 32.25 -15.18
N VAL J 86 -29.41 31.67 -14.26
CA VAL J 86 -29.43 32.16 -12.89
C VAL J 86 -28.34 31.46 -12.06
N TYR J 87 -27.61 32.25 -11.27
CA TYR J 87 -26.55 31.72 -10.43
C TYR J 87 -26.81 31.97 -8.94
N TYR J 88 -26.98 30.89 -8.19
CA TYR J 88 -27.15 30.99 -6.75
C TYR J 88 -25.85 30.61 -6.02
N CYS J 89 -25.69 31.12 -4.80
CA CYS J 89 -24.60 30.68 -3.93
C CYS J 89 -25.18 30.15 -2.64
N GLN J 90 -24.44 29.27 -1.98
CA GLN J 90 -24.94 28.61 -0.78
C GLN J 90 -23.84 28.37 0.23
N GLN J 91 -24.10 28.69 1.49
CA GLN J 91 -23.14 28.43 2.55
C GLN J 91 -23.50 27.21 3.36
N TYR J 92 -22.49 26.51 3.86
CA TYR J 92 -22.70 25.39 4.75
C TYR J 92 -21.71 25.46 5.90
N GLY J 93 -21.44 26.68 6.35
CA GLY J 93 -20.62 26.92 7.53
C GLY J 93 -21.47 26.89 8.78
N SER J 94 -22.76 27.19 8.61
CA SER J 94 -23.74 27.08 9.68
C SER J 94 -25.11 26.81 9.06
N SER J 95 -25.61 25.60 9.28
CA SER J 95 -26.80 25.10 8.60
C SER J 95 -26.67 25.25 7.10
N PHE J 96 -27.79 25.40 6.41
CA PHE J 96 -27.78 25.59 4.96
C PHE J 96 -28.65 26.78 4.57
N THR J 97 -28.07 27.74 3.84
CA THR J 97 -28.83 28.89 3.35
C THR J 97 -28.42 29.30 1.95
N PHE J 98 -29.40 29.76 1.17
CA PHE J 98 -29.20 30.15 -0.22
C PHE J 98 -29.22 31.66 -0.39
N GLY J 99 -28.51 32.14 -1.40
CA GLY J 99 -28.63 33.52 -1.84
C GLY J 99 -29.94 33.70 -2.60
N GLN J 100 -30.18 34.91 -3.09
CA GLN J 100 -31.41 35.20 -3.80
C GLN J 100 -31.25 35.00 -5.30
N GLY J 101 -30.00 34.85 -5.74
CA GLY J 101 -29.72 34.52 -7.11
C GLY J 101 -29.44 35.73 -7.99
N THR J 102 -28.44 35.59 -8.86
CA THR J 102 -28.10 36.63 -9.83
C THR J 102 -28.29 36.12 -11.26
N LYS J 103 -29.27 36.68 -11.96
CA LYS J 103 -29.49 36.33 -13.36
C LYS J 103 -28.57 37.12 -14.26
N VAL J 104 -27.83 36.43 -15.14
CA VAL J 104 -27.00 37.10 -16.12
C VAL J 104 -27.66 36.93 -17.49
N GLU J 105 -27.90 38.05 -18.16
CA GLU J 105 -28.58 38.07 -19.45
C GLU J 105 -27.65 38.57 -20.55
N ILE J 106 -28.08 38.43 -21.80
CA ILE J 106 -27.30 38.93 -22.92
C ILE J 106 -27.52 40.43 -23.08
N LYS J 107 -26.43 41.19 -23.11
CA LYS J 107 -26.48 42.62 -23.36
C LYS J 107 -26.43 42.90 -24.86
N ARG J 108 -27.60 43.11 -25.48
CA ARG J 108 -27.67 43.53 -26.88
C ARG J 108 -27.85 45.03 -26.96
N THR J 109 -28.23 45.51 -28.15
CA THR J 109 -28.48 46.93 -28.37
C THR J 109 -29.90 47.29 -27.97
N VAL J 110 -30.13 48.57 -27.68
CA VAL J 110 -31.45 49.05 -27.28
C VAL J 110 -32.50 48.79 -28.37
N ALA J 111 -33.63 48.21 -27.97
CA ALA J 111 -34.70 47.91 -28.90
C ALA J 111 -36.04 48.47 -28.42
N ALA J 112 -36.62 49.37 -29.20
CA ALA J 112 -37.93 49.93 -28.90
C ALA J 112 -39.01 48.85 -29.04
N PRO J 113 -39.98 48.86 -28.12
CA PRO J 113 -41.08 47.89 -28.19
C PRO J 113 -42.10 48.23 -29.28
N SER J 114 -42.76 47.23 -29.81
CA SER J 114 -43.86 47.45 -30.74
C SER J 114 -45.17 47.24 -30.01
N VAL J 115 -46.00 48.28 -29.95
CA VAL J 115 -47.18 48.26 -29.09
C VAL J 115 -48.44 47.93 -29.86
N PHE J 116 -49.21 46.99 -29.34
CA PHE J 116 -50.49 46.59 -29.92
C PHE J 116 -51.53 46.56 -28.81
N ILE J 117 -52.77 46.94 -29.11
CA ILE J 117 -53.83 46.90 -28.12
C ILE J 117 -55.04 46.13 -28.64
N PHE J 118 -55.63 45.30 -27.78
CA PHE J 118 -56.68 44.39 -28.21
C PHE J 118 -57.93 44.51 -27.35
N PRO J 119 -59.00 45.12 -27.90
CA PRO J 119 -60.31 45.17 -27.26
C PRO J 119 -60.84 43.78 -26.90
N PRO J 120 -61.73 43.70 -25.89
CA PRO J 120 -62.24 42.39 -25.47
C PRO J 120 -63.07 41.72 -26.58
N SER J 121 -63.15 40.39 -26.54
CA SER J 121 -63.89 39.62 -27.53
C SER J 121 -65.38 39.64 -27.25
N ASP J 122 -66.18 39.78 -28.32
CA ASP J 122 -67.63 39.76 -28.23
C ASP J 122 -68.19 38.62 -27.40
N GLU J 123 -67.61 37.43 -27.53
CA GLU J 123 -68.06 36.26 -26.77
C GLU J 123 -67.89 36.43 -25.26
N GLN J 124 -66.81 37.10 -24.86
CA GLN J 124 -66.47 37.25 -23.44
C GLN J 124 -67.44 38.12 -22.61
N LEU J 125 -67.87 39.26 -23.16
CA LEU J 125 -68.63 40.21 -22.35
C LEU J 125 -70.03 39.67 -21.98
N LYS J 126 -70.48 38.67 -22.71
CA LYS J 126 -71.79 38.08 -22.42
C LYS J 126 -71.64 37.03 -21.32
N SER J 127 -70.41 36.89 -20.83
CA SER J 127 -70.15 36.08 -19.63
C SER J 127 -69.67 36.95 -18.47
N GLY J 128 -70.29 38.12 -18.31
CA GLY J 128 -70.09 38.93 -17.13
C GLY J 128 -68.87 39.85 -17.09
N THR J 129 -67.74 39.40 -17.64
CA THR J 129 -66.52 40.19 -17.58
C THR J 129 -65.91 40.48 -18.96
N ALA J 130 -64.95 41.41 -18.98
CA ALA J 130 -64.26 41.78 -20.22
C ALA J 130 -62.81 42.15 -19.94
N SER J 131 -61.89 41.56 -20.68
CA SER J 131 -60.45 41.80 -20.49
C SER J 131 -59.82 42.52 -21.69
N VAL J 132 -59.04 43.55 -21.41
CA VAL J 132 -58.32 44.30 -22.44
C VAL J 132 -56.83 44.00 -22.38
N VAL J 133 -56.26 43.62 -23.53
CA VAL J 133 -54.88 43.15 -23.58
C VAL J 133 -53.96 44.15 -24.29
N CYS J 134 -52.71 44.24 -23.85
CA CYS J 134 -51.71 45.13 -24.46
C CYS J 134 -50.41 44.38 -24.70
N LEU J 135 -49.87 44.50 -25.91
CA LEU J 135 -48.64 43.80 -26.29
C LEU J 135 -47.45 44.73 -26.43
N LEU J 136 -46.35 44.35 -25.78
CA LEU J 136 -45.06 45.02 -25.97
C LEU J 136 -44.10 44.02 -26.63
N ASN J 137 -43.89 44.17 -27.93
CA ASN J 137 -43.26 43.12 -28.72
C ASN J 137 -41.77 43.35 -29.00
N ASN J 138 -40.94 42.38 -28.59
CA ASN J 138 -39.50 42.37 -28.85
C ASN J 138 -38.77 43.66 -28.51
N PHE J 139 -38.47 43.85 -27.23
CA PHE J 139 -37.74 45.03 -26.80
C PHE J 139 -36.53 44.68 -25.92
N TYR J 140 -35.62 45.63 -25.80
CA TYR J 140 -34.48 45.50 -24.90
C TYR J 140 -34.01 46.89 -24.50
N PRO J 141 -33.73 47.11 -23.20
CA PRO J 141 -33.70 46.13 -22.11
C PRO J 141 -35.09 45.77 -21.58
N ARG J 142 -35.13 44.95 -20.54
CA ARG J 142 -36.38 44.40 -20.05
C ARG J 142 -37.24 45.46 -19.37
N GLU J 143 -36.60 46.39 -18.66
CA GLU J 143 -37.32 47.38 -17.88
C GLU J 143 -38.24 48.22 -18.76
N ALA J 144 -39.54 48.03 -18.55
CA ALA J 144 -40.56 48.79 -19.27
C ALA J 144 -41.69 49.15 -18.31
N LYS J 145 -42.47 50.16 -18.65
CA LYS J 145 -43.58 50.58 -17.81
C LYS J 145 -44.84 50.81 -18.65
N VAL J 146 -45.86 50.00 -18.41
CA VAL J 146 -47.15 50.19 -19.06
C VAL J 146 -48.14 50.82 -18.08
N GLN J 147 -49.01 51.68 -18.59
CA GLN J 147 -50.05 52.26 -17.75
C GLN J 147 -51.35 52.42 -18.52
N TRP J 148 -52.43 51.88 -17.94
CA TRP J 148 -53.76 51.97 -18.54
C TRP J 148 -54.46 53.26 -18.19
N LYS J 149 -55.22 53.80 -19.13
CA LYS J 149 -55.99 55.02 -18.91
C LYS J 149 -57.35 54.93 -19.60
N VAL J 150 -58.39 54.69 -18.80
CA VAL J 150 -59.76 54.63 -19.29
C VAL J 150 -60.39 56.02 -19.21
N ASP J 151 -60.61 56.64 -20.37
CA ASP J 151 -61.01 58.04 -20.47
C ASP J 151 -60.01 58.93 -19.72
N ASN J 152 -58.72 58.66 -19.95
CA ASN J 152 -57.61 59.34 -19.27
C ASN J 152 -57.72 59.30 -17.74
N ALA J 153 -58.41 58.29 -17.21
CA ALA J 153 -58.43 58.04 -15.77
C ALA J 153 -57.42 56.95 -15.43
N LEU J 154 -56.33 57.35 -14.79
CA LEU J 154 -55.21 56.44 -14.49
C LEU J 154 -55.65 55.19 -13.73
N GLN J 155 -55.41 54.03 -14.32
CA GLN J 155 -55.88 52.76 -13.77
C GLN J 155 -54.84 52.12 -12.86
N SER J 156 -55.32 51.49 -11.78
CA SER J 156 -54.44 50.77 -10.85
C SER J 156 -55.18 49.65 -10.12
N GLY J 157 -54.48 48.56 -9.86
CA GLY J 157 -55.00 47.48 -9.04
C GLY J 157 -55.84 46.43 -9.74
N ASN J 158 -56.07 46.60 -11.04
CA ASN J 158 -56.91 45.66 -11.78
C ASN J 158 -56.22 45.02 -12.99
N SER J 159 -54.97 45.39 -13.23
CA SER J 159 -54.22 44.84 -14.35
C SER J 159 -53.02 44.02 -13.90
N GLN J 160 -52.83 42.85 -14.51
CA GLN J 160 -51.66 42.03 -14.24
C GLN J 160 -50.78 41.97 -15.49
N GLU J 161 -49.55 41.49 -15.33
CA GLU J 161 -48.68 41.31 -16.48
C GLU J 161 -47.64 40.20 -16.28
N SER J 162 -47.13 39.70 -17.40
CA SER J 162 -46.04 38.73 -17.38
C SER J 162 -45.05 39.00 -18.51
N VAL J 163 -43.81 38.56 -18.34
CA VAL J 163 -42.76 38.78 -19.33
C VAL J 163 -42.15 37.46 -19.78
N THR J 164 -41.86 37.35 -21.07
CA THR J 164 -41.21 36.15 -21.60
C THR J 164 -39.74 36.14 -21.21
N GLU J 165 -39.10 34.99 -21.32
CA GLU J 165 -37.65 34.90 -21.12
C GLU J 165 -36.94 35.55 -22.30
N GLN J 166 -35.70 35.98 -22.09
CA GLN J 166 -34.90 36.58 -23.16
C GLN J 166 -34.82 35.64 -24.36
N ASP J 167 -35.29 36.12 -25.51
CA ASP J 167 -35.35 35.33 -26.74
C ASP J 167 -33.96 34.78 -27.10
N SER J 168 -33.94 33.61 -27.73
CA SER J 168 -32.68 32.91 -28.00
C SER J 168 -31.95 33.43 -29.25
N LYS J 169 -32.67 34.17 -30.08
CA LYS J 169 -32.10 34.72 -31.30
C LYS J 169 -31.75 36.21 -31.17
N ASP J 170 -32.78 37.04 -31.05
CA ASP J 170 -32.57 38.49 -31.01
C ASP J 170 -32.33 39.03 -29.59
N SER J 171 -32.41 38.14 -28.61
CA SER J 171 -32.17 38.49 -27.21
C SER J 171 -33.08 39.63 -26.72
N THR J 172 -34.35 39.60 -27.13
CA THR J 172 -35.31 40.62 -26.70
C THR J 172 -36.37 40.06 -25.73
N TYR J 173 -37.12 40.97 -25.11
CA TYR J 173 -38.22 40.61 -24.23
C TYR J 173 -39.56 41.01 -24.82
N SER J 174 -40.63 40.37 -24.38
CA SER J 174 -41.98 40.77 -24.74
C SER J 174 -42.87 40.80 -23.49
N LEU J 175 -43.82 41.73 -23.46
CA LEU J 175 -44.64 41.93 -22.28
C LEU J 175 -46.14 41.94 -22.62
N SER J 176 -46.93 41.25 -21.80
CA SER J 176 -48.37 41.22 -21.95
C SER J 176 -49.07 41.78 -20.71
N SER J 177 -49.94 42.76 -20.92
CA SER J 177 -50.64 43.39 -19.81
C SER J 177 -52.15 43.24 -20.01
N THR J 178 -52.82 42.62 -19.05
CA THR J 178 -54.25 42.32 -19.15
C THR J 178 -55.07 43.11 -18.14
N LEU J 179 -55.88 44.04 -18.64
CA LEU J 179 -56.75 44.84 -17.79
C LEU J 179 -58.11 44.20 -17.59
N THR J 180 -58.25 43.44 -16.50
CA THR J 180 -59.53 42.82 -16.17
C THR J 180 -60.54 43.85 -15.68
N LEU J 181 -61.67 43.94 -16.37
CA LEU J 181 -62.80 44.75 -15.93
C LEU J 181 -64.09 43.94 -15.94
N SER J 182 -65.12 44.46 -15.29
CA SER J 182 -66.45 43.84 -15.35
C SER J 182 -67.15 44.37 -16.58
N LYS J 183 -68.17 43.66 -17.05
CA LYS J 183 -69.00 44.17 -18.13
C LYS J 183 -69.58 45.52 -17.74
N ALA J 184 -70.22 45.56 -16.57
CA ALA J 184 -70.80 46.75 -15.96
C ALA J 184 -69.97 48.02 -16.17
N ASP J 185 -68.73 48.00 -15.68
CA ASP J 185 -67.83 49.15 -15.79
C ASP J 185 -67.37 49.45 -17.22
N TYR J 186 -67.40 48.43 -18.08
CA TYR J 186 -66.85 48.55 -19.42
C TYR J 186 -67.63 49.50 -20.33
N GLU J 187 -68.96 49.37 -20.35
CA GLU J 187 -69.77 50.21 -21.23
C GLU J 187 -70.09 51.59 -20.63
N LYS J 188 -69.36 51.97 -19.60
CA LYS J 188 -69.47 53.33 -19.05
C LYS J 188 -68.66 54.31 -19.89
N HIS J 189 -67.47 53.87 -20.28
CA HIS J 189 -66.48 54.75 -20.91
C HIS J 189 -66.25 54.39 -22.38
N LYS J 190 -65.48 55.22 -23.09
CA LYS J 190 -65.23 55.02 -24.51
C LYS J 190 -63.74 54.80 -24.83
N VAL J 191 -62.91 55.72 -24.38
CA VAL J 191 -61.48 55.68 -24.72
C VAL J 191 -60.68 54.78 -23.77
N TYR J 192 -60.21 53.66 -24.31
CA TYR J 192 -59.33 52.76 -23.56
C TYR J 192 -57.92 52.85 -24.11
N ALA J 193 -56.97 53.24 -23.28
CA ALA J 193 -55.60 53.49 -23.74
C ALA J 193 -54.55 52.68 -22.97
N CYS J 194 -53.48 52.34 -23.66
CA CYS J 194 -52.33 51.67 -23.07
C CYS J 194 -51.07 52.48 -23.36
N GLU J 195 -50.48 53.06 -22.32
CA GLU J 195 -49.36 53.97 -22.50
C GLU J 195 -48.05 53.32 -22.08
N VAL J 196 -47.15 53.19 -23.05
CA VAL J 196 -45.87 52.49 -22.84
C VAL J 196 -44.72 53.48 -22.78
N THR J 197 -43.90 53.37 -21.74
CA THR J 197 -42.66 54.14 -21.66
C THR J 197 -41.47 53.18 -21.51
N HIS J 198 -40.43 53.42 -22.30
CA HIS J 198 -39.28 52.52 -22.35
C HIS J 198 -38.07 53.27 -22.91
N GLN J 199 -36.87 52.84 -22.47
CA GLN J 199 -35.60 53.49 -22.83
C GLN J 199 -35.42 53.72 -24.34
N GLY J 200 -35.95 52.82 -25.15
CA GLY J 200 -35.81 52.92 -26.59
C GLY J 200 -36.86 53.82 -27.23
N LEU J 201 -37.58 54.55 -26.39
CA LEU J 201 -38.59 55.50 -26.87
C LEU J 201 -38.29 56.91 -26.41
N SER J 202 -38.30 57.86 -27.35
CA SER J 202 -38.02 59.26 -27.04
C SER J 202 -39.08 59.82 -26.10
N SER J 203 -40.33 59.74 -26.52
CA SER J 203 -41.47 60.10 -25.68
C SER J 203 -42.47 58.94 -25.64
N PRO J 204 -43.19 58.79 -24.51
CA PRO J 204 -44.16 57.71 -24.31
C PRO J 204 -45.09 57.48 -25.51
N VAL J 205 -45.27 56.21 -25.87
CA VAL J 205 -46.13 55.85 -27.01
C VAL J 205 -47.48 55.34 -26.52
N THR J 206 -48.55 55.94 -27.01
CA THR J 206 -49.90 55.59 -26.56
C THR J 206 -50.73 54.96 -27.67
N LYS J 207 -51.13 53.72 -27.45
CA LYS J 207 -52.02 53.02 -28.37
C LYS J 207 -53.39 52.87 -27.73
N SER J 208 -54.45 53.06 -28.51
CA SER J 208 -55.81 53.11 -27.94
C SER J 208 -56.89 52.79 -28.96
N PHE J 209 -58.13 52.71 -28.48
CA PHE J 209 -59.29 52.47 -29.33
C PHE J 209 -60.56 53.04 -28.70
N ASN J 210 -61.49 53.48 -29.55
CA ASN J 210 -62.85 53.81 -29.10
C ASN J 210 -63.77 52.60 -29.23
N ARG J 211 -64.85 52.60 -28.47
CA ARG J 211 -65.77 51.46 -28.49
C ARG J 211 -66.78 51.58 -29.64
N GLY J 212 -66.57 50.77 -30.67
CA GLY J 212 -67.43 50.79 -31.85
C GLY J 212 -67.03 51.87 -32.84
C1 NAG K . 13.83 -57.03 -16.26
C2 NAG K . 14.65 -56.48 -15.08
C3 NAG K . 14.91 -57.59 -14.07
C4 NAG K . 13.61 -58.27 -13.67
C5 NAG K . 12.81 -58.69 -14.90
C6 NAG K . 11.43 -59.22 -14.56
C7 NAG K . 16.17 -54.61 -15.57
C8 NAG K . 17.53 -54.21 -16.08
N2 NAG K . 15.92 -55.92 -15.56
O3 NAG K . 15.54 -57.03 -12.92
O4 NAG K . 13.89 -59.42 -12.88
O5 NAG K . 12.61 -57.57 -15.76
O6 NAG K . 10.58 -59.15 -15.70
O7 NAG K . 15.35 -53.77 -15.21
C1 NAG L . 0.06 4.32 -11.48
C2 NAG L . -0.98 4.00 -12.56
C3 NAG L . -0.93 5.05 -13.67
C4 NAG L . -1.12 6.44 -13.07
C5 NAG L . -0.03 6.67 -12.04
C6 NAG L . -0.17 8.00 -11.35
C7 NAG L . -1.71 1.74 -13.17
C8 NAG L . -3.07 2.14 -12.68
N2 NAG L . -0.76 2.66 -13.10
O3 NAG L . -1.97 4.79 -14.61
O4 NAG L . -1.08 7.45 -14.07
O5 NAG L . -0.12 5.66 -11.02
O6 NAG L . 0.65 8.03 -10.19
O7 NAG L . -1.49 0.61 -13.62
C1 NAG M . -10.05 -37.85 -41.05
C2 NAG M . -9.79 -36.34 -41.09
C3 NAG M . -8.65 -36.02 -42.06
C4 NAG M . -7.43 -36.87 -41.73
C5 NAG M . -7.80 -38.34 -41.65
C6 NAG M . -6.66 -39.23 -41.22
C7 NAG M . -11.61 -34.73 -40.69
C8 NAG M . -12.84 -34.09 -41.25
N2 NAG M . -11.00 -35.62 -41.48
O3 NAG M . -8.32 -34.64 -41.97
O4 NAG M . -6.45 -36.71 -42.76
O5 NAG M . -8.85 -38.52 -40.68
O6 NAG M . -7.14 -40.41 -40.56
O7 NAG M . -11.18 -34.45 -39.57
C1 NAG N . -22.76 -11.04 14.72
C2 NAG N . -22.98 -12.48 15.20
C3 NAG N . -24.27 -12.58 16.02
C4 NAG N . -24.26 -11.55 17.14
C5 NAG N . -23.99 -10.16 16.56
C6 NAG N . -23.88 -9.07 17.60
C7 NAG N . -22.26 -14.48 13.97
C8 NAG N . -21.32 -14.73 15.11
N2 NAG N . -23.03 -13.39 14.06
O3 NAG N . -24.37 -13.89 16.56
O4 NAG N . -25.51 -11.55 17.83
O5 NAG N . -22.76 -10.17 15.83
O6 NAG N . -23.32 -7.89 17.05
O7 NAG N . -22.31 -15.24 13.00
C1 NAG O . -25.13 -57.32 -10.22
C2 NAG O . -25.84 -56.40 -9.23
C3 NAG O . -27.28 -56.16 -9.67
C4 NAG O . -27.31 -55.70 -11.13
C5 NAG O . -26.50 -56.63 -12.03
C6 NAG O . -26.38 -56.15 -13.45
C7 NAG O . -25.29 -56.31 -6.83
C8 NAG O . -25.33 -57.05 -5.53
N2 NAG O . -25.80 -56.96 -7.88
O3 NAG O . -27.89 -55.18 -8.84
O4 NAG O . -28.66 -55.68 -11.60
O5 NAG O . -25.16 -56.75 -11.51
O6 NAG O . -25.18 -56.61 -14.05
O7 NAG O . -24.79 -55.19 -6.94
C1 NAG P . 14.73 -16.38 16.74
C2 NAG P . 15.74 -16.96 15.76
C3 NAG P . 17.06 -17.28 16.47
C4 NAG P . 17.57 -16.05 17.22
C5 NAG P . 16.47 -15.54 18.16
C6 NAG P . 16.87 -14.26 18.87
C7 NAG P . 15.14 -18.31 13.79
C8 NAG P . 15.64 -17.17 12.96
N2 NAG P . 15.21 -18.15 15.12
O3 NAG P . 18.03 -17.69 15.51
O4 NAG P . 18.73 -16.37 17.97
O5 NAG P . 15.29 -15.24 17.40
O6 NAG P . 15.77 -13.73 19.62
O7 NAG P . 14.68 -19.33 13.29
#